data_8JFM
#
_entry.id   8JFM
#
_cell.length_a   71.808
_cell.length_b   110.545
_cell.length_c   142.943
_cell.angle_alpha   90.00
_cell.angle_beta   99.12
_cell.angle_gamma   90.00
#
_symmetry.space_group_name_H-M   'P 1 21 1'
#
loop_
_entity.id
_entity.type
_entity.pdbx_description
1 polymer 'Enoyl-[acyl-carrier-protein] reductase [NADH]'
2 non-polymer NICOTINAMIDE-ADENINE-DINUCLEOTIDE
3 water water
#
_entity_poly.entity_id   1
_entity_poly.type   'polypeptide(L)'
_entity_poly.pdbx_seq_one_letter_code
;MGFLKGKKGLIVGVANNKSIAYGIAQSCFNQGATLAFTYLNESLEKRVRPIAQELNSPYVYELDVSKEEHFKPLYDSVKK
DLGSLDFIVHSVAFAPKEALEGSLLETSKSAFNTAMEISVYSLIELTNTLKPLLNNGASVLTLSYLGSTKYMAHYNVMGL
AKAALESAVRYLAVDLGKHNIRVNALSAGPIRTLASSGIADFRMILKWNEINAPLRKNVSLEEVGNAGMYLLSSLSSGVS
GEVHFVDAGYHVMGMGAVEEKDNKATLLWDLHK
;
_entity_poly.pdbx_strand_id   A,B,C,D,E,F,G,H
#
# COMPACT_ATOMS: atom_id res chain seq x y z
N MET A 1 30.21 -58.40 2.42
CA MET A 1 30.45 -57.43 1.36
C MET A 1 29.18 -57.10 0.57
N GLY A 2 28.27 -58.06 0.42
CA GLY A 2 26.96 -57.77 -0.13
C GLY A 2 26.35 -56.54 0.52
N PHE A 3 26.03 -55.53 -0.28
CA PHE A 3 25.59 -54.25 0.26
C PHE A 3 24.24 -54.33 0.96
N LEU A 4 23.48 -55.42 0.80
CA LEU A 4 22.23 -55.57 1.53
C LEU A 4 22.23 -56.86 2.35
N LYS A 5 23.42 -57.34 2.72
CA LYS A 5 23.53 -58.56 3.50
C LYS A 5 22.74 -58.44 4.79
N GLY A 6 21.86 -59.41 5.03
CA GLY A 6 21.07 -59.42 6.24
C GLY A 6 19.94 -58.42 6.30
N LYS A 7 19.76 -57.58 5.29
CA LYS A 7 18.66 -56.61 5.28
C LYS A 7 17.40 -57.26 4.72
N LYS A 8 16.27 -56.95 5.33
CA LYS A 8 14.98 -57.52 4.95
C LYS A 8 14.17 -56.47 4.19
N GLY A 9 13.64 -56.86 3.04
CA GLY A 9 12.92 -55.93 2.19
C GLY A 9 11.65 -56.55 1.62
N LEU A 10 10.67 -55.69 1.41
CA LEU A 10 9.42 -56.06 0.77
C LEU A 10 9.34 -55.45 -0.62
N ILE A 11 9.03 -56.29 -1.62
CA ILE A 11 8.94 -55.87 -3.01
C ILE A 11 7.47 -55.85 -3.40
N VAL A 12 6.94 -54.67 -3.69
CA VAL A 12 5.56 -54.51 -4.11
C VAL A 12 5.55 -54.16 -5.59
N GLY A 13 5.00 -55.06 -6.41
CA GLY A 13 4.80 -54.75 -7.82
C GLY A 13 5.40 -55.70 -8.84
N VAL A 14 5.88 -56.88 -8.44
CA VAL A 14 6.31 -57.87 -9.42
C VAL A 14 5.09 -58.43 -10.14
N ALA A 15 5.12 -58.42 -11.48
CA ALA A 15 4.09 -59.06 -12.30
C ALA A 15 4.62 -60.19 -13.16
N ASN A 16 5.86 -60.12 -13.61
CA ASN A 16 6.54 -61.21 -14.31
C ASN A 16 8.02 -60.86 -14.30
N ASN A 17 8.81 -61.63 -15.05
CA ASN A 17 10.25 -61.45 -14.98
C ASN A 17 10.74 -60.26 -15.80
N LYS A 18 9.82 -59.45 -16.34
CA LYS A 18 10.19 -58.19 -16.99
C LYS A 18 9.90 -56.98 -16.10
N SER A 19 9.28 -57.19 -14.95
CA SER A 19 8.89 -56.09 -14.08
C SER A 19 10.13 -55.36 -13.57
N ILE A 20 10.04 -54.03 -13.52
CA ILE A 20 11.06 -53.24 -12.83
C ILE A 20 11.24 -53.75 -11.41
N ALA A 21 10.13 -54.06 -10.71
CA ALA A 21 10.25 -54.63 -9.37
C ALA A 21 11.08 -55.91 -9.36
N TYR A 22 11.06 -56.68 -10.44
CA TYR A 22 11.88 -57.89 -10.48
C TYR A 22 13.36 -57.57 -10.68
N GLY A 23 13.66 -56.65 -11.61
CA GLY A 23 15.05 -56.23 -11.78
C GLY A 23 15.64 -55.72 -10.49
N ILE A 24 14.88 -54.91 -9.74
CA ILE A 24 15.37 -54.43 -8.45
C ILE A 24 15.51 -55.57 -7.46
N ALA A 25 14.50 -56.43 -7.36
CA ALA A 25 14.56 -57.56 -6.44
C ALA A 25 15.79 -58.42 -6.72
N GLN A 26 16.06 -58.67 -8.00
CA GLN A 26 17.17 -59.54 -8.38
C GLN A 26 18.51 -58.95 -7.95
N SER A 27 18.73 -57.64 -8.19
CA SER A 27 19.96 -57.00 -7.75
CA SER A 27 19.97 -57.01 -7.75
C SER A 27 20.06 -56.96 -6.24
N CYS A 28 18.94 -56.76 -5.55
CA CYS A 28 18.94 -56.81 -4.09
C CYS A 28 19.31 -58.21 -3.59
N PHE A 29 18.68 -59.24 -4.16
CA PHE A 29 19.02 -60.62 -3.83
C PHE A 29 20.51 -60.87 -4.04
N ASN A 30 21.05 -60.42 -5.18
CA ASN A 30 22.46 -60.60 -5.49
C ASN A 30 23.36 -59.84 -4.52
N GLN A 31 22.82 -58.86 -3.81
CA GLN A 31 23.58 -58.16 -2.78
C GLN A 31 23.26 -58.68 -1.39
N GLY A 32 22.59 -59.83 -1.29
CA GLY A 32 22.40 -60.53 -0.04
C GLY A 32 21.11 -60.27 0.71
N ALA A 33 20.15 -59.57 0.11
CA ALA A 33 18.93 -59.22 0.82
C ALA A 33 18.04 -60.43 1.04
N THR A 34 17.31 -60.41 2.15
CA THR A 34 16.19 -61.31 2.40
C THR A 34 14.92 -60.62 1.96
N LEU A 35 14.14 -61.26 1.10
CA LEU A 35 13.05 -60.60 0.41
C LEU A 35 11.71 -61.24 0.75
N ALA A 36 10.67 -60.41 0.70
CA ALA A 36 9.28 -60.83 0.60
C ALA A 36 8.64 -60.12 -0.59
N PHE A 37 7.56 -60.69 -1.11
CA PHE A 37 6.92 -60.18 -2.31
C PHE A 37 5.42 -60.11 -2.12
N THR A 38 4.78 -59.16 -2.81
CA THR A 38 3.33 -59.11 -2.85
C THR A 38 2.84 -59.38 -4.27
N TYR A 39 1.57 -59.74 -4.37
CA TYR A 39 0.96 -59.98 -5.66
C TYR A 39 -0.43 -59.36 -5.65
N LEU A 40 -0.88 -58.95 -6.84
CA LEU A 40 -2.15 -58.23 -6.93
C LEU A 40 -3.33 -59.18 -6.71
N ASN A 41 -3.30 -60.33 -7.37
CA ASN A 41 -4.40 -61.29 -7.27
C ASN A 41 -3.85 -62.68 -7.59
N GLU A 42 -4.75 -63.67 -7.58
CA GLU A 42 -4.31 -65.05 -7.70
C GLU A 42 -3.73 -65.32 -9.08
N SER A 43 -4.26 -64.67 -10.12
CA SER A 43 -3.64 -64.74 -11.44
C SER A 43 -2.18 -64.32 -11.37
N LEU A 44 -1.88 -63.18 -10.72
CA LEU A 44 -0.49 -62.73 -10.68
C LEU A 44 0.35 -63.55 -9.73
N GLU A 45 -0.28 -64.14 -8.69
CA GLU A 45 0.43 -65.06 -7.81
C GLU A 45 1.09 -66.19 -8.58
N LYS A 46 0.46 -66.66 -9.67
CA LYS A 46 1.05 -67.74 -10.44
C LYS A 46 2.41 -67.37 -11.04
N ARG A 47 2.65 -66.08 -11.32
CA ARG A 47 3.98 -65.62 -11.72
C ARG A 47 4.84 -65.14 -10.56
N VAL A 48 4.26 -64.57 -9.52
CA VAL A 48 5.09 -64.03 -8.44
C VAL A 48 5.74 -65.17 -7.65
N ARG A 49 5.02 -66.28 -7.43
CA ARG A 49 5.55 -67.36 -6.60
C ARG A 49 6.83 -67.97 -7.16
N PRO A 50 6.91 -68.40 -8.43
CA PRO A 50 8.20 -68.92 -8.92
C PRO A 50 9.31 -67.88 -8.89
N ILE A 51 8.98 -66.60 -9.13
CA ILE A 51 10.01 -65.57 -9.02
C ILE A 51 10.51 -65.49 -7.59
N ALA A 52 9.59 -65.43 -6.63
CA ALA A 52 9.97 -65.39 -5.23
C ALA A 52 10.88 -66.55 -4.86
N GLN A 53 10.49 -67.78 -5.23
CA GLN A 53 11.33 -68.95 -4.97
C GLN A 53 12.70 -68.78 -5.62
N GLU A 54 12.72 -68.37 -6.89
CA GLU A 54 13.96 -68.12 -7.59
C GLU A 54 14.90 -67.23 -6.79
N LEU A 55 14.34 -66.22 -6.11
CA LEU A 55 15.14 -65.32 -5.29
C LEU A 55 15.08 -65.70 -3.81
N ASN A 56 14.89 -66.99 -3.53
CA ASN A 56 15.11 -67.54 -2.19
C ASN A 56 14.08 -67.06 -1.18
N SER A 57 12.86 -66.73 -1.62
CA SER A 57 11.87 -66.15 -0.73
C SER A 57 10.63 -67.03 -0.65
N PRO A 58 10.26 -67.48 0.54
CA PRO A 58 8.94 -68.13 0.73
C PRO A 58 7.87 -67.18 1.26
N TYR A 59 8.13 -65.88 1.32
CA TYR A 59 7.19 -64.94 1.90
C TYR A 59 6.51 -64.19 0.75
N VAL A 60 5.27 -64.56 0.47
CA VAL A 60 4.50 -64.04 -0.66
C VAL A 60 3.09 -63.74 -0.17
N TYR A 61 2.70 -62.46 -0.22
CA TYR A 61 1.42 -62.01 0.31
C TYR A 61 0.59 -61.31 -0.77
N GLU A 62 -0.73 -61.36 -0.61
CA GLU A 62 -1.62 -60.64 -1.49
C GLU A 62 -1.70 -59.16 -1.11
N LEU A 63 -1.61 -58.27 -2.10
CA LEU A 63 -1.83 -56.85 -1.82
C LEU A 63 -2.40 -56.17 -3.06
N ASP A 64 -3.70 -55.87 -3.01
CA ASP A 64 -4.34 -54.95 -3.95
C ASP A 64 -4.42 -53.61 -3.25
N VAL A 65 -3.61 -52.64 -3.68
CA VAL A 65 -3.52 -51.36 -2.99
C VAL A 65 -4.84 -50.58 -2.98
N SER A 66 -5.80 -50.95 -3.82
CA SER A 66 -7.10 -50.31 -3.78
C SER A 66 -8.02 -50.87 -2.71
N LYS A 67 -7.63 -51.93 -2.00
CA LYS A 67 -8.48 -52.51 -0.97
C LYS A 67 -7.85 -52.30 0.41
N GLU A 68 -8.39 -51.34 1.17
CA GLU A 68 -7.88 -51.05 2.50
C GLU A 68 -7.74 -52.31 3.35
N GLU A 69 -8.70 -53.25 3.23
CA GLU A 69 -8.72 -54.43 4.10
C GLU A 69 -7.50 -55.34 3.92
N HIS A 70 -6.71 -55.13 2.86
CA HIS A 70 -5.50 -55.91 2.65
C HIS A 70 -4.30 -55.43 3.48
N PHE A 71 -4.36 -54.22 4.07
CA PHE A 71 -3.15 -53.60 4.59
C PHE A 71 -2.82 -54.09 6.00
N LYS A 72 -3.78 -54.23 6.90
CA LYS A 72 -3.43 -54.81 8.20
C LYS A 72 -2.95 -56.25 8.08
N PRO A 73 -3.61 -57.15 7.33
CA PRO A 73 -3.03 -58.49 7.19
C PRO A 73 -1.63 -58.45 6.61
N LEU A 74 -1.37 -57.54 5.67
CA LEU A 74 -0.02 -57.39 5.14
C LEU A 74 0.95 -57.06 6.27
N TYR A 75 0.60 -56.05 7.09
CA TYR A 75 1.40 -55.73 8.27
C TYR A 75 1.60 -56.94 9.17
N ASP A 76 0.54 -57.73 9.40
CA ASP A 76 0.64 -58.89 10.29
C ASP A 76 1.54 -59.97 9.71
N SER A 77 1.40 -60.23 8.40
CA SER A 77 2.24 -61.21 7.73
C SER A 77 3.71 -60.86 7.83
N VAL A 78 4.06 -59.63 7.42
CA VAL A 78 5.44 -59.18 7.46
C VAL A 78 5.98 -59.27 8.89
N LYS A 79 5.21 -58.77 9.86
CA LYS A 79 5.63 -58.82 11.26
C LYS A 79 5.92 -60.26 11.69
N LYS A 80 5.03 -61.18 11.34
CA LYS A 80 5.17 -62.57 11.77
C LYS A 80 6.34 -63.24 11.07
N ASP A 81 6.54 -62.94 9.78
CA ASP A 81 7.56 -63.63 8.99
C ASP A 81 8.94 -63.04 9.17
N LEU A 82 9.05 -61.71 9.04
CA LEU A 82 10.33 -61.03 8.99
C LEU A 82 10.67 -60.24 10.25
N GLY A 83 9.68 -59.92 11.06
CA GLY A 83 9.93 -59.17 12.29
C GLY A 83 9.99 -57.66 12.09
N SER A 84 10.76 -57.22 11.09
CA SER A 84 10.95 -55.82 10.81
C SER A 84 11.45 -55.71 9.37
N LEU A 85 11.47 -54.48 8.86
CA LEU A 85 11.83 -54.22 7.47
C LEU A 85 12.96 -53.20 7.38
N ASP A 86 13.94 -53.48 6.51
CA ASP A 86 15.00 -52.52 6.25
C ASP A 86 14.81 -51.76 4.96
N PHE A 87 13.91 -52.20 4.08
CA PHE A 87 13.58 -51.43 2.90
C PHE A 87 12.24 -51.89 2.35
N ILE A 88 11.65 -51.02 1.52
CA ILE A 88 10.42 -51.27 0.79
C ILE A 88 10.64 -50.80 -0.65
N VAL A 89 10.17 -51.58 -1.62
CA VAL A 89 10.14 -51.15 -3.02
C VAL A 89 8.68 -51.01 -3.43
N HIS A 90 8.27 -49.78 -3.77
CA HIS A 90 6.91 -49.48 -4.20
C HIS A 90 6.96 -49.28 -5.71
N SER A 91 6.54 -50.31 -6.47
CA SER A 91 6.71 -50.35 -7.92
C SER A 91 5.36 -50.68 -8.57
N VAL A 92 4.42 -49.75 -8.42
CA VAL A 92 3.00 -49.96 -8.69
C VAL A 92 2.42 -48.68 -9.28
N ALA A 93 1.64 -48.82 -10.36
CA ALA A 93 0.89 -47.70 -10.91
C ALA A 93 -0.16 -48.25 -11.87
N PHE A 94 -1.19 -47.44 -12.12
CA PHE A 94 -2.25 -47.82 -13.05
C PHE A 94 -3.05 -46.60 -13.43
N ALA A 95 -3.47 -46.56 -14.70
CA ALA A 95 -4.40 -45.59 -15.24
C ALA A 95 -5.17 -46.37 -16.29
N PRO A 96 -6.47 -46.13 -16.44
CA PRO A 96 -7.21 -46.78 -17.54
C PRO A 96 -6.59 -46.43 -18.87
N LYS A 97 -6.55 -47.42 -19.76
CA LYS A 97 -5.96 -47.25 -21.09
C LYS A 97 -6.51 -46.03 -21.80
N GLU A 98 -7.81 -45.76 -21.66
CA GLU A 98 -8.45 -44.56 -22.20
C GLU A 98 -7.63 -43.30 -21.92
N ALA A 99 -7.19 -43.18 -20.67
CA ALA A 99 -6.58 -41.95 -20.19
C ALA A 99 -5.19 -41.73 -20.77
N LEU A 100 -4.47 -42.81 -21.12
CA LEU A 100 -3.16 -42.65 -21.71
C LEU A 100 -3.21 -42.56 -23.23
N GLU A 101 -4.39 -42.35 -23.80
CA GLU A 101 -4.59 -41.97 -25.18
C GLU A 101 -5.23 -40.58 -25.21
N GLY A 102 -5.14 -39.92 -26.36
CA GLY A 102 -5.80 -38.63 -26.49
C GLY A 102 -5.26 -37.59 -25.51
N SER A 103 -6.11 -36.63 -25.18
CA SER A 103 -5.64 -35.49 -24.41
C SER A 103 -5.89 -35.68 -22.91
N LEU A 104 -5.13 -34.93 -22.11
CA LEU A 104 -5.49 -34.79 -20.72
C LEU A 104 -6.87 -34.15 -20.56
N LEU A 105 -7.22 -33.22 -21.46
CA LEU A 105 -8.49 -32.51 -21.37
C LEU A 105 -9.68 -33.46 -21.20
N GLU A 106 -9.68 -34.57 -21.91
CA GLU A 106 -10.85 -35.47 -21.89
C GLU A 106 -10.76 -36.54 -20.81
N THR A 107 -9.82 -36.44 -19.86
CA THR A 107 -9.77 -37.38 -18.75
C THR A 107 -11.04 -37.29 -17.90
N SER A 108 -11.65 -38.44 -17.67
CA SER A 108 -12.78 -38.55 -16.76
C SER A 108 -12.35 -38.39 -15.30
N LYS A 109 -13.30 -38.02 -14.45
CA LYS A 109 -13.00 -37.90 -13.03
C LYS A 109 -12.67 -39.25 -12.39
N SER A 110 -13.36 -40.33 -12.81
CA SER A 110 -13.08 -41.64 -12.22
C SER A 110 -11.69 -42.14 -12.62
N ALA A 111 -11.31 -41.97 -13.89
CA ALA A 111 -9.95 -42.33 -14.32
C ALA A 111 -8.89 -41.54 -13.55
N PHE A 112 -9.14 -40.25 -13.34
CA PHE A 112 -8.20 -39.42 -12.59
C PHE A 112 -8.03 -39.94 -11.17
N ASN A 113 -9.13 -40.20 -10.47
CA ASN A 113 -9.05 -40.70 -9.10
C ASN A 113 -8.35 -42.06 -9.05
N THR A 114 -8.70 -42.96 -9.97
CA THR A 114 -8.04 -44.25 -10.06
C THR A 114 -6.53 -44.09 -10.22
N ALA A 115 -6.12 -43.25 -11.17
CA ALA A 115 -4.69 -43.05 -11.41
C ALA A 115 -4.01 -42.52 -10.15
N MET A 116 -4.61 -41.52 -9.51
CA MET A 116 -3.98 -40.92 -8.33
C MET A 116 -3.94 -41.90 -7.16
N GLU A 117 -5.02 -42.66 -6.95
CA GLU A 117 -5.09 -43.57 -5.82
C GLU A 117 -4.10 -44.71 -5.97
N ILE A 118 -4.06 -45.34 -7.14
CA ILE A 118 -3.21 -46.51 -7.30
C ILE A 118 -1.74 -46.12 -7.33
N SER A 119 -1.43 -44.98 -7.98
CA SER A 119 -0.05 -44.65 -8.30
C SER A 119 0.61 -43.79 -7.23
N VAL A 120 -0.18 -43.07 -6.44
CA VAL A 120 0.37 -42.10 -5.48
C VAL A 120 -0.06 -42.42 -4.05
N TYR A 121 -1.37 -42.44 -3.80
CA TYR A 121 -1.84 -42.66 -2.43
C TYR A 121 -1.44 -44.03 -1.91
N SER A 122 -1.33 -45.03 -2.80
CA SER A 122 -0.85 -46.34 -2.38
C SER A 122 0.50 -46.25 -1.68
N LEU A 123 1.37 -45.32 -2.09
CA LEU A 123 2.65 -45.19 -1.42
C LEU A 123 2.47 -44.64 0.00
N ILE A 124 1.57 -43.67 0.17
CA ILE A 124 1.28 -43.16 1.50
C ILE A 124 0.72 -44.28 2.39
N GLU A 125 -0.23 -45.04 1.87
CA GLU A 125 -0.90 -46.04 2.70
C GLU A 125 0.02 -47.22 3.00
N LEU A 126 0.76 -47.68 1.99
CA LEU A 126 1.74 -48.74 2.18
C LEU A 126 2.78 -48.34 3.24
N THR A 127 3.34 -47.14 3.11
CA THR A 127 4.37 -46.72 4.04
C THR A 127 3.81 -46.49 5.43
N ASN A 128 2.61 -45.91 5.52
CA ASN A 128 2.03 -45.69 6.83
C ASN A 128 1.72 -47.00 7.53
N THR A 129 1.29 -48.01 6.77
CA THR A 129 0.99 -49.32 7.36
C THR A 129 2.23 -49.97 7.95
N LEU A 130 3.33 -50.00 7.18
CA LEU A 130 4.54 -50.74 7.55
C LEU A 130 5.44 -49.92 8.46
N LYS A 131 5.12 -48.65 8.57
CA LYS A 131 6.01 -47.73 9.26
C LYS A 131 6.42 -48.19 10.66
N PRO A 132 5.55 -48.77 11.49
CA PRO A 132 6.03 -49.25 12.79
C PRO A 132 7.02 -50.42 12.70
N LEU A 133 7.17 -51.06 11.53
CA LEU A 133 8.12 -52.16 11.37
C LEU A 133 9.46 -51.70 10.84
N LEU A 134 9.57 -50.46 10.37
CA LEU A 134 10.77 -50.01 9.70
C LEU A 134 11.90 -49.84 10.71
N ASN A 135 13.05 -50.42 10.42
CA ASN A 135 14.19 -50.23 11.28
C ASN A 135 14.83 -48.86 11.05
N ASN A 136 15.57 -48.40 12.04
CA ASN A 136 16.45 -47.25 11.85
C ASN A 136 17.32 -47.48 10.62
N GLY A 137 17.44 -46.46 9.78
CA GLY A 137 18.21 -46.62 8.57
C GLY A 137 17.46 -47.18 7.38
N ALA A 138 16.17 -47.48 7.50
CA ALA A 138 15.47 -48.12 6.40
C ALA A 138 15.31 -47.17 5.20
N SER A 139 15.08 -47.75 4.03
CA SER A 139 15.03 -47.02 2.77
C SER A 139 13.78 -47.41 1.99
N VAL A 140 12.97 -46.41 1.63
CA VAL A 140 11.74 -46.61 0.85
C VAL A 140 11.95 -46.06 -0.56
N LEU A 141 11.68 -46.88 -1.57
CA LEU A 141 11.91 -46.50 -2.97
C LEU A 141 10.64 -46.66 -3.78
N THR A 142 10.29 -45.63 -4.53
CA THR A 142 9.23 -45.70 -5.52
C THR A 142 9.83 -45.43 -6.92
N LEU A 143 9.00 -45.62 -7.95
CA LEU A 143 9.43 -45.48 -9.33
C LEU A 143 8.68 -44.33 -9.99
N SER A 144 9.40 -43.48 -10.73
CA SER A 144 8.76 -42.39 -11.45
C SER A 144 9.23 -42.32 -12.89
N TYR A 145 8.82 -41.27 -13.60
CA TYR A 145 9.10 -41.11 -15.02
C TYR A 145 9.17 -39.63 -15.34
N LEU A 146 10.00 -39.27 -16.32
CA LEU A 146 10.22 -37.88 -16.70
C LEU A 146 8.92 -37.18 -17.07
N GLY A 147 7.89 -37.91 -17.52
CA GLY A 147 6.60 -37.30 -17.78
C GLY A 147 5.99 -36.54 -16.61
N SER A 148 6.54 -36.72 -15.40
CA SER A 148 6.15 -35.89 -14.25
C SER A 148 6.43 -34.41 -14.51
N THR A 149 7.64 -34.10 -14.95
CA THR A 149 8.09 -32.71 -14.99
C THR A 149 8.27 -32.16 -16.41
N LYS A 150 8.11 -32.99 -17.44
CA LYS A 150 8.12 -32.57 -18.84
C LYS A 150 6.97 -33.25 -19.55
N TYR A 151 6.48 -32.62 -20.61
CA TYR A 151 5.50 -33.27 -21.47
C TYR A 151 6.11 -34.49 -22.15
N MET A 152 5.42 -35.62 -22.08
CA MET A 152 5.82 -36.82 -22.81
C MET A 152 4.57 -37.34 -23.48
N ALA A 153 4.70 -37.81 -24.72
CA ALA A 153 3.54 -38.05 -25.57
C ALA A 153 2.50 -38.91 -24.86
N HIS A 154 1.34 -38.30 -24.63
CA HIS A 154 0.11 -38.92 -24.18
C HIS A 154 0.22 -39.55 -22.79
N TYR A 155 1.29 -39.26 -22.06
CA TYR A 155 1.39 -39.76 -20.69
C TYR A 155 0.26 -39.22 -19.83
N ASN A 156 -0.16 -37.98 -20.09
CA ASN A 156 -1.41 -37.38 -19.61
C ASN A 156 -1.58 -37.53 -18.11
N VAL A 157 -2.65 -38.19 -17.65
CA VAL A 157 -2.92 -38.18 -16.23
C VAL A 157 -1.80 -38.84 -15.45
N MET A 158 -1.03 -39.74 -16.09
CA MET A 158 0.05 -40.39 -15.35
C MET A 158 1.20 -39.42 -15.10
N GLY A 159 1.36 -38.42 -15.98
CA GLY A 159 2.31 -37.36 -15.70
C GLY A 159 1.97 -36.57 -14.45
N LEU A 160 0.66 -36.31 -14.26
CA LEU A 160 0.18 -35.64 -13.05
C LEU A 160 0.42 -36.50 -11.82
N ALA A 161 0.13 -37.80 -11.93
CA ALA A 161 0.36 -38.74 -10.84
C ALA A 161 1.84 -38.77 -10.46
N LYS A 162 2.73 -38.91 -11.45
CA LYS A 162 4.15 -39.00 -11.13
C LYS A 162 4.67 -37.70 -10.53
N ALA A 163 4.15 -36.55 -11.00
CA ALA A 163 4.52 -35.29 -10.35
C ALA A 163 4.17 -35.32 -8.86
N ALA A 164 2.93 -35.67 -8.52
CA ALA A 164 2.53 -35.77 -7.12
C ALA A 164 3.33 -36.83 -6.37
N LEU A 165 3.71 -37.91 -7.05
CA LEU A 165 4.50 -38.95 -6.41
C LEU A 165 5.88 -38.43 -6.02
N GLU A 166 6.55 -37.73 -6.94
CA GLU A 166 7.84 -37.13 -6.60
C GLU A 166 7.69 -36.11 -5.47
N SER A 167 6.58 -35.36 -5.46
CA SER A 167 6.34 -34.46 -4.33
C SER A 167 6.14 -35.24 -3.03
N ALA A 168 5.39 -36.35 -3.10
CA ALA A 168 5.21 -37.20 -1.91
C ALA A 168 6.56 -37.68 -1.37
N VAL A 169 7.49 -38.01 -2.27
CA VAL A 169 8.82 -38.46 -1.85
C VAL A 169 9.51 -37.40 -1.01
N ARG A 170 9.40 -36.13 -1.41
CA ARG A 170 10.03 -35.07 -0.63
C ARG A 170 9.37 -34.96 0.74
N TYR A 171 8.03 -34.93 0.79
CA TYR A 171 7.36 -34.81 2.09
C TYR A 171 7.62 -36.02 2.98
N LEU A 172 7.54 -37.24 2.43
CA LEU A 172 7.79 -38.43 3.25
C LEU A 172 9.23 -38.49 3.72
N ALA A 173 10.18 -38.03 2.89
CA ALA A 173 11.57 -37.98 3.33
C ALA A 173 11.74 -37.07 4.54
N VAL A 174 10.99 -35.97 4.59
CA VAL A 174 11.02 -35.11 5.78
C VAL A 174 10.35 -35.81 6.96
N ASP A 175 9.16 -36.38 6.73
CA ASP A 175 8.44 -37.05 7.81
C ASP A 175 9.27 -38.17 8.42
N LEU A 176 9.86 -39.00 7.56
CA LEU A 176 10.55 -40.20 8.03
C LEU A 176 12.02 -39.96 8.36
N GLY A 177 12.61 -38.87 7.88
CA GLY A 177 14.01 -38.60 8.14
C GLY A 177 14.33 -38.40 9.59
N LYS A 178 13.35 -37.99 10.41
CA LYS A 178 13.50 -37.90 11.86
C LYS A 178 13.92 -39.23 12.47
N HIS A 179 13.57 -40.34 11.81
CA HIS A 179 13.92 -41.67 12.28
C HIS A 179 15.04 -42.29 11.46
N ASN A 180 15.80 -41.46 10.75
CA ASN A 180 16.90 -41.94 9.92
C ASN A 180 16.39 -42.91 8.86
N ILE A 181 15.19 -42.67 8.36
CA ILE A 181 14.60 -43.44 7.28
C ILE A 181 14.64 -42.59 6.02
N ARG A 182 15.06 -43.18 4.90
CA ARG A 182 15.22 -42.49 3.63
C ARG A 182 14.12 -42.86 2.66
N VAL A 183 13.76 -41.89 1.81
CA VAL A 183 12.69 -42.03 0.81
C VAL A 183 13.17 -41.41 -0.51
N ASN A 184 13.20 -42.20 -1.59
CA ASN A 184 13.69 -41.72 -2.88
C ASN A 184 12.76 -42.19 -4.00
N ALA A 185 12.93 -41.59 -5.18
CA ALA A 185 12.27 -42.06 -6.39
C ALA A 185 13.32 -42.38 -7.44
N LEU A 186 13.18 -43.55 -8.05
CA LEU A 186 13.99 -43.92 -9.23
C LEU A 186 13.17 -43.56 -10.46
N SER A 187 13.71 -42.66 -11.29
CA SER A 187 13.03 -42.25 -12.52
C SER A 187 13.69 -42.99 -13.68
N ALA A 188 13.00 -43.99 -14.21
CA ALA A 188 13.58 -44.86 -15.22
C ALA A 188 13.21 -44.35 -16.60
N GLY A 189 14.09 -44.62 -17.57
CA GLY A 189 13.70 -44.46 -18.95
C GLY A 189 12.65 -45.50 -19.29
N PRO A 190 12.04 -45.38 -20.46
CA PRO A 190 11.08 -46.41 -20.90
C PRO A 190 11.78 -47.75 -21.05
N ILE A 191 11.04 -48.81 -20.70
CA ILE A 191 11.45 -50.21 -20.81
C ILE A 191 10.18 -51.05 -20.97
N ARG A 192 10.22 -52.10 -21.84
CA ARG A 192 9.00 -52.89 -22.10
C ARG A 192 8.68 -53.68 -20.86
N THR A 193 7.52 -53.44 -20.30
CA THR A 193 6.98 -54.22 -19.21
C THR A 193 5.54 -54.54 -19.58
N LEU A 194 4.92 -55.44 -18.81
CA LEU A 194 3.51 -55.73 -19.01
C LEU A 194 2.69 -54.44 -19.02
N ALA A 195 3.00 -53.52 -18.10
CA ALA A 195 2.26 -52.25 -18.06
C ALA A 195 2.62 -51.35 -19.24
N SER A 196 3.88 -51.38 -19.72
CA SER A 196 4.26 -50.69 -20.95
C SER A 196 3.41 -51.13 -22.13
N SER A 197 3.12 -52.43 -22.19
CA SER A 197 2.49 -53.04 -23.36
C SER A 197 1.08 -52.53 -23.57
N GLY A 198 0.42 -52.10 -22.51
CA GLY A 198 -0.94 -51.62 -22.63
C GLY A 198 -1.05 -50.33 -23.41
N ILE A 199 0.01 -49.51 -23.40
CA ILE A 199 0.00 -48.23 -24.09
C ILE A 199 0.26 -48.46 -25.58
N ALA A 200 -0.66 -48.00 -26.42
CA ALA A 200 -0.47 -48.10 -27.86
C ALA A 200 0.56 -47.10 -28.38
N ASP A 201 1.02 -46.20 -27.52
CA ASP A 201 1.88 -45.10 -27.91
C ASP A 201 3.36 -45.39 -27.63
N PHE A 202 3.67 -46.63 -27.24
CA PHE A 202 4.86 -46.92 -26.46
C PHE A 202 6.09 -47.27 -27.29
N ARG A 203 5.94 -48.07 -28.34
CA ARG A 203 7.09 -48.43 -29.18
C ARG A 203 7.78 -47.19 -29.70
N MET A 204 7.02 -46.12 -29.94
CA MET A 204 7.59 -44.90 -30.47
C MET A 204 8.37 -44.16 -29.38
N ILE A 205 7.78 -44.02 -28.19
CA ILE A 205 8.50 -43.38 -27.10
C ILE A 205 9.80 -44.13 -26.78
N LEU A 206 9.75 -45.47 -26.80
CA LEU A 206 10.96 -46.27 -26.62
C LEU A 206 12.00 -45.94 -27.68
N LYS A 207 11.62 -46.02 -28.96
CA LYS A 207 12.57 -45.74 -30.05
C LYS A 207 13.09 -44.31 -29.99
N TRP A 208 12.24 -43.35 -29.58
CA TRP A 208 12.69 -41.96 -29.51
C TRP A 208 13.77 -41.78 -28.44
N ASN A 209 13.53 -42.33 -27.25
CA ASN A 209 14.57 -42.47 -26.21
C ASN A 209 15.84 -43.14 -26.70
N GLU A 210 15.72 -44.28 -27.37
CA GLU A 210 16.94 -44.98 -27.81
C GLU A 210 17.78 -44.12 -28.76
N ILE A 211 17.14 -43.49 -29.74
CA ILE A 211 17.87 -42.72 -30.74
C ILE A 211 18.47 -41.45 -30.13
N ASN A 212 17.75 -40.81 -29.22
CA ASN A 212 18.09 -39.45 -28.80
C ASN A 212 18.82 -39.38 -27.48
N ALA A 213 18.96 -40.49 -26.78
CA ALA A 213 19.62 -40.46 -25.48
C ALA A 213 21.12 -40.27 -25.66
N PRO A 214 21.78 -39.60 -24.71
CA PRO A 214 23.25 -39.48 -24.77
C PRO A 214 23.98 -40.79 -25.04
N LEU A 215 23.58 -41.90 -24.40
CA LEU A 215 24.26 -43.17 -24.61
C LEU A 215 23.70 -43.98 -25.78
N ARG A 216 22.70 -43.45 -26.49
CA ARG A 216 22.18 -44.05 -27.72
C ARG A 216 21.74 -45.51 -27.52
N LYS A 217 21.06 -45.76 -26.42
CA LYS A 217 20.58 -47.08 -26.03
C LYS A 217 19.41 -46.90 -25.07
N ASN A 218 18.50 -47.87 -25.07
CA ASN A 218 17.54 -47.95 -23.99
C ASN A 218 18.22 -48.55 -22.76
N VAL A 219 17.72 -48.19 -21.58
CA VAL A 219 18.25 -48.80 -20.36
C VAL A 219 17.79 -50.25 -20.25
N SER A 220 18.63 -51.07 -19.65
CA SER A 220 18.30 -52.47 -19.43
C SER A 220 17.62 -52.63 -18.09
N LEU A 221 16.92 -53.75 -17.93
CA LEU A 221 16.34 -54.05 -16.62
C LEU A 221 17.42 -54.11 -15.55
N GLU A 222 18.61 -54.61 -15.89
CA GLU A 222 19.68 -54.72 -14.91
C GLU A 222 20.16 -53.35 -14.44
N GLU A 223 20.20 -52.38 -15.36
CA GLU A 223 20.62 -51.03 -14.97
C GLU A 223 19.60 -50.37 -14.06
N VAL A 224 18.31 -50.50 -14.38
CA VAL A 224 17.27 -50.06 -13.45
C VAL A 224 17.38 -50.80 -12.12
N GLY A 225 17.59 -52.11 -12.17
CA GLY A 225 17.67 -52.88 -10.94
C GLY A 225 18.84 -52.46 -10.07
N ASN A 226 20.01 -52.22 -10.68
CA ASN A 226 21.20 -51.90 -9.91
C ASN A 226 21.09 -50.51 -9.28
N ALA A 227 20.52 -49.55 -10.01
CA ALA A 227 20.28 -48.24 -9.43
C ALA A 227 19.34 -48.33 -8.24
N GLY A 228 18.29 -49.15 -8.35
CA GLY A 228 17.37 -49.32 -7.24
C GLY A 228 18.05 -49.90 -6.02
N MET A 229 18.82 -50.97 -6.22
CA MET A 229 19.56 -51.60 -5.13
C MET A 229 20.46 -50.59 -4.45
N TYR A 230 21.17 -49.77 -5.24
CA TYR A 230 21.96 -48.67 -4.68
C TYR A 230 21.12 -47.81 -3.75
N LEU A 231 19.98 -47.32 -4.23
CA LEU A 231 19.17 -46.40 -3.44
C LEU A 231 18.65 -47.08 -2.18
N LEU A 232 18.47 -48.41 -2.23
CA LEU A 232 17.97 -49.18 -1.11
C LEU A 232 19.04 -49.61 -0.13
N SER A 233 20.30 -49.63 -0.57
CA SER A 233 21.41 -50.04 0.27
C SER A 233 22.00 -48.86 1.03
N SER A 234 22.81 -49.17 2.04
CA SER A 234 23.45 -48.15 2.86
C SER A 234 24.53 -47.37 2.11
N LEU A 235 24.94 -47.83 0.93
CA LEU A 235 25.82 -47.05 0.08
C LEU A 235 25.26 -45.65 -0.18
N SER A 236 23.94 -45.52 -0.18
CA SER A 236 23.26 -44.27 -0.49
C SER A 236 22.66 -43.65 0.77
N SER A 237 23.25 -43.93 1.94
CA SER A 237 22.71 -43.43 3.20
C SER A 237 22.84 -41.93 3.36
N GLY A 238 23.52 -41.24 2.45
CA GLY A 238 23.48 -39.80 2.43
C GLY A 238 22.45 -39.22 1.50
N VAL A 239 21.65 -40.07 0.84
CA VAL A 239 20.75 -39.67 -0.24
C VAL A 239 19.31 -39.85 0.23
N SER A 240 18.55 -38.77 0.27
CA SER A 240 17.12 -38.88 0.52
C SER A 240 16.39 -37.76 -0.21
N GLY A 241 15.12 -38.00 -0.50
CA GLY A 241 14.34 -37.02 -1.24
C GLY A 241 14.74 -36.86 -2.68
N GLU A 242 15.53 -37.79 -3.22
CA GLU A 242 16.09 -37.63 -4.55
C GLU A 242 15.20 -38.27 -5.61
N VAL A 243 15.08 -37.60 -6.76
CA VAL A 243 14.55 -38.21 -7.97
C VAL A 243 15.76 -38.60 -8.83
N HIS A 244 16.05 -39.91 -8.93
CA HIS A 244 17.29 -40.41 -9.52
C HIS A 244 17.02 -40.95 -10.92
N PHE A 245 17.56 -40.29 -11.95
CA PHE A 245 17.32 -40.70 -13.34
C PHE A 245 18.25 -41.85 -13.71
N VAL A 246 17.65 -42.95 -14.19
CA VAL A 246 18.34 -44.09 -14.77
C VAL A 246 17.77 -44.27 -16.16
N ASP A 247 18.29 -43.52 -17.12
CA ASP A 247 17.59 -43.36 -18.39
C ASP A 247 18.56 -43.13 -19.54
N ALA A 248 19.79 -43.64 -19.43
CA ALA A 248 20.80 -43.47 -20.46
C ALA A 248 21.08 -42.00 -20.76
N GLY A 249 20.81 -41.13 -19.77
CA GLY A 249 21.08 -39.72 -19.90
C GLY A 249 19.99 -38.92 -20.57
N TYR A 250 18.87 -39.55 -20.97
CA TYR A 250 17.86 -38.86 -21.77
C TYR A 250 17.41 -37.54 -21.13
N HIS A 251 17.32 -37.49 -19.80
CA HIS A 251 16.71 -36.33 -19.13
C HIS A 251 17.43 -35.01 -19.44
N VAL A 252 18.70 -35.06 -19.86
CA VAL A 252 19.41 -33.79 -20.10
C VAL A 252 19.03 -33.13 -21.42
N MET A 253 18.27 -33.80 -22.28
CA MET A 253 18.16 -33.36 -23.67
C MET A 253 17.07 -32.32 -23.81
N GLY A 254 17.42 -31.16 -24.40
CA GLY A 254 16.43 -30.14 -24.69
C GLY A 254 15.75 -30.28 -26.04
N MET A 255 16.28 -31.12 -26.91
CA MET A 255 15.80 -31.28 -28.28
C MET A 255 16.38 -32.59 -28.80
N GLY A 256 16.04 -32.94 -30.04
CA GLY A 256 16.56 -34.17 -30.61
C GLY A 256 18.07 -34.11 -30.75
N ALA A 257 18.70 -35.27 -30.60
CA ALA A 257 20.14 -35.37 -30.82
C ALA A 257 20.43 -35.17 -32.31
N VAL A 258 21.63 -34.66 -32.60
CA VAL A 258 22.09 -34.40 -33.96
C VAL A 258 23.40 -35.14 -34.19
N GLU A 259 23.69 -35.36 -35.46
CA GLU A 259 25.02 -35.71 -35.94
C GLU A 259 25.60 -34.46 -36.58
N GLU A 260 26.84 -34.13 -36.24
CA GLU A 260 27.50 -32.95 -36.79
C GLU A 260 28.49 -33.36 -37.87
N LYS A 261 28.35 -32.76 -39.05
CA LYS A 261 29.25 -33.00 -40.18
C LYS A 261 29.28 -31.74 -41.05
N ASP A 262 30.49 -31.26 -41.32
CA ASP A 262 30.71 -30.09 -42.18
C ASP A 262 29.96 -28.87 -41.66
N ASN A 263 29.98 -28.69 -40.33
CA ASN A 263 29.33 -27.60 -39.59
C ASN A 263 27.82 -27.62 -39.71
N LYS A 264 27.25 -28.71 -40.21
CA LYS A 264 25.83 -28.82 -40.47
C LYS A 264 25.25 -29.92 -39.59
N ALA A 265 24.04 -29.69 -39.07
CA ALA A 265 23.43 -30.63 -38.15
C ALA A 265 22.36 -31.45 -38.87
N THR A 266 22.36 -32.74 -38.59
CA THR A 266 21.29 -33.65 -39.00
C THR A 266 20.81 -34.38 -37.76
N LEU A 267 19.50 -34.31 -37.49
CA LEU A 267 18.95 -35.09 -36.38
C LEU A 267 19.18 -36.57 -36.60
N LEU A 268 19.62 -37.25 -35.53
CA LEU A 268 19.78 -38.70 -35.60
C LEU A 268 18.47 -39.37 -36.00
N TRP A 269 17.33 -38.81 -35.58
CA TRP A 269 16.04 -39.33 -36.01
C TRP A 269 15.91 -39.30 -37.53
N ASP A 270 16.44 -38.26 -38.17
CA ASP A 270 16.31 -38.14 -39.63
C ASP A 270 17.19 -39.16 -40.35
N LEU A 271 18.38 -39.45 -39.81
CA LEU A 271 19.18 -40.54 -40.37
C LEU A 271 18.51 -41.89 -40.13
N HIS A 272 17.68 -41.96 -39.11
CA HIS A 272 16.86 -43.12 -38.78
C HIS A 272 15.53 -43.07 -39.52
N MET B 1 -5.20 1.42 -25.27
CA MET B 1 -4.07 1.29 -24.36
C MET B 1 -4.21 0.06 -23.47
N GLY B 2 -5.41 -0.13 -22.90
CA GLY B 2 -5.66 -1.22 -21.98
C GLY B 2 -5.40 -2.57 -22.60
N PHE B 3 -4.56 -3.37 -21.94
CA PHE B 3 -4.12 -4.61 -22.59
C PHE B 3 -5.15 -5.74 -22.52
N LEU B 4 -6.35 -5.49 -22.02
CA LEU B 4 -7.42 -6.48 -22.10
C LEU B 4 -8.72 -5.86 -22.63
N LYS B 5 -8.64 -4.72 -23.33
CA LYS B 5 -9.83 -4.05 -23.84
C LYS B 5 -10.57 -4.94 -24.83
N GLY B 6 -11.89 -5.03 -24.65
CA GLY B 6 -12.70 -5.96 -25.41
C GLY B 6 -12.53 -7.43 -25.08
N LYS B 7 -11.65 -7.80 -24.13
CA LYS B 7 -11.39 -9.21 -23.79
C LYS B 7 -12.29 -9.64 -22.66
N LYS B 8 -12.79 -10.87 -22.77
CA LYS B 8 -13.78 -11.42 -21.85
C LYS B 8 -13.14 -12.53 -21.04
N GLY B 9 -13.27 -12.47 -19.71
CA GLY B 9 -12.65 -13.46 -18.86
C GLY B 9 -13.54 -13.94 -17.73
N LEU B 10 -13.42 -15.22 -17.38
CA LEU B 10 -14.16 -15.82 -16.29
C LEU B 10 -13.24 -15.98 -15.09
N ILE B 11 -13.68 -15.48 -13.93
CA ILE B 11 -12.90 -15.44 -12.70
C ILE B 11 -13.48 -16.47 -11.74
N VAL B 12 -12.78 -17.59 -11.54
CA VAL B 12 -13.21 -18.65 -10.64
C VAL B 12 -12.37 -18.58 -9.37
N GLY B 13 -13.02 -18.21 -8.25
CA GLY B 13 -12.34 -18.32 -6.96
C GLY B 13 -12.34 -17.09 -6.08
N VAL B 14 -13.13 -16.07 -6.40
CA VAL B 14 -13.30 -14.96 -5.48
C VAL B 14 -14.09 -15.44 -4.25
N ALA B 15 -13.57 -15.14 -3.06
CA ALA B 15 -14.31 -15.31 -1.82
C ALA B 15 -14.57 -14.01 -1.08
N ASN B 16 -13.65 -13.06 -1.17
CA ASN B 16 -13.76 -11.73 -0.59
C ASN B 16 -12.74 -10.85 -1.31
N ASN B 17 -12.58 -9.61 -0.82
CA ASN B 17 -11.71 -8.65 -1.49
C ASN B 17 -10.26 -8.82 -1.10
N LYS B 18 -9.93 -9.90 -0.39
CA LYS B 18 -8.57 -10.35 -0.13
C LYS B 18 -8.15 -11.53 -1.00
N SER B 19 -9.09 -12.14 -1.73
CA SER B 19 -8.81 -13.33 -2.52
C SER B 19 -7.81 -13.02 -3.64
N ILE B 20 -6.92 -13.98 -3.92
CA ILE B 20 -6.02 -13.84 -5.06
C ILE B 20 -6.83 -13.59 -6.33
N ALA B 21 -7.94 -14.32 -6.51
CA ALA B 21 -8.78 -14.11 -7.69
C ALA B 21 -9.32 -12.68 -7.76
N TYR B 22 -9.49 -12.03 -6.60
CA TYR B 22 -9.95 -10.64 -6.62
C TYR B 22 -8.83 -9.70 -7.08
N GLY B 23 -7.62 -9.88 -6.52
CA GLY B 23 -6.49 -9.10 -6.99
C GLY B 23 -6.31 -9.18 -8.49
N ILE B 24 -6.39 -10.39 -9.04
CA ILE B 24 -6.25 -10.56 -10.49
C ILE B 24 -7.40 -9.89 -11.23
N ALA B 25 -8.64 -10.15 -10.79
CA ALA B 25 -9.79 -9.53 -11.45
C ALA B 25 -9.68 -8.01 -11.46
N GLN B 26 -9.23 -7.42 -10.35
CA GLN B 26 -9.12 -5.98 -10.25
C GLN B 26 -8.14 -5.44 -11.28
N SER B 27 -6.95 -6.06 -11.38
CA SER B 27 -5.97 -5.67 -12.38
C SER B 27 -6.50 -5.87 -13.80
N CYS B 28 -7.19 -6.99 -14.04
CA CYS B 28 -7.79 -7.21 -15.35
C CYS B 28 -8.84 -6.15 -15.67
N PHE B 29 -9.62 -5.75 -14.67
CA PHE B 29 -10.64 -4.73 -14.87
C PHE B 29 -10.01 -3.39 -15.24
N ASN B 30 -8.96 -2.99 -14.50
CA ASN B 30 -8.24 -1.77 -14.81
C ASN B 30 -7.58 -1.80 -16.20
N GLN B 31 -7.46 -2.98 -16.81
CA GLN B 31 -6.94 -3.07 -18.18
C GLN B 31 -8.05 -3.23 -19.21
N GLY B 32 -9.30 -2.97 -18.82
CA GLY B 32 -10.39 -2.90 -19.77
C GLY B 32 -11.15 -4.19 -20.00
N ALA B 33 -10.99 -5.18 -19.12
CA ALA B 33 -11.58 -6.49 -19.35
C ALA B 33 -13.07 -6.50 -19.03
N THR B 34 -13.84 -7.25 -19.82
CA THR B 34 -15.21 -7.59 -19.48
C THR B 34 -15.19 -8.89 -18.67
N LEU B 35 -15.61 -8.82 -17.41
CA LEU B 35 -15.42 -9.90 -16.46
C LEU B 35 -16.73 -10.62 -16.15
N ALA B 36 -16.61 -11.91 -15.84
CA ALA B 36 -17.66 -12.71 -15.23
C ALA B 36 -17.04 -13.46 -14.05
N PHE B 37 -17.87 -13.81 -13.05
CA PHE B 37 -17.41 -14.39 -11.80
C PHE B 37 -18.27 -15.60 -11.44
N THR B 38 -17.67 -16.59 -10.79
CA THR B 38 -18.40 -17.70 -10.19
C THR B 38 -18.39 -17.62 -8.68
N TYR B 39 -19.35 -18.30 -8.04
CA TYR B 39 -19.39 -18.40 -6.60
C TYR B 39 -19.56 -19.85 -6.18
N LEU B 40 -18.97 -20.21 -5.04
CA LEU B 40 -19.03 -21.58 -4.55
C LEU B 40 -20.45 -21.96 -4.17
N ASN B 41 -21.12 -21.12 -3.38
CA ASN B 41 -22.46 -21.40 -2.89
C ASN B 41 -23.12 -20.05 -2.56
N GLU B 42 -24.34 -20.13 -2.00
CA GLU B 42 -25.09 -18.89 -1.78
C GLU B 42 -24.47 -18.03 -0.69
N SER B 43 -23.83 -18.65 0.30
CA SER B 43 -23.11 -17.86 1.30
C SER B 43 -22.00 -17.04 0.66
N LEU B 44 -21.17 -17.67 -0.19
CA LEU B 44 -20.11 -16.92 -0.86
C LEU B 44 -20.66 -15.97 -1.91
N GLU B 45 -21.82 -16.29 -2.50
CA GLU B 45 -22.46 -15.36 -3.43
C GLU B 45 -22.69 -13.99 -2.81
N LYS B 46 -22.95 -13.92 -1.50
CA LYS B 46 -23.16 -12.62 -0.88
C LYS B 46 -21.89 -11.76 -0.93
N ARG B 47 -20.70 -12.34 -1.11
CA ARG B 47 -19.55 -11.46 -1.21
C ARG B 47 -19.07 -11.30 -2.63
N VAL B 48 -19.31 -12.33 -3.47
CA VAL B 48 -18.91 -12.26 -4.87
C VAL B 48 -19.76 -11.23 -5.62
N ARG B 49 -21.07 -11.21 -5.37
CA ARG B 49 -21.94 -10.28 -6.10
C ARG B 49 -21.53 -8.82 -5.91
N PRO B 50 -21.26 -8.31 -4.70
CA PRO B 50 -20.82 -6.90 -4.60
C PRO B 50 -19.48 -6.64 -5.27
N ILE B 51 -18.56 -7.61 -5.21
CA ILE B 51 -17.28 -7.46 -5.90
C ILE B 51 -17.50 -7.40 -7.40
N ALA B 52 -18.37 -8.27 -7.93
CA ALA B 52 -18.65 -8.25 -9.36
C ALA B 52 -19.27 -6.91 -9.78
N GLN B 53 -20.23 -6.41 -8.99
CA GLN B 53 -20.81 -5.11 -9.32
C GLN B 53 -19.75 -4.02 -9.31
N GLU B 54 -18.86 -4.06 -8.31
CA GLU B 54 -17.77 -3.09 -8.22
C GLU B 54 -16.92 -3.11 -9.49
N LEU B 55 -16.73 -4.27 -10.08
CA LEU B 55 -15.96 -4.42 -11.32
C LEU B 55 -16.87 -4.48 -12.53
N ASN B 56 -18.07 -3.91 -12.43
CA ASN B 56 -18.91 -3.62 -13.59
C ASN B 56 -19.39 -4.89 -14.27
N SER B 57 -19.65 -5.95 -13.50
CA SER B 57 -20.06 -7.20 -14.11
C SER B 57 -21.41 -7.64 -13.58
N PRO B 58 -22.39 -7.83 -14.45
CA PRO B 58 -23.65 -8.48 -14.06
C PRO B 58 -23.67 -9.99 -14.25
N TYR B 59 -22.51 -10.61 -14.54
CA TYR B 59 -22.43 -12.02 -14.88
C TYR B 59 -21.84 -12.77 -13.70
N VAL B 60 -22.71 -13.41 -12.92
CA VAL B 60 -22.33 -14.10 -11.70
C VAL B 60 -22.97 -15.49 -11.72
N TYR B 61 -22.15 -16.52 -11.76
CA TYR B 61 -22.62 -17.88 -12.03
C TYR B 61 -22.20 -18.81 -10.90
N GLU B 62 -23.02 -19.83 -10.65
CA GLU B 62 -22.69 -20.79 -9.61
C GLU B 62 -21.65 -21.80 -10.11
N LEU B 63 -20.66 -22.09 -9.27
CA LEU B 63 -19.74 -23.19 -9.57
C LEU B 63 -19.15 -23.72 -8.28
N ASP B 64 -19.61 -24.90 -7.87
CA ASP B 64 -18.90 -25.78 -6.95
C ASP B 64 -18.25 -26.84 -7.82
N VAL B 65 -16.91 -26.78 -7.96
CA VAL B 65 -16.21 -27.67 -8.89
C VAL B 65 -16.40 -29.14 -8.55
N SER B 66 -16.85 -29.46 -7.34
CA SER B 66 -17.11 -30.85 -7.03
C SER B 66 -18.47 -31.32 -7.55
N LYS B 67 -19.29 -30.43 -8.09
CA LYS B 67 -20.63 -30.80 -8.54
C LYS B 67 -20.65 -30.73 -10.06
N GLU B 68 -20.69 -31.90 -10.71
CA GLU B 68 -20.70 -31.97 -12.16
C GLU B 68 -21.89 -31.22 -12.76
N GLU B 69 -23.00 -31.18 -12.02
CA GLU B 69 -24.23 -30.56 -12.50
C GLU B 69 -24.07 -29.10 -12.84
N HIS B 70 -23.05 -28.43 -12.28
CA HIS B 70 -22.87 -27.00 -12.47
C HIS B 70 -22.17 -26.66 -13.79
N PHE B 71 -21.47 -27.61 -14.41
CA PHE B 71 -20.54 -27.27 -15.48
C PHE B 71 -21.25 -26.95 -16.78
N LYS B 72 -22.20 -27.79 -17.20
CA LYS B 72 -22.96 -27.46 -18.40
C LYS B 72 -23.77 -26.17 -18.26
N PRO B 73 -24.48 -25.91 -17.15
CA PRO B 73 -25.15 -24.60 -17.02
C PRO B 73 -24.16 -23.44 -17.03
N LEU B 74 -22.97 -23.62 -16.46
CA LEU B 74 -21.93 -22.58 -16.60
C LEU B 74 -21.61 -22.34 -18.08
N TYR B 75 -21.45 -23.41 -18.85
CA TYR B 75 -21.24 -23.27 -20.28
C TYR B 75 -22.38 -22.48 -20.93
N ASP B 76 -23.63 -22.87 -20.65
CA ASP B 76 -24.79 -22.17 -21.20
C ASP B 76 -24.76 -20.69 -20.84
N SER B 77 -24.51 -20.37 -19.56
CA SER B 77 -24.50 -18.98 -19.11
C SER B 77 -23.46 -18.16 -19.89
N VAL B 78 -22.25 -18.68 -20.00
CA VAL B 78 -21.17 -17.93 -20.64
C VAL B 78 -21.47 -17.70 -22.11
N LYS B 79 -21.89 -18.76 -22.81
CA LYS B 79 -22.23 -18.65 -24.23
C LYS B 79 -23.38 -17.66 -24.47
N LYS B 80 -24.41 -17.71 -23.63
CA LYS B 80 -25.55 -16.82 -23.79
C LYS B 80 -25.22 -15.39 -23.42
N ASP B 81 -24.44 -15.18 -22.36
CA ASP B 81 -24.15 -13.82 -21.91
C ASP B 81 -22.97 -13.19 -22.63
N LEU B 82 -21.92 -13.97 -22.90
CA LEU B 82 -20.68 -13.44 -23.45
C LEU B 82 -20.37 -13.95 -24.85
N GLY B 83 -20.89 -15.10 -25.23
CA GLY B 83 -20.61 -15.63 -26.54
C GLY B 83 -19.31 -16.40 -26.62
N SER B 84 -18.24 -15.89 -26.00
CA SER B 84 -16.93 -16.50 -26.07
C SER B 84 -16.10 -16.03 -24.88
N LEU B 85 -14.92 -16.63 -24.72
CA LEU B 85 -14.01 -16.26 -23.65
C LEU B 85 -12.61 -16.05 -24.20
N ASP B 86 -11.92 -15.04 -23.67
CA ASP B 86 -10.51 -14.82 -23.96
C ASP B 86 -9.59 -15.26 -22.82
N PHE B 87 -10.10 -15.48 -21.62
CA PHE B 87 -9.24 -15.98 -20.54
C PHE B 87 -10.07 -16.55 -19.39
N ILE B 88 -9.41 -17.41 -18.61
CA ILE B 88 -10.03 -18.11 -17.49
C ILE B 88 -9.03 -18.06 -16.35
N VAL B 89 -9.48 -17.58 -15.18
CA VAL B 89 -8.69 -17.62 -13.97
C VAL B 89 -9.20 -18.77 -13.11
N HIS B 90 -8.31 -19.71 -12.80
CA HIS B 90 -8.63 -20.87 -11.96
C HIS B 90 -7.91 -20.69 -10.63
N SER B 91 -8.62 -20.17 -9.63
CA SER B 91 -8.03 -19.78 -8.34
C SER B 91 -8.79 -20.47 -7.22
N VAL B 92 -8.66 -21.80 -7.18
CA VAL B 92 -9.48 -22.67 -6.35
C VAL B 92 -8.62 -23.82 -5.83
N ALA B 93 -8.62 -24.03 -4.50
CA ALA B 93 -8.04 -25.22 -3.90
C ALA B 93 -8.79 -25.59 -2.62
N PHE B 94 -8.65 -26.85 -2.19
CA PHE B 94 -9.18 -27.22 -0.87
C PHE B 94 -8.52 -28.50 -0.39
N ALA B 95 -8.21 -28.54 0.89
CA ALA B 95 -7.87 -29.79 1.57
C ALA B 95 -8.40 -29.70 2.99
N PRO B 96 -8.87 -30.81 3.53
CA PRO B 96 -9.31 -30.81 4.94
C PRO B 96 -8.23 -30.27 5.86
N LYS B 97 -8.65 -29.34 6.73
CA LYS B 97 -7.85 -28.75 7.80
C LYS B 97 -6.88 -29.73 8.44
N GLU B 98 -7.36 -30.91 8.85
CA GLU B 98 -6.49 -31.85 9.55
C GLU B 98 -5.40 -32.40 8.63
N ALA B 99 -5.64 -32.43 7.31
CA ALA B 99 -4.62 -32.95 6.40
C ALA B 99 -3.41 -32.02 6.33
N LEU B 100 -3.63 -30.70 6.43
CA LEU B 100 -2.51 -29.78 6.39
C LEU B 100 -1.83 -29.60 7.75
N GLU B 101 -2.27 -30.34 8.76
CA GLU B 101 -1.55 -30.46 10.03
C GLU B 101 -0.72 -31.74 10.03
N GLY B 102 0.28 -31.76 10.91
CA GLY B 102 0.99 -33.01 11.16
C GLY B 102 1.73 -33.50 9.93
N SER B 103 1.54 -34.77 9.59
CA SER B 103 2.37 -35.40 8.59
C SER B 103 1.55 -35.90 7.41
N LEU B 104 2.22 -36.01 6.26
CA LEU B 104 1.59 -36.58 5.08
C LEU B 104 1.21 -38.05 5.28
N LEU B 105 1.99 -38.77 6.10
CA LEU B 105 1.77 -40.19 6.32
C LEU B 105 0.37 -40.48 6.86
N GLU B 106 -0.21 -39.53 7.60
CA GLU B 106 -1.52 -39.67 8.24
C GLU B 106 -2.71 -39.34 7.33
N THR B 107 -2.46 -38.94 6.08
CA THR B 107 -3.54 -38.48 5.21
C THR B 107 -4.48 -39.62 4.88
N SER B 108 -5.78 -39.40 5.08
CA SER B 108 -6.78 -40.39 4.72
C SER B 108 -6.97 -40.42 3.20
N LYS B 109 -7.50 -41.54 2.71
CA LYS B 109 -7.77 -41.63 1.27
C LYS B 109 -8.77 -40.56 0.83
N SER B 110 -9.82 -40.36 1.64
CA SER B 110 -10.86 -39.41 1.26
C SER B 110 -10.32 -37.98 1.22
N ALA B 111 -9.49 -37.61 2.20
CA ALA B 111 -8.90 -36.27 2.16
C ALA B 111 -7.96 -36.12 0.98
N PHE B 112 -7.22 -37.18 0.64
CA PHE B 112 -6.36 -37.15 -0.53
C PHE B 112 -7.17 -36.95 -1.81
N ASN B 113 -8.28 -37.67 -1.95
CA ASN B 113 -9.09 -37.53 -3.16
C ASN B 113 -9.73 -36.16 -3.25
N THR B 114 -10.15 -35.61 -2.11
CA THR B 114 -10.77 -34.28 -2.09
C THR B 114 -9.79 -33.21 -2.55
N ALA B 115 -8.59 -33.19 -1.96
CA ALA B 115 -7.57 -32.23 -2.37
C ALA B 115 -7.29 -32.33 -3.86
N MET B 116 -7.11 -33.55 -4.38
CA MET B 116 -6.79 -33.74 -5.79
C MET B 116 -7.95 -33.32 -6.69
N GLU B 117 -9.17 -33.70 -6.33
CA GLU B 117 -10.32 -33.36 -7.17
C GLU B 117 -10.56 -31.85 -7.18
N ILE B 118 -10.55 -31.21 -6.01
CA ILE B 118 -10.87 -29.79 -5.96
C ILE B 118 -9.73 -28.96 -6.56
N SER B 119 -8.48 -29.33 -6.26
CA SER B 119 -7.36 -28.46 -6.60
C SER B 119 -6.78 -28.72 -7.98
N VAL B 120 -6.95 -29.94 -8.51
CA VAL B 120 -6.28 -30.34 -9.74
C VAL B 120 -7.29 -30.70 -10.82
N TYR B 121 -8.10 -31.75 -10.58
CA TYR B 121 -9.03 -32.18 -11.62
C TYR B 121 -9.97 -31.06 -12.04
N SER B 122 -10.34 -30.16 -11.13
CA SER B 122 -11.26 -29.08 -11.47
C SER B 122 -10.73 -28.25 -12.63
N LEU B 123 -9.40 -28.05 -12.71
CA LEU B 123 -8.84 -27.31 -13.85
C LEU B 123 -9.12 -28.03 -15.16
N ILE B 124 -9.00 -29.36 -15.16
CA ILE B 124 -9.26 -30.14 -16.36
C ILE B 124 -10.72 -30.02 -16.76
N GLU B 125 -11.63 -30.19 -15.79
CA GLU B 125 -13.06 -30.19 -16.09
C GLU B 125 -13.53 -28.80 -16.50
N LEU B 126 -13.05 -27.76 -15.81
CA LEU B 126 -13.40 -26.40 -16.17
C LEU B 126 -12.91 -26.05 -17.57
N THR B 127 -11.67 -26.42 -17.88
CA THR B 127 -11.13 -26.08 -19.19
C THR B 127 -11.80 -26.89 -20.29
N ASN B 128 -12.02 -28.19 -20.05
CA ASN B 128 -12.67 -28.99 -21.08
C ASN B 128 -14.09 -28.49 -21.35
N THR B 129 -14.81 -28.14 -20.28
CA THR B 129 -16.18 -27.64 -20.44
C THR B 129 -16.19 -26.40 -21.32
N LEU B 130 -15.34 -25.43 -21.00
CA LEU B 130 -15.40 -24.12 -21.64
C LEU B 130 -14.59 -24.04 -22.92
N LYS B 131 -13.86 -25.10 -23.27
CA LYS B 131 -12.99 -25.11 -24.45
C LYS B 131 -13.70 -24.67 -25.73
N PRO B 132 -14.93 -25.10 -26.03
CA PRO B 132 -15.57 -24.66 -27.28
C PRO B 132 -15.83 -23.18 -27.33
N LEU B 133 -15.72 -22.48 -26.22
CA LEU B 133 -15.93 -21.04 -26.13
C LEU B 133 -14.64 -20.24 -26.14
N LEU B 134 -13.50 -20.91 -26.18
CA LEU B 134 -12.22 -20.22 -26.03
C LEU B 134 -11.79 -19.66 -27.36
N ASN B 135 -11.55 -18.34 -27.41
CA ASN B 135 -11.10 -17.68 -28.62
C ASN B 135 -9.63 -17.98 -28.90
N ASN B 136 -9.24 -17.84 -30.16
CA ASN B 136 -7.84 -17.82 -30.53
C ASN B 136 -7.09 -16.84 -29.63
N GLY B 137 -5.94 -17.27 -29.12
CA GLY B 137 -5.16 -16.43 -28.21
C GLY B 137 -5.59 -16.43 -26.75
N ALA B 138 -6.66 -17.16 -26.41
CA ALA B 138 -7.12 -17.20 -25.03
C ALA B 138 -6.04 -17.71 -24.08
N SER B 139 -6.16 -17.32 -22.80
CA SER B 139 -5.16 -17.61 -21.77
C SER B 139 -5.84 -18.23 -20.56
N VAL B 140 -5.37 -19.41 -20.13
CA VAL B 140 -5.88 -20.07 -18.93
C VAL B 140 -4.81 -19.97 -17.85
N LEU B 141 -5.19 -19.45 -16.68
CA LEU B 141 -4.26 -19.27 -15.57
C LEU B 141 -4.76 -19.99 -14.34
N THR B 142 -3.88 -20.77 -13.71
CA THR B 142 -4.11 -21.36 -12.39
C THR B 142 -3.05 -20.83 -11.42
N LEU B 143 -3.29 -21.13 -10.14
CA LEU B 143 -2.50 -20.62 -9.03
C LEU B 143 -1.78 -21.77 -8.33
N SER B 144 -0.47 -21.63 -8.15
CA SER B 144 0.26 -22.69 -7.46
C SER B 144 1.17 -22.08 -6.41
N TYR B 145 2.01 -22.93 -5.81
CA TYR B 145 2.79 -22.56 -4.65
C TYR B 145 4.03 -23.43 -4.60
N LEU B 146 5.11 -22.88 -4.05
CA LEU B 146 6.40 -23.55 -4.00
C LEU B 146 6.35 -24.93 -3.33
N GLY B 147 5.37 -25.18 -2.47
CA GLY B 147 5.31 -26.49 -1.83
C GLY B 147 5.13 -27.64 -2.80
N SER B 148 4.85 -27.34 -4.06
CA SER B 148 4.74 -28.38 -5.08
C SER B 148 6.08 -29.06 -5.34
N THR B 149 7.15 -28.30 -5.32
CA THR B 149 8.45 -28.80 -5.73
C THR B 149 9.49 -28.79 -4.61
N LYS B 150 9.22 -28.11 -3.50
CA LYS B 150 10.06 -28.14 -2.31
C LYS B 150 9.19 -28.42 -1.11
N TYR B 151 9.81 -28.92 -0.09
CA TYR B 151 9.11 -29.14 1.18
C TYR B 151 8.83 -27.79 1.85
N MET B 152 7.59 -27.56 2.21
CA MET B 152 7.15 -26.39 3.01
C MET B 152 6.36 -26.94 4.20
N ALA B 153 6.50 -26.30 5.35
CA ALA B 153 5.96 -26.78 6.65
C ALA B 153 4.50 -27.18 6.59
N HIS B 154 4.27 -28.47 6.80
CA HIS B 154 2.98 -29.18 6.85
C HIS B 154 2.06 -28.94 5.62
N TYR B 155 2.59 -28.63 4.44
CA TYR B 155 1.82 -28.36 3.22
C TYR B 155 1.19 -29.67 2.78
N ASN B 156 1.96 -30.72 2.94
CA ASN B 156 1.48 -32.11 2.85
C ASN B 156 0.71 -32.39 1.55
N VAL B 157 -0.50 -32.89 1.65
CA VAL B 157 -1.28 -33.26 0.45
C VAL B 157 -1.39 -32.10 -0.54
N MET B 158 -1.40 -30.89 -0.06
CA MET B 158 -1.53 -29.78 -0.98
C MET B 158 -0.26 -29.56 -1.80
N GLY B 159 0.91 -29.98 -1.28
CA GLY B 159 2.09 -30.01 -2.13
C GLY B 159 2.01 -31.07 -3.21
N LEU B 160 1.33 -32.19 -2.92
CA LEU B 160 1.09 -33.20 -3.94
C LEU B 160 0.12 -32.68 -5.00
N ALA B 161 -0.98 -32.05 -4.56
CA ALA B 161 -1.92 -31.46 -5.49
C ALA B 161 -1.23 -30.43 -6.36
N LYS B 162 -0.49 -29.51 -5.74
CA LYS B 162 0.12 -28.43 -6.51
C LYS B 162 1.14 -28.99 -7.51
N ALA B 163 1.87 -30.04 -7.13
CA ALA B 163 2.79 -30.66 -8.09
C ALA B 163 2.03 -31.24 -9.27
N ALA B 164 0.92 -31.95 -9.00
CA ALA B 164 0.07 -32.42 -10.08
C ALA B 164 -0.47 -31.27 -10.91
N LEU B 165 -0.83 -30.17 -10.25
CA LEU B 165 -1.39 -29.01 -10.95
C LEU B 165 -0.40 -28.44 -11.96
N GLU B 166 0.86 -28.25 -11.56
CA GLU B 166 1.85 -27.71 -12.48
C GLU B 166 2.13 -28.65 -13.65
N SER B 167 2.04 -29.96 -13.42
CA SER B 167 2.14 -30.93 -14.51
C SER B 167 0.93 -30.86 -15.43
N ALA B 168 -0.26 -30.67 -14.87
CA ALA B 168 -1.45 -30.44 -15.69
C ALA B 168 -1.28 -29.20 -16.57
N VAL B 169 -0.69 -28.14 -16.03
CA VAL B 169 -0.44 -26.95 -16.83
C VAL B 169 0.37 -27.31 -18.07
N ARG B 170 1.40 -28.13 -17.91
CA ARG B 170 2.25 -28.48 -19.04
C ARG B 170 1.49 -29.28 -20.09
N TYR B 171 0.79 -30.35 -19.68
CA TYR B 171 0.05 -31.15 -20.65
C TYR B 171 -1.07 -30.34 -21.30
N LEU B 172 -1.77 -29.51 -20.52
CA LEU B 172 -2.83 -28.69 -21.12
C LEU B 172 -2.24 -27.68 -22.10
N ALA B 173 -1.07 -27.13 -21.77
CA ALA B 173 -0.39 -26.24 -22.71
C ALA B 173 -0.18 -26.90 -24.06
N VAL B 174 0.23 -28.18 -24.05
CA VAL B 174 0.40 -28.93 -25.30
C VAL B 174 -0.95 -29.18 -25.95
N ASP B 175 -1.93 -29.62 -25.15
CA ASP B 175 -3.27 -29.93 -25.67
C ASP B 175 -3.89 -28.73 -26.39
N LEU B 176 -3.84 -27.55 -25.76
CA LEU B 176 -4.49 -26.37 -26.30
C LEU B 176 -3.57 -25.52 -27.17
N GLY B 177 -2.27 -25.80 -27.19
CA GLY B 177 -1.36 -24.97 -27.98
C GLY B 177 -1.70 -25.01 -29.45
N LYS B 178 -2.19 -26.14 -29.93
CA LYS B 178 -2.75 -26.41 -31.26
C LYS B 178 -3.65 -25.30 -31.75
N HIS B 179 -4.44 -24.75 -30.81
CA HIS B 179 -5.42 -23.71 -31.07
C HIS B 179 -4.96 -22.35 -30.58
N ASN B 180 -3.65 -22.17 -30.41
CA ASN B 180 -3.09 -20.88 -29.97
C ASN B 180 -3.74 -20.45 -28.66
N ILE B 181 -3.93 -21.41 -27.75
CA ILE B 181 -4.43 -21.16 -26.41
C ILE B 181 -3.30 -21.47 -25.43
N ARG B 182 -3.12 -20.58 -24.46
CA ARG B 182 -2.03 -20.65 -23.52
C ARG B 182 -2.51 -21.11 -22.15
N VAL B 183 -1.67 -21.87 -21.47
CA VAL B 183 -1.96 -22.35 -20.12
C VAL B 183 -0.73 -22.11 -19.25
N ASN B 184 -0.91 -21.41 -18.13
CA ASN B 184 0.19 -21.08 -17.24
C ASN B 184 -0.25 -21.21 -15.79
N ALA B 185 0.75 -21.19 -14.91
CA ALA B 185 0.53 -21.12 -13.48
C ALA B 185 1.29 -19.94 -12.91
N LEU B 186 0.60 -19.18 -12.06
CA LEU B 186 1.23 -18.17 -11.21
C LEU B 186 1.50 -18.80 -9.86
N SER B 187 2.78 -18.86 -9.48
CA SER B 187 3.18 -19.46 -8.19
C SER B 187 3.41 -18.32 -7.21
N ALA B 188 2.38 -18.00 -6.43
CA ALA B 188 2.45 -16.88 -5.50
C ALA B 188 3.19 -17.27 -4.22
N GLY B 189 3.85 -16.28 -3.63
CA GLY B 189 4.32 -16.38 -2.28
C GLY B 189 3.16 -16.34 -1.31
N PRO B 190 3.42 -16.63 -0.04
CA PRO B 190 2.33 -16.64 0.95
C PRO B 190 1.70 -15.26 1.06
N ILE B 191 0.38 -15.26 1.20
CA ILE B 191 -0.39 -14.02 1.33
C ILE B 191 -1.67 -14.34 2.11
N ARG B 192 -2.02 -13.44 3.03
CA ARG B 192 -3.16 -13.66 3.92
C ARG B 192 -4.46 -13.67 3.14
N THR B 193 -5.09 -14.83 3.02
CA THR B 193 -6.41 -14.93 2.43
C THR B 193 -7.32 -15.68 3.39
N LEU B 194 -8.59 -15.77 3.02
CA LEU B 194 -9.51 -16.56 3.83
C LEU B 194 -9.03 -18.00 3.94
N ALA B 195 -8.67 -18.62 2.82
CA ALA B 195 -8.20 -20.00 2.86
C ALA B 195 -6.86 -20.12 3.58
N SER B 196 -5.96 -19.17 3.38
CA SER B 196 -4.64 -19.29 3.99
C SER B 196 -4.72 -19.11 5.51
N SER B 197 -5.62 -18.23 5.97
CA SER B 197 -5.80 -18.00 7.40
C SER B 197 -6.36 -19.22 8.11
N GLY B 198 -6.81 -20.21 7.37
CA GLY B 198 -7.25 -21.46 7.95
C GLY B 198 -6.15 -22.45 8.22
N ILE B 199 -4.89 -22.04 8.15
CA ILE B 199 -3.76 -22.91 8.45
C ILE B 199 -3.06 -22.39 9.70
N ALA B 200 -2.63 -23.32 10.57
CA ALA B 200 -1.92 -22.94 11.79
C ALA B 200 -0.52 -22.44 11.48
N ASP B 201 0.23 -23.19 10.64
CA ASP B 201 1.57 -22.74 10.21
C ASP B 201 1.58 -21.45 9.39
N PHE B 202 0.51 -20.70 9.13
CA PHE B 202 0.63 -19.69 8.08
C PHE B 202 1.42 -18.46 8.54
N ARG B 203 1.12 -17.95 9.74
CA ARG B 203 1.82 -16.76 10.23
C ARG B 203 3.33 -16.96 10.15
N MET B 204 3.78 -18.14 10.56
CA MET B 204 5.21 -18.39 10.64
C MET B 204 5.81 -18.54 9.23
N ILE B 205 5.11 -19.20 8.32
CA ILE B 205 5.58 -19.30 6.95
C ILE B 205 5.61 -17.92 6.31
N LEU B 206 4.56 -17.12 6.56
CA LEU B 206 4.53 -15.75 6.07
C LEU B 206 5.70 -14.95 6.61
N LYS B 207 6.01 -15.12 7.90
CA LYS B 207 7.13 -14.42 8.50
C LYS B 207 8.46 -14.95 7.98
N TRP B 208 8.56 -16.26 7.77
CA TRP B 208 9.80 -16.81 7.22
C TRP B 208 10.07 -16.23 5.84
N ASN B 209 9.03 -16.14 5.01
CA ASN B 209 9.19 -15.56 3.67
C ASN B 209 9.57 -14.09 3.74
N GLU B 210 8.99 -13.35 4.68
CA GLU B 210 9.28 -11.92 4.74
C GLU B 210 10.75 -11.66 5.08
N ILE B 211 11.27 -12.39 6.07
CA ILE B 211 12.63 -12.15 6.53
C ILE B 211 13.64 -12.61 5.49
N ASN B 212 13.35 -13.72 4.81
CA ASN B 212 14.35 -14.40 4.02
C ASN B 212 14.23 -14.16 2.52
N ALA B 213 13.13 -13.59 2.04
CA ALA B 213 13.03 -13.27 0.63
C ALA B 213 14.10 -12.23 0.23
N PRO B 214 14.62 -12.31 -1.00
CA PRO B 214 15.58 -11.29 -1.47
C PRO B 214 15.10 -9.86 -1.28
N LEU B 215 13.83 -9.60 -1.56
CA LEU B 215 13.28 -8.27 -1.39
C LEU B 215 12.82 -8.00 0.03
N ARG B 216 12.95 -8.96 0.95
CA ARG B 216 12.71 -8.72 2.38
C ARG B 216 11.30 -8.22 2.64
N LYS B 217 10.34 -8.72 1.88
CA LYS B 217 8.95 -8.31 1.99
C LYS B 217 8.08 -9.49 1.61
N ASN B 218 6.84 -9.51 2.11
CA ASN B 218 5.80 -10.35 1.55
C ASN B 218 5.22 -9.66 0.30
N VAL B 219 4.73 -10.47 -0.64
CA VAL B 219 4.11 -9.91 -1.85
C VAL B 219 2.73 -9.34 -1.52
N SER B 220 2.35 -8.32 -2.28
CA SER B 220 1.06 -7.69 -2.13
C SER B 220 0.04 -8.37 -3.04
N LEU B 221 -1.24 -8.21 -2.70
CA LEU B 221 -2.31 -8.66 -3.57
C LEU B 221 -2.21 -8.02 -4.95
N GLU B 222 -1.89 -6.72 -4.99
CA GLU B 222 -1.80 -6.04 -6.28
C GLU B 222 -0.64 -6.59 -7.10
N GLU B 223 0.44 -7.00 -6.46
CA GLU B 223 1.56 -7.58 -7.19
C GLU B 223 1.18 -8.92 -7.80
N VAL B 224 0.49 -9.76 -7.03
CA VAL B 224 -0.01 -11.01 -7.60
C VAL B 224 -1.02 -10.72 -8.70
N GLY B 225 -1.92 -9.77 -8.45
CA GLY B 225 -2.93 -9.41 -9.44
C GLY B 225 -2.33 -8.99 -10.77
N ASN B 226 -1.26 -8.19 -10.73
CA ASN B 226 -0.68 -7.62 -11.94
C ASN B 226 0.07 -8.67 -12.75
N ALA B 227 0.79 -9.55 -12.05
CA ALA B 227 1.46 -10.66 -12.72
C ALA B 227 0.43 -11.57 -13.37
N GLY B 228 -0.72 -11.77 -12.71
CA GLY B 228 -1.78 -12.55 -13.30
C GLY B 228 -2.35 -11.88 -14.53
N MET B 229 -2.69 -10.59 -14.43
CA MET B 229 -3.11 -9.82 -15.60
C MET B 229 -2.11 -9.99 -16.74
N TYR B 230 -0.81 -9.90 -16.46
CA TYR B 230 0.18 -10.04 -17.51
C TYR B 230 0.06 -11.41 -18.19
N LEU B 231 -0.01 -12.49 -17.41
CA LEU B 231 -0.13 -13.82 -18.00
C LEU B 231 -1.45 -14.00 -18.74
N LEU B 232 -2.50 -13.25 -18.36
CA LEU B 232 -3.76 -13.38 -19.06
C LEU B 232 -3.84 -12.51 -20.33
N SER B 233 -2.96 -11.52 -20.47
CA SER B 233 -3.00 -10.55 -21.56
C SER B 233 -2.08 -10.98 -22.70
N SER B 234 -2.29 -10.33 -23.85
CA SER B 234 -1.47 -10.60 -25.03
C SER B 234 -0.01 -10.20 -24.84
N LEU B 235 0.31 -9.44 -23.79
CA LEU B 235 1.71 -9.11 -23.51
C LEU B 235 2.55 -10.37 -23.33
N SER B 236 1.95 -11.46 -22.88
CA SER B 236 2.67 -12.71 -22.65
C SER B 236 2.28 -13.78 -23.67
N SER B 237 1.86 -13.36 -24.87
CA SER B 237 1.44 -14.32 -25.88
C SER B 237 2.56 -15.27 -26.30
N GLY B 238 3.81 -15.00 -25.96
CA GLY B 238 4.85 -15.97 -26.20
C GLY B 238 5.13 -16.90 -25.03
N VAL B 239 4.29 -16.87 -23.99
CA VAL B 239 4.55 -17.56 -22.72
C VAL B 239 3.45 -18.61 -22.51
N SER B 240 3.86 -19.87 -22.37
CA SER B 240 2.88 -20.91 -22.07
C SER B 240 3.57 -22.07 -21.37
N GLY B 241 2.79 -22.81 -20.58
CA GLY B 241 3.36 -23.89 -19.79
C GLY B 241 4.28 -23.43 -18.68
N GLU B 242 4.22 -22.15 -18.32
CA GLU B 242 5.11 -21.55 -17.35
C GLU B 242 4.56 -21.65 -15.93
N VAL B 243 5.47 -21.83 -14.98
CA VAL B 243 5.22 -21.64 -13.55
C VAL B 243 5.93 -20.35 -13.18
N HIS B 244 5.17 -19.30 -12.91
CA HIS B 244 5.69 -17.94 -12.79
C HIS B 244 5.68 -17.53 -11.33
N PHE B 245 6.87 -17.30 -10.77
CA PHE B 245 7.01 -17.03 -9.34
C PHE B 245 6.79 -15.54 -9.06
N VAL B 246 5.78 -15.25 -8.26
CA VAL B 246 5.52 -13.88 -7.79
C VAL B 246 5.61 -13.95 -6.27
N ASP B 247 6.86 -13.95 -5.74
CA ASP B 247 7.11 -14.33 -4.35
C ASP B 247 8.20 -13.48 -3.72
N ALA B 248 8.43 -12.28 -4.24
CA ALA B 248 9.47 -11.38 -3.75
C ALA B 248 10.86 -12.02 -3.86
N GLY B 249 11.01 -12.95 -4.81
CA GLY B 249 12.26 -13.65 -5.04
C GLY B 249 12.52 -14.86 -4.18
N TYR B 250 11.55 -15.29 -3.35
CA TYR B 250 11.87 -16.23 -2.28
C TYR B 250 12.33 -17.57 -2.82
N HIS B 251 11.82 -17.97 -4.00
CA HIS B 251 12.14 -19.27 -4.59
C HIS B 251 13.65 -19.51 -4.76
N VAL B 252 14.49 -18.45 -4.85
CA VAL B 252 15.91 -18.70 -5.13
C VAL B 252 16.71 -19.12 -3.90
N MET B 253 16.17 -18.92 -2.69
CA MET B 253 16.94 -19.18 -1.48
C MET B 253 17.15 -20.67 -1.26
N GLY B 254 18.39 -21.07 -1.03
CA GLY B 254 18.67 -22.44 -0.68
C GLY B 254 18.90 -22.66 0.78
N MET B 255 18.75 -21.63 1.61
CA MET B 255 18.99 -21.62 3.05
C MET B 255 18.53 -20.26 3.56
N GLY B 256 18.47 -20.13 4.88
CA GLY B 256 18.14 -18.84 5.48
C GLY B 256 19.09 -17.75 5.02
N ALA B 257 18.55 -16.54 4.86
CA ALA B 257 19.36 -15.37 4.59
C ALA B 257 20.26 -15.05 5.79
N VAL B 258 21.40 -14.41 5.51
CA VAL B 258 22.42 -14.14 6.53
C VAL B 258 22.81 -12.66 6.47
N GLU B 259 23.67 -12.27 7.41
CA GLU B 259 24.17 -10.90 7.49
C GLU B 259 25.48 -10.87 8.28
N ALA B 265 28.93 -14.31 10.62
CA ALA B 265 27.71 -14.51 9.83
C ALA B 265 26.56 -14.96 10.73
N THR B 266 25.45 -14.23 10.64
CA THR B 266 24.29 -14.49 11.48
C THR B 266 23.05 -14.54 10.61
N LEU B 267 22.15 -15.49 10.91
CA LEU B 267 20.87 -15.57 10.22
C LEU B 267 20.07 -14.29 10.47
N LEU B 268 19.53 -13.70 9.40
CA LEU B 268 18.58 -12.60 9.59
C LEU B 268 17.46 -12.99 10.53
N TRP B 269 17.06 -14.26 10.51
CA TRP B 269 16.02 -14.74 11.42
C TRP B 269 16.42 -14.52 12.86
N ASP B 270 17.70 -14.73 13.18
CA ASP B 270 18.13 -14.63 14.57
C ASP B 270 18.16 -13.17 15.03
N LEU B 271 18.39 -12.23 14.12
CA LEU B 271 18.38 -10.81 14.47
C LEU B 271 16.98 -10.34 14.85
N HIS B 272 15.97 -10.89 14.20
CA HIS B 272 14.58 -10.56 14.53
C HIS B 272 14.03 -11.52 15.58
N MET C 1 -1.22 6.52 -18.37
CA MET C 1 -1.34 5.14 -17.91
C MET C 1 -0.07 4.27 -18.12
N GLY C 2 0.82 4.68 -19.05
CA GLY C 2 2.03 3.91 -19.36
C GLY C 2 2.79 3.41 -18.13
N PHE C 3 3.15 2.12 -18.10
CA PHE C 3 3.68 1.54 -16.87
C PHE C 3 5.16 1.78 -16.66
N LEU C 4 5.77 2.62 -17.50
CA LEU C 4 7.11 3.11 -17.24
C LEU C 4 7.19 4.64 -17.38
N LYS C 5 6.07 5.36 -17.26
CA LYS C 5 6.10 6.82 -17.38
C LYS C 5 7.01 7.45 -16.33
N GLY C 6 7.86 8.37 -16.79
CA GLY C 6 8.82 8.98 -15.89
C GLY C 6 9.98 8.08 -15.52
N LYS C 7 9.98 6.84 -15.98
CA LYS C 7 11.04 5.89 -15.68
C LYS C 7 12.14 5.96 -16.72
N LYS C 8 13.34 5.71 -16.24
CA LYS C 8 14.60 5.92 -16.92
C LYS C 8 15.36 4.60 -16.98
N GLY C 9 15.75 4.18 -18.19
CA GLY C 9 16.42 2.91 -18.36
C GLY C 9 17.54 2.98 -19.37
N LEU C 10 18.57 2.15 -19.16
CA LEU C 10 19.70 2.04 -20.06
C LEU C 10 19.60 0.72 -20.81
N ILE C 11 19.73 0.77 -22.14
CA ILE C 11 19.61 -0.40 -22.99
C ILE C 11 20.98 -0.73 -23.56
N VAL C 12 21.55 -1.86 -23.14
CA VAL C 12 22.86 -2.32 -23.59
C VAL C 12 22.65 -3.54 -24.48
N GLY C 13 22.93 -3.40 -25.78
CA GLY C 13 22.82 -4.54 -26.67
C GLY C 13 22.11 -4.36 -28.01
N VAL C 14 21.62 -3.15 -28.34
CA VAL C 14 21.06 -2.96 -29.67
C VAL C 14 22.17 -3.06 -30.71
N ALA C 15 21.94 -3.88 -31.75
CA ALA C 15 22.79 -3.92 -32.94
C ALA C 15 22.08 -3.42 -34.19
N ASN C 16 20.80 -3.72 -34.34
CA ASN C 16 19.97 -3.28 -35.45
C ASN C 16 18.52 -3.39 -34.98
N ASN C 17 17.56 -3.26 -35.91
CA ASN C 17 16.15 -3.29 -35.57
C ASN C 17 15.61 -4.70 -35.36
N LYS C 18 16.48 -5.71 -35.40
CA LYS C 18 16.13 -7.09 -35.07
C LYS C 18 16.60 -7.48 -33.68
N SER C 19 17.40 -6.64 -33.03
CA SER C 19 17.98 -6.99 -31.75
C SER C 19 16.89 -7.18 -30.71
N ILE C 20 17.04 -8.22 -29.88
CA ILE C 20 16.14 -8.40 -28.74
C ILE C 20 16.13 -7.13 -27.90
N ALA C 21 17.29 -6.52 -27.69
CA ALA C 21 17.37 -5.27 -26.94
C ALA C 21 16.49 -4.19 -27.57
N TYR C 22 16.36 -4.19 -28.90
CA TYR C 22 15.50 -3.20 -29.55
C TYR C 22 14.03 -3.49 -29.30
N GLY C 23 13.63 -4.76 -29.43
CA GLY C 23 12.25 -5.12 -29.11
C GLY C 23 11.86 -4.72 -27.70
N ILE C 24 12.76 -4.92 -26.75
CA ILE C 24 12.46 -4.56 -25.37
C ILE C 24 12.38 -3.04 -25.22
N ALA C 25 13.35 -2.31 -25.79
CA ALA C 25 13.34 -0.85 -25.73
C ALA C 25 12.08 -0.26 -26.36
N GLN C 26 11.61 -0.84 -27.47
CA GLN C 26 10.40 -0.35 -28.11
C GLN C 26 9.19 -0.51 -27.20
N SER C 27 9.05 -1.68 -26.58
CA SER C 27 7.93 -1.89 -25.67
C SER C 27 8.02 -0.94 -24.48
N CYS C 28 9.23 -0.73 -23.95
CA CYS C 28 9.42 0.21 -22.86
C CYS C 28 9.03 1.63 -23.29
N PHE C 29 9.51 2.08 -24.46
CA PHE C 29 9.16 3.42 -24.93
C PHE C 29 7.65 3.57 -25.09
N ASN C 30 6.98 2.58 -25.69
CA ASN C 30 5.52 2.59 -25.75
C ASN C 30 4.87 2.66 -24.38
N GLN C 31 5.57 2.29 -23.31
CA GLN C 31 5.03 2.45 -21.96
C GLN C 31 5.50 3.72 -21.28
N GLY C 32 6.12 4.65 -22.01
CA GLY C 32 6.47 5.96 -21.48
C GLY C 32 7.88 6.12 -20.95
N ALA C 33 8.74 5.14 -21.15
CA ALA C 33 10.07 5.18 -20.56
C ALA C 33 10.99 6.17 -21.28
N THR C 34 11.92 6.73 -20.52
CA THR C 34 13.01 7.57 -21.04
C THR C 34 14.28 6.73 -21.15
N LEU C 35 14.87 6.66 -22.34
CA LEU C 35 15.85 5.62 -22.63
C LEU C 35 17.22 6.17 -23.00
N ALA C 36 18.25 5.39 -22.68
CA ALA C 36 19.60 5.57 -23.18
C ALA C 36 20.13 4.25 -23.72
N PHE C 37 21.12 4.34 -24.59
CA PHE C 37 21.59 3.19 -25.35
C PHE C 37 23.12 3.19 -25.44
N THR C 38 23.68 1.99 -25.49
CA THR C 38 25.09 1.83 -25.77
C THR C 38 25.25 1.16 -27.13
N TYR C 39 26.45 1.33 -27.69
CA TYR C 39 26.86 0.63 -28.90
C TYR C 39 28.25 0.08 -28.68
N LEU C 40 28.52 -1.07 -29.32
CA LEU C 40 29.84 -1.69 -29.18
C LEU C 40 30.90 -0.91 -29.96
N ASN C 41 30.59 -0.47 -31.19
CA ASN C 41 31.58 0.21 -32.01
C ASN C 41 30.91 1.17 -32.98
N GLU C 42 31.76 1.79 -33.78
CA GLU C 42 31.37 2.89 -34.65
C GLU C 42 30.45 2.41 -35.76
N SER C 43 30.63 1.19 -36.24
CA SER C 43 29.75 0.66 -37.28
C SER C 43 28.35 0.37 -36.73
N LEU C 44 28.27 -0.11 -35.49
CA LEU C 44 26.96 -0.32 -34.88
C LEU C 44 26.32 0.99 -34.44
N GLU C 45 27.14 1.95 -33.99
CA GLU C 45 26.63 3.28 -33.64
C GLU C 45 25.75 3.86 -34.74
N LYS C 46 26.12 3.67 -36.01
CA LYS C 46 25.25 4.21 -37.05
C LYS C 46 23.93 3.46 -37.17
N ARG C 47 23.81 2.26 -36.58
CA ARG C 47 22.47 1.66 -36.48
C ARG C 47 21.76 2.04 -35.20
N VAL C 48 22.51 2.16 -34.10
CA VAL C 48 21.89 2.43 -32.81
C VAL C 48 21.30 3.84 -32.76
N ARG C 49 21.99 4.82 -33.36
CA ARG C 49 21.53 6.20 -33.29
C ARG C 49 20.16 6.41 -33.91
N PRO C 50 19.86 5.97 -35.14
CA PRO C 50 18.50 6.19 -35.67
C PRO C 50 17.45 5.44 -34.87
N ILE C 51 17.82 4.28 -34.32
CA ILE C 51 16.91 3.52 -33.46
C ILE C 51 16.61 4.31 -32.18
N ALA C 52 17.66 4.79 -31.53
CA ALA C 52 17.45 5.62 -30.34
C ALA C 52 16.60 6.83 -30.67
N GLN C 53 16.80 7.40 -31.87
CA GLN C 53 16.00 8.56 -32.25
C GLN C 53 14.52 8.20 -32.42
N GLU C 54 14.21 7.03 -33.00
CA GLU C 54 12.78 6.71 -33.13
C GLU C 54 12.13 6.53 -31.76
N LEU C 55 12.92 6.23 -30.72
CA LEU C 55 12.46 6.15 -29.35
C LEU C 55 12.79 7.41 -28.56
N ASN C 56 12.96 8.54 -29.25
CA ASN C 56 13.04 9.86 -28.63
C ASN C 56 14.29 10.06 -27.76
N SER C 57 15.40 9.43 -28.10
CA SER C 57 16.57 9.46 -27.22
C SER C 57 17.83 9.90 -27.97
N PRO C 58 18.49 10.97 -27.53
CA PRO C 58 19.84 11.30 -28.03
C PRO C 58 20.96 10.68 -27.21
N TYR C 59 20.63 9.94 -26.15
CA TYR C 59 21.61 9.52 -25.14
C TYR C 59 22.20 8.18 -25.59
N VAL C 60 23.25 8.27 -26.41
CA VAL C 60 23.88 7.12 -27.02
C VAL C 60 25.35 7.12 -26.63
N TYR C 61 25.82 6.01 -26.06
CA TYR C 61 27.16 5.94 -25.48
C TYR C 61 27.90 4.71 -25.98
N GLU C 62 29.23 4.80 -26.05
CA GLU C 62 30.05 3.66 -26.43
C GLU C 62 30.28 2.76 -25.21
N LEU C 63 30.19 1.45 -25.43
CA LEU C 63 30.50 0.48 -24.37
C LEU C 63 30.90 -0.85 -25.00
N ASP C 64 32.19 -1.16 -24.95
CA ASP C 64 32.70 -2.49 -25.20
C ASP C 64 32.95 -3.10 -23.82
N VAL C 65 32.08 -4.04 -23.41
CA VAL C 65 32.15 -4.57 -22.06
C VAL C 65 33.50 -5.21 -21.78
N SER C 66 34.27 -5.51 -22.82
CA SER C 66 35.61 -6.06 -22.64
C SER C 66 36.64 -5.01 -22.25
N LYS C 67 36.29 -3.71 -22.34
CA LYS C 67 37.21 -2.62 -22.05
C LYS C 67 36.81 -1.93 -20.75
N GLU C 68 37.54 -2.24 -19.67
CA GLU C 68 37.18 -1.69 -18.36
C GLU C 68 37.10 -0.17 -18.36
N GLU C 69 37.93 0.50 -19.19
CA GLU C 69 37.97 1.96 -19.19
C GLU C 69 36.69 2.60 -19.72
N HIS C 70 35.80 1.83 -20.37
CA HIS C 70 34.55 2.38 -20.87
C HIS C 70 33.49 2.58 -19.79
N PHE C 71 33.67 1.97 -18.62
CA PHE C 71 32.60 1.92 -17.62
C PHE C 71 32.46 3.21 -16.83
N LYS C 72 33.56 3.82 -16.40
CA LYS C 72 33.44 5.09 -15.68
C LYS C 72 32.86 6.20 -16.56
N PRO C 73 33.25 6.37 -17.83
CA PRO C 73 32.53 7.34 -18.69
C PRO C 73 31.05 7.02 -18.85
N LEU C 74 30.70 5.73 -18.93
CA LEU C 74 29.28 5.37 -19.00
C LEU C 74 28.57 5.89 -17.76
N TYR C 75 29.13 5.61 -16.59
CA TYR C 75 28.55 6.12 -15.35
C TYR C 75 28.41 7.65 -15.39
N ASP C 76 29.44 8.35 -15.89
CA ASP C 76 29.38 9.82 -15.93
C ASP C 76 28.30 10.28 -16.90
N SER C 77 28.20 9.64 -18.07
CA SER C 77 27.21 10.06 -19.07
C SER C 77 25.79 9.88 -18.55
N VAL C 78 25.49 8.69 -18.01
CA VAL C 78 24.14 8.41 -17.51
C VAL C 78 23.79 9.36 -16.38
N LYS C 79 24.73 9.57 -15.46
CA LYS C 79 24.45 10.46 -14.32
C LYS C 79 24.16 11.87 -14.80
N LYS C 80 24.89 12.35 -15.80
CA LYS C 80 24.69 13.71 -16.30
C LYS C 80 23.42 13.84 -17.14
N ASP C 81 23.08 12.82 -17.94
CA ASP C 81 21.94 12.93 -18.86
C ASP C 81 20.64 12.45 -18.25
N LEU C 82 20.67 11.42 -17.39
CA LEU C 82 19.47 10.86 -16.81
C LEU C 82 19.36 11.06 -15.31
N GLY C 83 20.46 11.28 -14.61
CA GLY C 83 20.41 11.52 -13.18
C GLY C 83 20.37 10.24 -12.37
N SER C 84 19.62 9.25 -12.82
CA SER C 84 19.46 7.99 -12.10
C SER C 84 18.76 7.01 -13.03
N LEU C 85 18.66 5.76 -12.57
CA LEU C 85 18.17 4.67 -13.42
C LEU C 85 17.06 3.92 -12.72
N ASP C 86 15.98 3.68 -13.44
CA ASP C 86 14.94 2.78 -12.95
C ASP C 86 15.08 1.37 -13.53
N PHE C 87 15.85 1.19 -14.60
CA PHE C 87 16.07 -0.16 -15.10
C PHE C 87 17.27 -0.20 -16.03
N ILE C 88 17.88 -1.38 -16.11
CA ILE C 88 18.99 -1.69 -17.01
C ILE C 88 18.59 -2.92 -17.81
N VAL C 89 18.82 -2.89 -19.12
CA VAL C 89 18.72 -4.09 -19.94
C VAL C 89 20.11 -4.54 -20.33
N HIS C 90 20.50 -5.76 -19.88
CA HIS C 90 21.77 -6.38 -20.25
C HIS C 90 21.49 -7.45 -21.30
N SER C 91 21.65 -7.06 -22.57
CA SER C 91 21.32 -7.91 -23.71
C SER C 91 22.55 -8.11 -24.61
N VAL C 92 23.61 -8.70 -24.08
CA VAL C 92 24.86 -8.88 -24.82
C VAL C 92 25.45 -10.24 -24.52
N ALA C 93 25.94 -10.90 -25.57
CA ALA C 93 26.70 -12.12 -25.40
C ALA C 93 27.62 -12.28 -26.58
N PHE C 94 28.63 -13.13 -26.42
CA PHE C 94 29.50 -13.50 -27.52
C PHE C 94 30.31 -14.73 -27.13
N ALA C 95 30.41 -15.68 -28.06
CA ALA C 95 31.41 -16.73 -28.07
C ALA C 95 31.89 -16.85 -29.51
N PRO C 96 33.17 -17.14 -29.72
CA PRO C 96 33.69 -17.27 -31.09
C PRO C 96 32.95 -18.39 -31.81
N LYS C 97 32.81 -18.24 -33.13
CA LYS C 97 31.94 -19.13 -33.90
C LYS C 97 32.46 -20.57 -33.87
N GLU C 98 33.79 -20.74 -33.92
CA GLU C 98 34.37 -22.09 -33.92
C GLU C 98 34.08 -22.87 -32.62
N ALA C 99 33.82 -22.19 -31.51
CA ALA C 99 33.42 -22.89 -30.28
C ALA C 99 32.00 -23.41 -30.34
N LEU C 100 31.14 -22.81 -31.15
CA LEU C 100 29.76 -23.24 -31.28
C LEU C 100 29.59 -24.36 -32.29
N GLU C 101 30.52 -24.52 -33.23
CA GLU C 101 30.59 -25.71 -34.06
C GLU C 101 31.40 -26.78 -33.36
N GLY C 102 31.27 -28.01 -33.83
CA GLY C 102 32.00 -29.08 -33.19
C GLY C 102 31.39 -29.41 -31.83
N SER C 103 32.24 -29.51 -30.80
CA SER C 103 31.85 -30.08 -29.52
C SER C 103 32.41 -29.25 -28.37
N LEU C 104 31.88 -29.51 -27.17
CA LEU C 104 32.36 -28.80 -25.99
C LEU C 104 33.79 -29.21 -25.62
N LEU C 105 34.08 -30.52 -25.66
CA LEU C 105 35.43 -31.02 -25.35
C LEU C 105 36.50 -30.24 -26.10
N GLU C 106 36.14 -29.70 -27.24
CA GLU C 106 36.99 -29.10 -28.25
C GLU C 106 37.22 -27.61 -28.00
N THR C 107 36.56 -27.05 -26.98
CA THR C 107 36.63 -25.63 -26.68
C THR C 107 38.04 -25.24 -26.21
N SER C 108 38.58 -24.17 -26.79
CA SER C 108 39.83 -23.60 -26.33
C SER C 108 39.61 -22.81 -25.06
N LYS C 109 40.71 -22.58 -24.32
CA LYS C 109 40.61 -21.82 -23.08
C LYS C 109 40.22 -20.38 -23.35
N SER C 110 40.74 -19.79 -24.43
CA SER C 110 40.47 -18.39 -24.68
C SER C 110 39.03 -18.18 -25.15
N ALA C 111 38.52 -19.12 -25.96
CA ALA C 111 37.08 -19.10 -26.29
C ALA C 111 36.24 -19.19 -25.03
N PHE C 112 36.60 -20.10 -24.11
CA PHE C 112 35.92 -20.22 -22.82
C PHE C 112 35.94 -18.90 -22.05
N ASN C 113 37.12 -18.28 -21.93
CA ASN C 113 37.22 -17.02 -21.19
C ASN C 113 36.42 -15.92 -21.85
N THR C 114 36.49 -15.83 -23.19
CA THR C 114 35.75 -14.77 -23.88
C THR C 114 34.25 -14.92 -23.65
N ALA C 115 33.73 -16.13 -23.85
CA ALA C 115 32.31 -16.36 -23.63
C ALA C 115 31.91 -15.98 -22.21
N MET C 116 32.66 -16.46 -21.21
CA MET C 116 32.32 -16.12 -19.83
C MET C 116 32.43 -14.63 -19.57
N GLU C 117 33.51 -14.01 -20.04
CA GLU C 117 33.74 -12.59 -19.74
C GLU C 117 32.66 -11.73 -20.38
N ILE C 118 32.40 -11.96 -21.67
CA ILE C 118 31.49 -11.08 -22.40
C ILE C 118 30.03 -11.35 -22.03
N SER C 119 29.68 -12.63 -21.84
CA SER C 119 28.28 -12.98 -21.62
C SER C 119 27.88 -12.95 -20.14
N VAL C 120 28.84 -13.08 -19.23
CA VAL C 120 28.49 -13.27 -17.82
C VAL C 120 29.12 -12.21 -16.95
N TYR C 121 30.46 -12.09 -16.98
CA TYR C 121 31.07 -11.08 -16.11
C TYR C 121 30.63 -9.66 -16.48
N SER C 122 30.29 -9.42 -17.75
CA SER C 122 29.82 -8.09 -18.13
C SER C 122 28.59 -7.65 -17.32
N LEU C 123 27.71 -8.59 -16.92
CA LEU C 123 26.57 -8.20 -16.09
C LEU C 123 27.03 -7.75 -14.71
N ILE C 124 28.02 -8.44 -14.15
CA ILE C 124 28.54 -8.07 -12.84
C ILE C 124 29.14 -6.66 -12.90
N GLU C 125 29.97 -6.41 -13.91
CA GLU C 125 30.68 -5.13 -14.01
C GLU C 125 29.72 -4.00 -14.37
N LEU C 126 28.77 -4.24 -15.27
CA LEU C 126 27.78 -3.23 -15.62
C LEU C 126 26.92 -2.83 -14.42
N THR C 127 26.42 -3.82 -13.67
CA THR C 127 25.54 -3.51 -12.55
C THR C 127 26.31 -2.86 -11.41
N ASN C 128 27.52 -3.32 -11.13
CA ASN C 128 28.31 -2.71 -10.08
C ASN C 128 28.67 -1.26 -10.42
N THR C 129 29.06 -1.01 -11.66
CA THR C 129 29.33 0.36 -12.10
C THR C 129 28.12 1.25 -11.87
N LEU C 130 26.92 0.77 -12.23
CA LEU C 130 25.76 1.66 -12.23
C LEU C 130 24.96 1.61 -10.94
N LYS C 131 25.29 0.71 -10.01
CA LYS C 131 24.51 0.54 -8.78
C LYS C 131 24.22 1.84 -8.03
N PRO C 132 25.19 2.75 -7.82
CA PRO C 132 24.85 4.02 -7.14
C PRO C 132 23.76 4.82 -7.83
N LEU C 133 23.53 4.60 -9.13
CA LEU C 133 22.51 5.35 -9.86
C LEU C 133 21.13 4.72 -9.80
N LEU C 134 21.00 3.51 -9.24
CA LEU C 134 19.77 2.77 -9.34
C LEU C 134 18.75 3.25 -8.30
N ASN C 135 17.54 3.55 -8.77
CA ASN C 135 16.52 4.05 -7.86
C ASN C 135 15.90 2.92 -7.05
N ASN C 136 15.15 3.31 -6.03
CA ASN C 136 14.29 2.38 -5.31
C ASN C 136 13.33 1.72 -6.29
N GLY C 137 13.18 0.40 -6.17
CA GLY C 137 12.27 -0.32 -7.04
C GLY C 137 12.79 -0.60 -8.43
N ALA C 138 14.08 -0.41 -8.68
CA ALA C 138 14.66 -0.59 -10.00
C ALA C 138 14.71 -2.08 -10.39
N SER C 139 14.91 -2.32 -11.68
CA SER C 139 14.83 -3.66 -12.24
C SER C 139 15.97 -3.87 -13.24
N VAL C 140 16.74 -4.93 -13.03
CA VAL C 140 17.85 -5.31 -13.91
C VAL C 140 17.46 -6.60 -14.63
N LEU C 141 17.57 -6.60 -15.95
CA LEU C 141 17.18 -7.74 -16.76
C LEU C 141 18.31 -8.18 -17.66
N THR C 142 18.54 -9.49 -17.76
CA THR C 142 19.48 -10.04 -18.73
C THR C 142 18.75 -11.08 -19.58
N LEU C 143 19.44 -11.59 -20.60
CA LEU C 143 18.82 -12.50 -21.56
C LEU C 143 19.49 -13.87 -21.50
N SER C 144 18.69 -14.93 -21.52
CA SER C 144 19.26 -16.27 -21.43
C SER C 144 18.52 -17.19 -22.39
N TYR C 145 18.82 -18.48 -22.29
CA TYR C 145 18.36 -19.45 -23.28
C TYR C 145 18.37 -20.83 -22.65
N LEU C 146 17.42 -21.67 -23.08
CA LEU C 146 17.25 -23.01 -22.52
C LEU C 146 18.53 -23.85 -22.56
N GLY C 147 19.48 -23.52 -23.43
CA GLY C 147 20.75 -24.22 -23.48
C GLY C 147 21.53 -24.19 -22.18
N SER C 148 21.13 -23.33 -21.23
CA SER C 148 21.80 -23.25 -19.93
C SER C 148 21.56 -24.51 -19.09
N THR C 149 20.34 -25.05 -19.13
CA THR C 149 19.96 -26.11 -18.20
C THR C 149 19.55 -27.40 -18.90
N LYS C 150 19.53 -27.40 -20.22
CA LYS C 150 19.35 -28.60 -21.01
C LYS C 150 20.33 -28.55 -22.16
N TYR C 151 20.65 -29.73 -22.68
CA TYR C 151 21.44 -29.77 -23.89
C TYR C 151 20.62 -29.22 -25.05
N MET C 152 21.21 -28.27 -25.78
CA MET C 152 20.69 -27.80 -27.06
C MET C 152 21.82 -27.91 -28.06
N ALA C 153 21.50 -28.28 -29.30
CA ALA C 153 22.51 -28.64 -30.28
C ALA C 153 23.52 -27.52 -30.44
N HIS C 154 24.72 -27.76 -29.91
CA HIS C 154 25.91 -26.98 -30.18
C HIS C 154 25.63 -25.50 -30.02
N TYR C 155 25.04 -25.25 -28.85
CA TYR C 155 25.20 -24.07 -28.04
C TYR C 155 26.49 -24.15 -27.23
N ASN C 156 26.90 -25.38 -26.85
CA ASN C 156 28.15 -25.72 -26.19
C ASN C 156 28.59 -24.71 -25.12
N VAL C 157 29.69 -23.99 -25.36
CA VAL C 157 30.23 -23.15 -24.29
C VAL C 157 29.26 -22.06 -23.87
N MET C 158 28.37 -21.62 -24.77
CA MET C 158 27.38 -20.62 -24.37
C MET C 158 26.38 -21.18 -23.38
N GLY C 159 26.08 -22.49 -23.48
CA GLY C 159 25.26 -23.13 -22.46
C GLY C 159 25.90 -23.03 -21.08
N LEU C 160 27.22 -23.21 -21.02
CA LEU C 160 27.92 -23.00 -19.74
C LEU C 160 27.82 -21.55 -19.31
N ALA C 161 28.01 -20.61 -20.25
CA ALA C 161 27.89 -19.19 -19.92
C ALA C 161 26.48 -18.85 -19.41
N LYS C 162 25.45 -19.31 -20.10
CA LYS C 162 24.10 -18.93 -19.69
C LYS C 162 23.71 -19.61 -18.39
N ALA C 163 24.30 -20.77 -18.09
CA ALA C 163 24.05 -21.38 -16.77
C ALA C 163 24.66 -20.53 -15.66
N ALA C 164 25.91 -20.08 -15.85
CA ALA C 164 26.51 -19.15 -14.89
C ALA C 164 25.73 -17.84 -14.82
N LEU C 165 25.24 -17.37 -15.96
CA LEU C 165 24.46 -16.13 -15.98
C LEU C 165 23.20 -16.24 -15.13
N GLU C 166 22.47 -17.36 -15.28
CA GLU C 166 21.26 -17.54 -14.48
C GLU C 166 21.59 -17.65 -13.00
N SER C 167 22.73 -18.26 -12.67
CA SER C 167 23.14 -18.28 -11.28
C SER C 167 23.48 -16.88 -10.78
N ALA C 168 24.17 -16.09 -11.62
CA ALA C 168 24.45 -14.70 -11.27
C ALA C 168 23.17 -13.96 -10.93
N VAL C 169 22.12 -14.14 -11.74
CA VAL C 169 20.83 -13.50 -11.51
C VAL C 169 20.32 -13.80 -10.10
N ARG C 170 20.52 -15.04 -9.63
CA ARG C 170 20.03 -15.40 -8.29
C ARG C 170 20.84 -14.72 -7.20
N TYR C 171 22.18 -14.70 -7.33
CA TYR C 171 23.03 -14.05 -6.34
C TYR C 171 22.87 -12.55 -6.37
N LEU C 172 22.71 -11.96 -7.57
CA LEU C 172 22.48 -10.52 -7.66
C LEU C 172 21.10 -10.12 -7.15
N ALA C 173 20.10 -10.98 -7.34
CA ALA C 173 18.79 -10.74 -6.76
C ALA C 173 18.88 -10.61 -5.24
N VAL C 174 19.76 -11.40 -4.61
CA VAL C 174 19.92 -11.32 -3.15
C VAL C 174 20.75 -10.10 -2.76
N ASP C 175 21.90 -9.89 -3.43
CA ASP C 175 22.74 -8.71 -3.16
C ASP C 175 21.93 -7.42 -3.22
N LEU C 176 21.17 -7.23 -4.29
CA LEU C 176 20.48 -5.98 -4.53
C LEU C 176 19.08 -5.96 -3.95
N GLY C 177 18.55 -7.12 -3.55
CA GLY C 177 17.20 -7.17 -3.05
C GLY C 177 16.99 -6.39 -1.76
N LYS C 178 18.04 -6.24 -0.95
CA LYS C 178 17.88 -5.44 0.26
C LYS C 178 17.75 -3.94 -0.04
N HIS C 179 18.07 -3.52 -1.26
CA HIS C 179 17.87 -2.15 -1.73
C HIS C 179 16.59 -2.02 -2.55
N ASN C 180 15.69 -3.00 -2.43
CA ASN C 180 14.46 -3.05 -3.21
C ASN C 180 14.72 -2.99 -4.71
N ILE C 181 15.75 -3.73 -5.16
CA ILE C 181 16.12 -3.81 -6.58
C ILE C 181 15.98 -5.26 -7.02
N ARG C 182 15.33 -5.47 -8.15
CA ARG C 182 15.04 -6.80 -8.67
C ARG C 182 16.01 -7.15 -9.79
N VAL C 183 16.26 -8.45 -9.97
CA VAL C 183 17.15 -8.95 -11.01
C VAL C 183 16.50 -10.19 -11.63
N ASN C 184 16.34 -10.19 -12.97
CA ASN C 184 15.68 -11.32 -13.62
C ASN C 184 16.35 -11.67 -14.93
N ALA C 185 16.09 -12.90 -15.40
CA ALA C 185 16.50 -13.31 -16.74
C ALA C 185 15.26 -13.66 -17.56
N LEU C 186 15.23 -13.18 -18.79
CA LEU C 186 14.25 -13.60 -19.80
C LEU C 186 14.90 -14.67 -20.67
N SER C 187 14.34 -15.88 -20.63
CA SER C 187 14.87 -16.99 -21.42
C SER C 187 14.06 -17.07 -22.71
N ALA C 188 14.63 -16.59 -23.80
CA ALA C 188 13.87 -16.50 -25.03
C ALA C 188 14.04 -17.76 -25.86
N GLY C 189 13.00 -18.10 -26.62
CA GLY C 189 13.14 -19.10 -27.66
C GLY C 189 14.06 -18.54 -28.74
N PRO C 190 14.44 -19.39 -29.69
CA PRO C 190 15.34 -18.91 -30.76
C PRO C 190 14.63 -17.89 -31.65
N ILE C 191 15.40 -16.91 -32.11
CA ILE C 191 14.86 -15.80 -32.89
C ILE C 191 15.98 -15.24 -33.76
N ARG C 192 15.62 -14.85 -34.99
CA ARG C 192 16.58 -14.37 -36.01
C ARG C 192 17.13 -13.02 -35.58
N THR C 193 18.43 -12.97 -35.30
CA THR C 193 19.11 -11.74 -34.94
C THR C 193 20.50 -11.78 -35.55
N LEU C 194 21.19 -10.63 -35.45
CA LEU C 194 22.57 -10.55 -35.93
C LEU C 194 23.44 -11.64 -35.32
N ALA C 195 23.38 -11.80 -34.00
CA ALA C 195 24.12 -12.88 -33.34
C ALA C 195 23.63 -14.26 -33.77
N SER C 196 22.31 -14.40 -34.02
CA SER C 196 21.76 -15.67 -34.47
C SER C 196 22.38 -16.11 -35.79
N SER C 197 22.48 -15.17 -36.75
CA SER C 197 22.98 -15.53 -38.07
C SER C 197 24.43 -15.97 -38.04
N GLY C 198 25.16 -15.64 -36.98
CA GLY C 198 26.52 -16.09 -36.79
C GLY C 198 26.68 -17.51 -36.30
N ILE C 199 25.59 -18.23 -36.03
CA ILE C 199 25.66 -19.64 -35.64
C ILE C 199 25.29 -20.48 -36.86
N ALA C 200 26.23 -21.34 -37.28
CA ALA C 200 25.99 -22.22 -38.42
C ALA C 200 24.82 -23.14 -38.14
N ASP C 201 23.90 -23.24 -39.13
CA ASP C 201 22.75 -24.12 -39.05
C ASP C 201 21.78 -23.70 -37.94
N PHE C 202 21.65 -22.40 -37.72
CA PHE C 202 20.70 -21.92 -36.72
C PHE C 202 19.26 -22.11 -37.16
N ARG C 203 19.00 -22.12 -38.47
CA ARG C 203 17.65 -22.30 -38.96
C ARG C 203 17.07 -23.66 -38.58
N MET C 204 17.92 -24.65 -38.33
CA MET C 204 17.44 -25.94 -37.88
C MET C 204 16.87 -25.85 -36.46
N ILE C 205 17.54 -25.09 -35.59
CA ILE C 205 17.03 -24.88 -34.24
C ILE C 205 15.70 -24.15 -34.28
N LEU C 206 15.62 -23.12 -35.12
CA LEU C 206 14.41 -22.33 -35.22
C LEU C 206 13.25 -23.17 -35.75
N LYS C 207 13.54 -24.02 -36.74
CA LYS C 207 12.51 -24.88 -37.30
C LYS C 207 12.09 -25.99 -36.32
N TRP C 208 13.04 -26.54 -35.56
CA TRP C 208 12.71 -27.57 -34.57
C TRP C 208 11.83 -27.01 -33.45
N ASN C 209 12.19 -25.85 -32.93
CA ASN C 209 11.36 -25.06 -32.04
C ASN C 209 9.98 -24.75 -32.60
N GLU C 210 9.90 -24.37 -33.87
CA GLU C 210 8.60 -23.99 -34.41
C GLU C 210 7.65 -25.17 -34.48
N ILE C 211 8.16 -26.32 -34.90
CA ILE C 211 7.30 -27.48 -35.09
C ILE C 211 6.93 -28.11 -33.76
N ASN C 212 7.83 -28.07 -32.77
CA ASN C 212 7.63 -28.82 -31.53
C ASN C 212 7.13 -27.98 -30.37
N ALA C 213 7.15 -26.65 -30.47
CA ALA C 213 6.62 -25.81 -29.42
C ALA C 213 5.11 -26.04 -29.26
N PRO C 214 4.61 -26.07 -28.03
CA PRO C 214 3.15 -26.16 -27.82
C PRO C 214 2.34 -25.25 -28.73
N LEU C 215 2.73 -23.99 -28.84
CA LEU C 215 2.00 -23.04 -29.67
C LEU C 215 2.36 -23.13 -31.15
N ARG C 216 3.22 -24.07 -31.52
CA ARG C 216 3.52 -24.34 -32.93
C ARG C 216 3.94 -23.08 -33.68
N LYS C 217 4.71 -22.22 -33.00
CA LYS C 217 5.26 -21.05 -33.65
C LYS C 217 6.60 -20.68 -33.01
N ASN C 218 7.40 -19.91 -33.74
CA ASN C 218 8.52 -19.20 -33.13
C ASN C 218 7.99 -17.94 -32.46
N VAL C 219 8.72 -17.45 -31.46
CA VAL C 219 8.32 -16.22 -30.79
C VAL C 219 8.69 -15.03 -31.67
N SER C 220 7.85 -13.99 -31.63
CA SER C 220 8.13 -12.76 -32.33
C SER C 220 9.02 -11.85 -31.48
N LEU C 221 9.61 -10.84 -32.15
CA LEU C 221 10.42 -9.85 -31.45
C LEU C 221 9.58 -9.08 -30.42
N GLU C 222 8.36 -8.68 -30.81
CA GLU C 222 7.43 -7.96 -29.94
C GLU C 222 6.96 -8.82 -28.75
N GLU C 223 6.90 -10.14 -28.90
CA GLU C 223 6.57 -10.97 -27.75
C GLU C 223 7.71 -10.99 -26.77
N VAL C 224 8.95 -11.10 -27.24
CA VAL C 224 10.07 -11.00 -26.33
C VAL C 224 10.14 -9.61 -25.71
N GLY C 225 9.90 -8.58 -26.52
CA GLY C 225 9.95 -7.22 -25.99
C GLY C 225 8.91 -6.96 -24.92
N ASN C 226 7.68 -7.43 -25.12
CA ASN C 226 6.61 -7.17 -24.14
C ASN C 226 6.87 -7.89 -22.82
N ALA C 227 7.43 -9.10 -22.89
CA ALA C 227 7.81 -9.81 -21.66
C ALA C 227 8.94 -9.09 -20.95
N GLY C 228 9.93 -8.60 -21.71
CA GLY C 228 10.98 -7.80 -21.09
C GLY C 228 10.42 -6.58 -20.37
N MET C 229 9.58 -5.80 -21.06
CA MET C 229 8.97 -4.63 -20.46
C MET C 229 8.23 -4.96 -19.17
N TYR C 230 7.43 -6.03 -19.18
CA TYR C 230 6.77 -6.46 -17.96
C TYR C 230 7.76 -6.63 -16.81
N LEU C 231 8.83 -7.40 -17.05
CA LEU C 231 9.84 -7.64 -16.02
C LEU C 231 10.56 -6.35 -15.61
N LEU C 232 10.67 -5.38 -16.52
CA LEU C 232 11.32 -4.13 -16.16
C LEU C 232 10.41 -3.17 -15.43
N SER C 233 9.09 -3.34 -15.57
CA SER C 233 8.11 -2.42 -15.04
C SER C 233 7.62 -2.85 -13.65
N SER C 234 6.91 -1.94 -13.00
CA SER C 234 6.41 -2.19 -11.65
C SER C 234 5.33 -3.27 -11.61
N LEU C 235 4.78 -3.69 -12.77
CA LEU C 235 3.84 -4.80 -12.75
C LEU C 235 4.45 -6.06 -12.15
N SER C 236 5.76 -6.20 -12.28
CA SER C 236 6.48 -7.39 -11.85
C SER C 236 7.26 -7.14 -10.56
N SER C 237 6.85 -6.14 -9.79
CA SER C 237 7.59 -5.79 -8.58
C SER C 237 7.56 -6.89 -7.52
N GLY C 238 6.70 -7.90 -7.65
CA GLY C 238 6.80 -9.09 -6.82
C GLY C 238 7.69 -10.18 -7.37
N VAL C 239 8.40 -9.93 -8.46
CA VAL C 239 9.16 -10.96 -9.18
C VAL C 239 10.65 -10.63 -9.10
N SER C 240 11.45 -11.56 -8.58
CA SER C 240 12.91 -11.39 -8.66
C SER C 240 13.60 -12.74 -8.64
N GLY C 241 14.84 -12.76 -9.13
CA GLY C 241 15.59 -13.99 -9.21
C GLY C 241 14.99 -15.01 -10.15
N GLU C 242 14.15 -14.56 -11.08
CA GLU C 242 13.32 -15.43 -11.89
C GLU C 242 13.93 -15.62 -13.28
N VAL C 243 13.76 -16.81 -13.82
CA VAL C 243 14.09 -17.13 -15.21
C VAL C 243 12.76 -17.34 -15.91
N HIS C 244 12.40 -16.41 -16.78
CA HIS C 244 11.07 -16.31 -17.37
C HIS C 244 11.16 -16.76 -18.83
N PHE C 245 10.49 -17.86 -19.17
CA PHE C 245 10.54 -18.37 -20.53
C PHE C 245 9.55 -17.65 -21.42
N VAL C 246 10.06 -17.11 -22.54
CA VAL C 246 9.22 -16.56 -23.60
C VAL C 246 9.62 -17.30 -24.89
N ASP C 247 8.99 -18.44 -25.11
CA ASP C 247 9.53 -19.41 -26.06
C ASP C 247 8.42 -20.20 -26.72
N ALA C 248 7.19 -19.69 -26.74
CA ALA C 248 6.02 -20.38 -27.26
C ALA C 248 5.74 -21.67 -26.50
N GLY C 249 6.25 -21.79 -25.28
CA GLY C 249 6.04 -22.97 -24.45
C GLY C 249 7.03 -24.09 -24.67
N TYR C 250 8.08 -23.88 -25.47
CA TYR C 250 8.91 -24.99 -25.91
C TYR C 250 9.55 -25.72 -24.73
N HIS C 251 9.87 -25.00 -23.64
CA HIS C 251 10.57 -25.57 -22.50
C HIS C 251 9.83 -26.75 -21.83
N VAL C 252 8.52 -26.87 -22.01
CA VAL C 252 7.82 -27.98 -21.35
C VAL C 252 8.04 -29.32 -22.05
N MET C 253 8.60 -29.31 -23.26
CA MET C 253 8.63 -30.51 -24.09
C MET C 253 9.74 -31.44 -23.60
N GLY C 254 9.36 -32.68 -23.29
CA GLY C 254 10.34 -33.70 -22.97
C GLY C 254 10.75 -34.55 -24.15
N MET C 255 10.11 -34.35 -25.29
CA MET C 255 10.39 -35.11 -26.51
C MET C 255 9.74 -34.34 -27.66
N GLY C 256 9.87 -34.88 -28.87
CA GLY C 256 9.23 -34.25 -30.02
C GLY C 256 7.71 -34.39 -29.95
N ALA C 257 7.02 -33.40 -30.52
CA ALA C 257 5.57 -33.45 -30.50
C ALA C 257 5.06 -34.52 -31.45
N VAL C 258 3.84 -35.01 -31.16
CA VAL C 258 3.23 -36.08 -31.93
C VAL C 258 1.82 -35.66 -32.37
N GLU C 259 1.25 -36.49 -33.25
CA GLU C 259 -0.12 -36.36 -33.71
C GLU C 259 -0.75 -37.75 -33.83
N THR C 266 2.54 -40.32 -34.64
CA THR C 266 3.49 -39.80 -35.63
C THR C 266 4.10 -38.49 -35.16
N LEU C 267 5.41 -38.36 -35.28
CA LEU C 267 6.10 -37.13 -34.91
C LEU C 267 5.70 -36.02 -35.88
N LEU C 268 5.29 -34.88 -35.32
CA LEU C 268 5.06 -33.69 -36.14
C LEU C 268 6.26 -33.40 -37.03
N TRP C 269 7.46 -33.67 -36.53
CA TRP C 269 8.67 -33.49 -37.34
C TRP C 269 8.63 -34.37 -38.59
N ASP C 270 8.10 -35.59 -38.46
CA ASP C 270 8.04 -36.48 -39.61
C ASP C 270 6.94 -36.11 -40.59
N LEU C 271 5.85 -35.51 -40.09
CA LEU C 271 4.84 -34.95 -41.00
C LEU C 271 5.45 -33.81 -41.80
N HIS C 272 6.16 -32.90 -41.12
CA HIS C 272 6.99 -31.90 -41.77
C HIS C 272 8.01 -32.53 -42.71
N LYS C 273 8.25 -33.83 -42.56
CA LYS C 273 9.17 -34.62 -43.37
C LYS C 273 10.58 -34.07 -43.25
N MET D 1 36.03 -59.96 -5.70
CA MET D 1 36.24 -58.54 -5.46
C MET D 1 35.05 -57.72 -6.00
N GLY D 2 35.16 -56.40 -5.92
CA GLY D 2 34.05 -55.50 -6.06
C GLY D 2 33.76 -55.02 -7.47
N PHE D 3 32.95 -53.97 -7.54
CA PHE D 3 32.41 -53.49 -8.80
C PHE D 3 33.35 -52.61 -9.57
N LEU D 4 34.62 -52.54 -9.17
CA LEU D 4 35.64 -51.84 -9.94
C LEU D 4 36.88 -52.70 -10.09
N LYS D 5 36.76 -54.02 -9.93
CA LYS D 5 37.93 -54.88 -9.97
C LYS D 5 38.48 -54.91 -11.39
N GLY D 6 39.79 -54.69 -11.52
CA GLY D 6 40.41 -54.55 -12.82
C GLY D 6 40.17 -53.22 -13.49
N LYS D 7 39.49 -52.27 -12.84
CA LYS D 7 39.18 -50.99 -13.45
C LYS D 7 40.24 -49.95 -13.06
N LYS D 8 40.65 -49.15 -14.03
CA LYS D 8 41.70 -48.17 -13.83
C LYS D 8 41.08 -46.78 -13.72
N GLY D 9 41.46 -46.05 -12.68
CA GLY D 9 40.89 -44.73 -12.45
C GLY D 9 41.90 -43.69 -12.03
N LEU D 10 41.75 -42.49 -12.57
CA LEU D 10 42.55 -41.34 -12.19
C LEU D 10 41.78 -40.45 -11.20
N ILE D 11 42.42 -40.11 -10.08
CA ILE D 11 41.84 -39.31 -9.02
C ILE D 11 42.53 -37.95 -9.01
N VAL D 12 41.83 -36.90 -9.41
CA VAL D 12 42.37 -35.54 -9.44
C VAL D 12 41.73 -34.74 -8.32
N GLY D 13 42.51 -34.38 -7.30
CA GLY D 13 41.99 -33.50 -6.28
C GLY D 13 42.23 -33.87 -4.83
N VAL D 14 43.03 -34.90 -4.58
CA VAL D 14 43.37 -35.25 -3.20
C VAL D 14 44.27 -34.17 -2.61
N ALA D 15 43.88 -33.61 -1.47
CA ALA D 15 44.69 -32.67 -0.72
C ALA D 15 45.19 -33.24 0.60
N ASN D 16 44.36 -34.05 1.27
CA ASN D 16 44.73 -34.85 2.43
C ASN D 16 43.66 -35.91 2.63
N ASN D 17 43.70 -36.58 3.79
CA ASN D 17 42.74 -37.65 4.03
C ASN D 17 41.34 -37.14 4.39
N LYS D 18 41.11 -35.82 4.34
CA LYS D 18 39.77 -35.29 4.45
C LYS D 18 39.17 -34.91 3.11
N SER D 19 39.97 -34.91 2.04
CA SER D 19 39.47 -34.52 0.71
C SER D 19 38.32 -35.41 0.27
N ILE D 20 37.32 -34.81 -0.36
CA ILE D 20 36.27 -35.59 -1.00
C ILE D 20 36.88 -36.61 -1.95
N ALA D 21 37.87 -36.19 -2.75
CA ALA D 21 38.58 -37.10 -3.64
C ALA D 21 39.17 -38.29 -2.89
N TYR D 22 39.62 -38.08 -1.66
CA TYR D 22 40.17 -39.20 -0.90
C TYR D 22 39.07 -40.20 -0.56
N GLY D 23 37.93 -39.72 -0.03
CA GLY D 23 36.85 -40.62 0.33
C GLY D 23 36.32 -41.40 -0.85
N ILE D 24 36.23 -40.76 -2.03
CA ILE D 24 35.80 -41.47 -3.23
C ILE D 24 36.86 -42.49 -3.64
N ALA D 25 38.13 -42.08 -3.63
CA ALA D 25 39.21 -43.01 -3.94
C ALA D 25 39.19 -44.23 -3.02
N GLN D 26 39.01 -43.98 -1.73
CA GLN D 26 38.99 -45.06 -0.74
C GLN D 26 37.88 -46.05 -1.04
N SER D 27 36.67 -45.55 -1.33
CA SER D 27 35.57 -46.44 -1.70
C SER D 27 35.89 -47.21 -2.98
N CYS D 28 36.45 -46.55 -3.99
CA CYS D 28 36.78 -47.22 -5.24
C CYS D 28 37.81 -48.32 -5.00
N PHE D 29 38.78 -48.05 -4.13
CA PHE D 29 39.82 -49.04 -3.82
C PHE D 29 39.21 -50.26 -3.15
N ASN D 30 38.28 -50.05 -2.21
CA ASN D 30 37.60 -51.18 -1.58
C ASN D 30 36.78 -52.01 -2.55
N GLN D 31 36.47 -51.47 -3.74
CA GLN D 31 35.79 -52.24 -4.76
C GLN D 31 36.75 -52.77 -5.82
N GLY D 32 38.05 -52.73 -5.54
CA GLY D 32 39.03 -53.41 -6.37
C GLY D 32 39.61 -52.62 -7.52
N ALA D 33 39.55 -51.29 -7.48
CA ALA D 33 40.01 -50.45 -8.57
C ALA D 33 41.53 -50.29 -8.57
N THR D 34 42.10 -50.13 -9.76
CA THR D 34 43.49 -49.73 -9.90
C THR D 34 43.55 -48.21 -9.99
N LEU D 35 44.20 -47.57 -9.02
CA LEU D 35 44.13 -46.13 -8.84
C LEU D 35 45.43 -45.45 -9.23
N ALA D 36 45.30 -44.19 -9.66
CA ALA D 36 46.41 -43.29 -9.91
C ALA D 36 45.97 -41.89 -9.50
N PHE D 37 46.93 -41.06 -9.12
CA PHE D 37 46.61 -39.81 -8.41
C PHE D 37 47.42 -38.65 -8.98
N THR D 38 46.84 -37.46 -8.90
CA THR D 38 47.54 -36.22 -9.24
C THR D 38 47.62 -35.32 -8.02
N TYR D 39 48.62 -34.44 -8.03
CA TYR D 39 48.84 -33.46 -6.97
C TYR D 39 49.14 -32.11 -7.60
N LEU D 40 48.86 -31.05 -6.86
CA LEU D 40 49.03 -29.70 -7.39
C LEU D 40 50.51 -29.31 -7.46
N ASN D 41 51.23 -29.42 -6.35
CA ASN D 41 52.64 -29.02 -6.29
C ASN D 41 53.37 -29.95 -5.30
N GLU D 42 54.66 -29.67 -5.07
CA GLU D 42 55.47 -30.50 -4.18
C GLU D 42 54.92 -30.51 -2.76
N SER D 43 54.36 -29.39 -2.30
CA SER D 43 53.77 -29.34 -0.96
C SER D 43 52.63 -30.35 -0.85
N LEU D 44 51.78 -30.41 -1.85
CA LEU D 44 50.63 -31.29 -1.83
C LEU D 44 51.01 -32.72 -2.14
N GLU D 45 52.04 -32.92 -2.97
CA GLU D 45 52.60 -34.25 -3.19
C GLU D 45 53.02 -34.91 -1.89
N LYS D 46 53.43 -34.12 -0.90
CA LYS D 46 53.83 -34.68 0.39
C LYS D 46 52.69 -35.39 1.10
N ARG D 47 51.43 -35.11 0.74
CA ARG D 47 50.35 -35.84 1.37
C ARG D 47 49.65 -36.78 0.40
N VAL D 48 49.74 -36.49 -0.91
CA VAL D 48 49.15 -37.36 -1.92
C VAL D 48 49.95 -38.66 -2.05
N ARG D 49 51.28 -38.58 -1.93
CA ARG D 49 52.09 -39.80 -2.07
C ARG D 49 51.80 -40.83 -1.00
N PRO D 50 51.78 -40.51 0.30
CA PRO D 50 51.39 -41.55 1.28
C PRO D 50 49.97 -42.08 1.06
N ILE D 51 49.03 -41.20 0.68
CA ILE D 51 47.64 -41.62 0.48
C ILE D 51 47.53 -42.57 -0.70
N ALA D 52 48.20 -42.25 -1.81
CA ALA D 52 48.22 -43.18 -2.93
C ALA D 52 48.82 -44.52 -2.52
N GLN D 53 49.76 -44.50 -1.58
CA GLN D 53 50.44 -45.74 -1.24
C GLN D 53 49.60 -46.60 -0.30
N GLU D 54 48.84 -45.99 0.62
CA GLU D 54 47.92 -46.80 1.41
C GLU D 54 46.80 -47.38 0.56
N LEU D 55 46.58 -46.82 -0.64
CA LEU D 55 45.65 -47.37 -1.60
C LEU D 55 46.35 -48.12 -2.74
N ASN D 56 47.59 -48.59 -2.50
CA ASN D 56 48.32 -49.50 -3.39
C ASN D 56 48.55 -48.93 -4.78
N SER D 57 48.85 -47.64 -4.83
CA SER D 57 49.10 -46.97 -6.09
C SER D 57 50.52 -46.44 -6.12
N PRO D 58 51.36 -46.90 -7.05
CA PRO D 58 52.64 -46.22 -7.29
C PRO D 58 52.54 -45.06 -8.25
N TYR D 59 51.36 -44.76 -8.78
CA TYR D 59 51.19 -43.82 -9.89
C TYR D 59 50.73 -42.45 -9.36
N VAL D 60 51.65 -41.48 -9.37
CA VAL D 60 51.43 -40.19 -8.73
C VAL D 60 52.00 -39.14 -9.68
N TYR D 61 51.15 -38.28 -10.23
CA TYR D 61 51.56 -37.33 -11.26
C TYR D 61 51.22 -35.91 -10.84
N GLU D 62 52.00 -34.96 -11.37
CA GLU D 62 51.77 -33.55 -11.08
C GLU D 62 50.74 -33.00 -12.05
N LEU D 63 49.78 -32.24 -11.54
CA LEU D 63 48.80 -31.59 -12.39
C LEU D 63 48.33 -30.32 -11.69
N ASP D 64 48.83 -29.18 -12.16
CA ASP D 64 48.25 -27.87 -11.88
C ASP D 64 47.38 -27.54 -13.09
N VAL D 65 46.06 -27.50 -12.87
CA VAL D 65 45.15 -27.38 -14.01
C VAL D 65 45.26 -26.04 -14.70
N SER D 66 45.91 -25.06 -14.07
CA SER D 66 46.17 -23.78 -14.69
C SER D 66 47.41 -23.78 -15.60
N LYS D 67 48.19 -24.86 -15.61
CA LYS D 67 49.40 -24.97 -16.44
C LYS D 67 49.16 -26.03 -17.52
N GLU D 68 48.85 -25.60 -18.74
CA GLU D 68 48.53 -26.58 -19.76
C GLU D 68 49.73 -27.39 -20.21
N GLU D 69 50.94 -26.97 -19.85
CA GLU D 69 52.12 -27.77 -20.14
C GLU D 69 52.13 -29.07 -19.34
N HIS D 70 51.32 -29.18 -18.31
CA HIS D 70 51.25 -30.40 -17.50
C HIS D 70 50.42 -31.50 -18.15
N PHE D 71 49.63 -31.18 -19.18
CA PHE D 71 48.54 -32.04 -19.60
C PHE D 71 48.99 -33.15 -20.53
N LYS D 72 49.84 -32.84 -21.54
CA LYS D 72 50.31 -33.99 -22.33
C LYS D 72 51.31 -34.85 -21.57
N PRO D 73 52.15 -34.28 -20.68
CA PRO D 73 52.90 -35.16 -19.76
C PRO D 73 51.99 -36.12 -18.99
N LEU D 74 50.87 -35.61 -18.46
CA LEU D 74 49.94 -36.48 -17.75
C LEU D 74 49.42 -37.57 -18.67
N TYR D 75 49.03 -37.19 -19.88
CA TYR D 75 48.60 -38.17 -20.87
C TYR D 75 49.65 -39.24 -21.05
N ASP D 76 50.91 -38.83 -21.23
CA ASP D 76 51.98 -39.79 -21.45
C ASP D 76 52.16 -40.70 -20.24
N SER D 77 52.22 -40.10 -19.04
CA SER D 77 52.36 -40.89 -17.82
C SER D 77 51.26 -41.93 -17.69
N VAL D 78 50.02 -41.54 -17.92
CA VAL D 78 48.90 -42.48 -17.80
C VAL D 78 49.02 -43.57 -18.87
N LYS D 79 49.14 -43.17 -20.14
CA LYS D 79 49.24 -44.13 -21.25
C LYS D 79 50.33 -45.17 -21.00
N LYS D 80 51.48 -44.73 -20.49
CA LYS D 80 52.56 -45.68 -20.21
C LYS D 80 52.21 -46.58 -19.03
N ASP D 81 51.84 -45.98 -17.90
CA ASP D 81 51.73 -46.74 -16.64
C ASP D 81 50.47 -47.58 -16.57
N LEU D 82 49.37 -47.13 -17.18
CA LEU D 82 48.10 -47.82 -17.08
C LEU D 82 47.52 -48.25 -18.42
N GLY D 83 47.95 -47.65 -19.53
CA GLY D 83 47.47 -48.04 -20.83
C GLY D 83 46.13 -47.44 -21.22
N SER D 84 45.23 -47.31 -20.24
CA SER D 84 43.88 -46.83 -20.49
C SER D 84 43.25 -46.46 -19.15
N LEU D 85 42.05 -45.89 -19.23
CA LEU D 85 41.32 -45.44 -18.05
C LEU D 85 39.87 -45.88 -18.14
N ASP D 86 39.34 -46.37 -17.02
CA ASP D 86 37.92 -46.67 -16.92
C ASP D 86 37.12 -45.61 -16.18
N PHE D 87 37.78 -44.69 -15.47
CA PHE D 87 37.05 -43.60 -14.82
C PHE D 87 37.99 -42.50 -14.40
N ILE D 88 37.44 -41.29 -14.29
CA ILE D 88 38.16 -40.09 -13.90
C ILE D 88 37.38 -39.38 -12.80
N VAL D 89 38.07 -38.97 -11.74
CA VAL D 89 37.46 -38.14 -10.70
C VAL D 89 38.07 -36.74 -10.79
N HIS D 90 37.20 -35.76 -11.05
CA HIS D 90 37.57 -34.35 -11.14
C HIS D 90 37.07 -33.69 -9.86
N SER D 91 37.96 -33.49 -8.89
CA SER D 91 37.58 -33.01 -7.56
C SER D 91 38.41 -31.78 -7.23
N VAL D 92 38.17 -30.70 -7.97
CA VAL D 92 39.05 -29.53 -7.97
C VAL D 92 38.19 -28.27 -8.06
N ALA D 93 38.47 -27.31 -7.19
CA ALA D 93 37.88 -25.98 -7.32
C ALA D 93 38.78 -24.99 -6.60
N PHE D 94 38.60 -23.71 -6.94
CA PHE D 94 39.26 -22.62 -6.24
C PHE D 94 38.63 -21.31 -6.65
N ALA D 95 38.46 -20.41 -5.68
CA ALA D 95 38.19 -19.02 -5.94
C ALA D 95 38.98 -18.25 -4.90
N PRO D 96 39.52 -17.09 -5.25
CA PRO D 96 40.14 -16.22 -4.24
C PRO D 96 39.23 -16.07 -3.03
N LYS D 97 39.81 -16.26 -1.85
CA LYS D 97 39.06 -16.21 -0.60
C LYS D 97 38.26 -14.91 -0.48
N GLU D 98 38.79 -13.82 -1.00
CA GLU D 98 38.04 -12.56 -0.95
C GLU D 98 36.73 -12.68 -1.73
N ALA D 99 36.73 -13.44 -2.83
CA ALA D 99 35.55 -13.52 -3.67
C ALA D 99 34.39 -14.28 -3.03
N LEU D 100 34.67 -15.12 -2.02
CA LEU D 100 33.58 -15.74 -1.28
C LEU D 100 33.18 -14.94 -0.04
N GLU D 101 33.84 -13.81 0.19
CA GLU D 101 33.40 -12.82 1.16
C GLU D 101 32.40 -11.86 0.52
N GLY D 102 31.54 -11.29 1.34
CA GLY D 102 30.73 -10.16 0.88
C GLY D 102 29.79 -10.54 -0.25
N SER D 103 29.84 -9.75 -1.32
CA SER D 103 28.84 -9.78 -2.37
C SER D 103 29.42 -10.25 -3.70
N LEU D 104 28.55 -10.79 -4.56
CA LEU D 104 28.96 -11.09 -5.92
C LEU D 104 29.29 -9.81 -6.68
N LEU D 105 28.63 -8.69 -6.35
CA LEU D 105 28.79 -7.43 -7.10
C LEU D 105 30.23 -6.91 -7.08
N GLU D 106 30.97 -7.14 -6.00
CA GLU D 106 32.37 -6.76 -5.89
C GLU D 106 33.37 -7.76 -6.47
N THR D 107 32.92 -8.80 -7.17
CA THR D 107 33.87 -9.74 -7.74
C THR D 107 34.69 -9.05 -8.83
N SER D 108 36.01 -9.20 -8.74
CA SER D 108 36.92 -8.70 -9.76
C SER D 108 36.98 -9.66 -10.96
N LYS D 109 37.35 -9.11 -12.12
CA LYS D 109 37.42 -9.90 -13.33
C LYS D 109 38.43 -11.04 -13.20
N SER D 110 39.60 -10.76 -12.62
CA SER D 110 40.59 -11.81 -12.44
C SER D 110 40.08 -12.90 -11.50
N ALA D 111 39.42 -12.50 -10.41
CA ALA D 111 38.83 -13.48 -9.51
C ALA D 111 37.82 -14.36 -10.24
N PHE D 112 36.95 -13.73 -11.05
CA PHE D 112 35.97 -14.45 -11.85
C PHE D 112 36.65 -15.44 -12.81
N ASN D 113 37.67 -14.98 -13.53
CA ASN D 113 38.35 -15.85 -14.50
C ASN D 113 39.04 -17.02 -13.83
N THR D 114 39.72 -16.76 -12.71
CA THR D 114 40.37 -17.84 -11.96
C THR D 114 39.36 -18.90 -11.53
N ALA D 115 38.25 -18.46 -10.92
CA ALA D 115 37.21 -19.39 -10.49
C ALA D 115 36.68 -20.20 -11.66
N MET D 116 36.40 -19.55 -12.78
CA MET D 116 35.85 -20.27 -13.94
C MET D 116 36.88 -21.22 -14.53
N GLU D 117 38.14 -20.80 -14.60
CA GLU D 117 39.16 -21.65 -15.20
C GLU D 117 39.48 -22.84 -14.31
N ILE D 118 39.71 -22.59 -13.01
CA ILE D 118 40.11 -23.70 -12.15
C ILE D 118 38.96 -24.69 -11.99
N SER D 119 37.74 -24.17 -11.82
CA SER D 119 36.61 -25.00 -11.40
C SER D 119 35.83 -25.61 -12.56
N VAL D 120 35.88 -25.00 -13.74
CA VAL D 120 35.01 -25.42 -14.82
C VAL D 120 35.85 -25.88 -16.02
N TYR D 121 36.64 -24.96 -16.59
CA TYR D 121 37.37 -25.30 -17.81
C TYR D 121 38.30 -26.49 -17.59
N SER D 122 38.81 -26.65 -16.36
CA SER D 122 39.70 -27.77 -16.06
C SER D 122 39.03 -29.12 -16.31
N LEU D 123 37.72 -29.22 -16.09
CA LEU D 123 37.04 -30.47 -16.46
C LEU D 123 37.11 -30.71 -17.96
N ILE D 124 36.91 -29.65 -18.76
CA ILE D 124 36.97 -29.78 -20.22
C ILE D 124 38.37 -30.19 -20.66
N GLU D 125 39.38 -29.47 -20.17
CA GLU D 125 40.75 -29.76 -20.62
C GLU D 125 41.20 -31.15 -20.17
N LEU D 126 40.90 -31.53 -18.92
CA LEU D 126 41.29 -32.85 -18.41
C LEU D 126 40.63 -33.96 -19.20
N THR D 127 39.33 -33.83 -19.46
CA THR D 127 38.63 -34.88 -20.19
C THR D 127 39.09 -34.94 -21.65
N ASN D 128 39.27 -33.80 -22.30
CA ASN D 128 39.73 -33.82 -23.68
C ASN D 128 41.11 -34.44 -23.80
N THR D 129 42.03 -34.08 -22.90
CA THR D 129 43.36 -34.69 -22.91
C THR D 129 43.29 -36.21 -22.79
N LEU D 130 42.44 -36.72 -21.91
CA LEU D 130 42.46 -38.14 -21.61
C LEU D 130 41.49 -38.94 -22.46
N LYS D 131 40.77 -38.28 -23.36
CA LYS D 131 39.73 -38.96 -24.13
C LYS D 131 40.24 -40.17 -24.90
N PRO D 132 41.36 -40.11 -25.62
CA PRO D 132 41.83 -41.33 -26.33
C PRO D 132 42.12 -42.51 -25.40
N LEU D 133 42.39 -42.27 -24.12
CA LEU D 133 42.65 -43.37 -23.19
C LEU D 133 41.39 -43.92 -22.56
N LEU D 134 40.23 -43.29 -22.77
CA LEU D 134 39.00 -43.74 -22.12
C LEU D 134 38.45 -44.96 -22.85
N ASN D 135 38.24 -46.03 -22.10
CA ASN D 135 37.64 -47.24 -22.65
C ASN D 135 36.12 -47.13 -22.69
N ASN D 136 35.51 -48.04 -23.46
CA ASN D 136 34.07 -48.15 -23.51
C ASN D 136 33.49 -48.34 -22.10
N GLY D 137 32.41 -47.63 -21.81
CA GLY D 137 31.82 -47.73 -20.49
C GLY D 137 32.49 -46.89 -19.43
N ALA D 138 33.46 -46.06 -19.80
CA ALA D 138 34.14 -45.24 -18.81
C ALA D 138 33.16 -44.28 -18.14
N SER D 139 33.60 -43.73 -17.01
CA SER D 139 32.75 -42.85 -16.20
C SER D 139 33.56 -41.64 -15.77
N VAL D 140 33.06 -40.44 -16.03
CA VAL D 140 33.73 -39.22 -15.61
C VAL D 140 32.84 -38.52 -14.58
N LEU D 141 33.40 -38.21 -13.42
CA LEU D 141 32.65 -37.64 -12.32
C LEU D 141 33.29 -36.34 -11.84
N THR D 142 32.47 -35.33 -11.60
CA THR D 142 32.93 -34.10 -10.98
C THR D 142 32.09 -33.83 -9.73
N LEU D 143 32.46 -32.79 -8.99
CA LEU D 143 31.83 -32.45 -7.72
C LEU D 143 31.18 -31.07 -7.82
N SER D 144 29.91 -30.98 -7.44
CA SER D 144 29.21 -29.71 -7.40
C SER D 144 28.56 -29.45 -6.04
N TYR D 145 27.77 -28.39 -5.98
CA TYR D 145 27.19 -27.97 -4.72
C TYR D 145 25.92 -27.20 -5.02
N LEU D 146 24.95 -27.27 -4.09
CA LEU D 146 23.62 -26.70 -4.32
C LEU D 146 23.67 -25.20 -4.66
N GLY D 147 24.74 -24.50 -4.29
CA GLY D 147 24.90 -23.09 -4.63
C GLY D 147 24.88 -22.80 -6.12
N SER D 148 24.91 -23.85 -6.96
CA SER D 148 24.82 -23.67 -8.41
C SER D 148 23.44 -23.19 -8.82
N THR D 149 22.40 -23.79 -8.25
CA THR D 149 21.02 -23.56 -8.66
C THR D 149 20.19 -22.86 -7.60
N LYS D 150 20.70 -22.76 -6.37
CA LYS D 150 20.08 -21.97 -5.32
C LYS D 150 21.09 -20.98 -4.76
N TYR D 151 20.58 -19.90 -4.19
CA TYR D 151 21.43 -19.00 -3.43
C TYR D 151 21.91 -19.71 -2.16
N MET D 152 23.22 -19.71 -1.95
CA MET D 152 23.78 -20.10 -0.67
C MET D 152 24.69 -18.97 -0.20
N ALA D 153 24.72 -18.74 1.11
CA ALA D 153 25.31 -17.54 1.65
C ALA D 153 26.75 -17.37 1.20
N HIS D 154 27.03 -16.27 0.51
CA HIS D 154 28.38 -15.83 0.17
C HIS D 154 29.10 -16.84 -0.72
N TYR D 155 28.35 -17.70 -1.41
CA TYR D 155 28.97 -18.65 -2.33
C TYR D 155 29.40 -17.97 -3.63
N ASN D 156 28.60 -17.00 -4.08
CA ASN D 156 29.04 -15.97 -5.06
C ASN D 156 29.60 -16.63 -6.32
N VAL D 157 30.82 -16.29 -6.75
CA VAL D 157 31.29 -16.76 -8.05
C VAL D 157 31.40 -18.28 -8.08
N MET D 158 31.63 -18.92 -6.93
CA MET D 158 31.61 -20.39 -6.94
C MET D 158 30.24 -20.92 -7.34
N GLY D 159 29.16 -20.21 -6.99
CA GLY D 159 27.84 -20.57 -7.50
C GLY D 159 27.74 -20.47 -9.01
N LEU D 160 28.28 -19.40 -9.58
CA LEU D 160 28.29 -19.25 -11.03
C LEU D 160 29.09 -20.38 -11.68
N ALA D 161 30.26 -20.69 -11.12
CA ALA D 161 31.10 -21.75 -11.68
C ALA D 161 30.44 -23.11 -11.53
N LYS D 162 29.85 -23.40 -10.38
CA LYS D 162 29.23 -24.71 -10.24
C LYS D 162 28.02 -24.84 -11.14
N ALA D 163 27.30 -23.73 -11.39
CA ALA D 163 26.23 -23.75 -12.38
C ALA D 163 26.76 -24.05 -13.78
N ALA D 164 27.85 -23.38 -14.18
CA ALA D 164 28.47 -23.71 -15.46
C ALA D 164 28.98 -25.13 -15.47
N LEU D 165 29.49 -25.62 -14.34
CA LEU D 165 30.03 -26.98 -14.29
C LEU D 165 28.95 -28.02 -14.55
N GLU D 166 27.75 -27.82 -13.98
CA GLU D 166 26.69 -28.79 -14.18
C GLU D 166 26.18 -28.76 -15.62
N SER D 167 26.14 -27.56 -16.21
CA SER D 167 25.85 -27.48 -17.64
C SER D 167 26.87 -28.25 -18.46
N ALA D 168 28.16 -28.09 -18.13
CA ALA D 168 29.21 -28.81 -18.84
C ALA D 168 29.04 -30.31 -18.72
N VAL D 169 28.61 -30.78 -17.54
CA VAL D 169 28.34 -32.21 -17.37
C VAL D 169 27.32 -32.68 -18.40
N ARG D 170 26.29 -31.86 -18.64
CA ARG D 170 25.25 -32.24 -19.60
C ARG D 170 25.80 -32.31 -21.03
N TYR D 171 26.55 -31.27 -21.46
CA TYR D 171 27.09 -31.27 -22.81
C TYR D 171 28.14 -32.37 -23.00
N LEU D 172 29.00 -32.58 -22.00
CA LEU D 172 30.00 -33.65 -22.10
C LEU D 172 29.33 -35.03 -22.11
N ALA D 173 28.22 -35.19 -21.40
CA ALA D 173 27.50 -36.45 -21.45
C ALA D 173 27.00 -36.73 -22.87
N VAL D 174 26.54 -35.70 -23.58
CA VAL D 174 26.13 -35.88 -24.96
C VAL D 174 27.34 -36.16 -25.84
N ASP D 175 28.41 -35.36 -25.68
CA ASP D 175 29.60 -35.51 -26.50
C ASP D 175 30.20 -36.91 -26.36
N LEU D 176 30.23 -37.44 -25.15
CA LEU D 176 30.94 -38.68 -24.87
C LEU D 176 30.05 -39.91 -24.89
N GLY D 177 28.73 -39.75 -24.81
CA GLY D 177 27.83 -40.90 -24.83
C GLY D 177 27.87 -41.69 -26.12
N LYS D 178 28.25 -41.05 -27.22
CA LYS D 178 28.52 -41.73 -28.49
C LYS D 178 29.41 -42.93 -28.29
N HIS D 179 30.36 -42.84 -27.36
CA HIS D 179 31.33 -43.89 -27.09
C HIS D 179 31.03 -44.61 -25.77
N ASN D 180 29.76 -44.63 -25.38
CA ASN D 180 29.32 -45.28 -24.14
C ASN D 180 30.11 -44.77 -22.93
N ILE D 181 30.43 -43.48 -22.93
CA ILE D 181 31.13 -42.86 -21.82
C ILE D 181 30.15 -41.97 -21.07
N ARG D 182 30.17 -42.04 -19.75
CA ARG D 182 29.23 -41.36 -18.90
C ARG D 182 29.94 -40.24 -18.14
N VAL D 183 29.18 -39.17 -17.87
CA VAL D 183 29.66 -37.97 -17.20
C VAL D 183 28.58 -37.57 -16.20
N ASN D 184 28.98 -37.34 -14.94
CA ASN D 184 28.00 -37.03 -13.90
C ASN D 184 28.61 -36.06 -12.90
N ALA D 185 27.74 -35.39 -12.16
CA ALA D 185 28.16 -34.57 -11.04
C ALA D 185 27.58 -35.14 -9.75
N LEU D 186 28.42 -35.20 -8.73
CA LEU D 186 27.98 -35.49 -7.37
C LEU D 186 27.86 -34.17 -6.61
N SER D 187 26.62 -33.80 -6.24
CA SER D 187 26.37 -32.58 -5.47
C SER D 187 26.35 -32.93 -3.98
N ALA D 188 27.46 -32.67 -3.31
CA ALA D 188 27.59 -33.03 -1.90
C ALA D 188 27.07 -31.91 -1.02
N GLY D 189 26.49 -32.30 0.11
CA GLY D 189 26.24 -31.37 1.18
C GLY D 189 27.56 -30.83 1.71
N PRO D 190 27.50 -29.82 2.58
CA PRO D 190 28.74 -29.29 3.15
C PRO D 190 29.44 -30.36 3.98
N ILE D 191 30.76 -30.34 3.94
CA ILE D 191 31.60 -31.26 4.71
C ILE D 191 32.94 -30.59 4.94
N ARG D 192 33.52 -30.80 6.12
CA ARG D 192 34.74 -30.08 6.47
C ARG D 192 35.93 -30.65 5.70
N THR D 193 36.49 -29.83 4.82
CA THR D 193 37.67 -30.15 4.04
C THR D 193 38.61 -28.95 4.08
N LEU D 194 39.80 -29.15 3.49
CA LEU D 194 40.80 -28.09 3.54
C LEU D 194 40.30 -26.84 2.83
N ALA D 195 39.76 -26.99 1.62
CA ALA D 195 39.21 -25.85 0.90
C ALA D 195 38.02 -25.23 1.64
N SER D 196 37.15 -26.07 2.22
CA SER D 196 35.94 -25.53 2.85
C SER D 196 36.26 -24.81 4.15
N SER D 197 37.26 -25.28 4.89
CA SER D 197 37.57 -24.68 6.19
C SER D 197 38.04 -23.24 6.04
N GLY D 198 38.60 -22.88 4.90
CA GLY D 198 39.07 -21.54 4.66
C GLY D 198 38.00 -20.57 4.22
N ILE D 199 36.74 -20.82 4.61
CA ILE D 199 35.64 -19.90 4.37
C ILE D 199 35.04 -19.52 5.72
N ALA D 200 34.88 -18.21 5.94
CA ALA D 200 34.31 -17.73 7.19
C ALA D 200 32.89 -18.25 7.40
N ASP D 201 32.16 -18.42 6.29
CA ASP D 201 30.75 -18.76 6.31
C ASP D 201 30.46 -20.24 6.56
N PHE D 202 31.48 -21.10 6.64
CA PHE D 202 31.25 -22.53 6.45
C PHE D 202 30.66 -23.22 7.69
N ARG D 203 31.34 -23.14 8.84
CA ARG D 203 30.75 -23.61 10.11
C ARG D 203 29.24 -23.42 10.21
N MET D 204 28.74 -22.23 9.86
CA MET D 204 27.31 -21.96 9.99
C MET D 204 26.50 -22.70 8.93
N ILE D 205 27.02 -22.78 7.70
CA ILE D 205 26.37 -23.55 6.65
C ILE D 205 26.29 -25.03 7.03
N LEU D 206 27.39 -25.59 7.56
CA LEU D 206 27.34 -26.93 8.14
C LEU D 206 26.22 -27.07 9.15
N LYS D 207 26.23 -26.22 10.18
CA LYS D 207 25.24 -26.35 11.24
C LYS D 207 23.82 -26.17 10.70
N TRP D 208 23.63 -25.28 9.72
CA TRP D 208 22.30 -25.08 9.14
C TRP D 208 21.84 -26.31 8.37
N ASN D 209 22.71 -26.88 7.54
CA ASN D 209 22.48 -28.18 6.91
C ASN D 209 22.13 -29.27 7.92
N GLU D 210 22.89 -29.40 9.00
CA GLU D 210 22.66 -30.48 9.96
C GLU D 210 21.29 -30.38 10.64
N ILE D 211 20.85 -29.17 10.99
CA ILE D 211 19.61 -29.03 11.75
C ILE D 211 18.41 -29.24 10.83
N ASN D 212 18.53 -28.81 9.58
CA ASN D 212 17.37 -28.68 8.69
C ASN D 212 17.27 -29.79 7.67
N ALA D 213 18.31 -30.61 7.51
CA ALA D 213 18.23 -31.71 6.56
C ALA D 213 17.20 -32.74 7.03
N PRO D 214 16.52 -33.41 6.08
CA PRO D 214 15.58 -34.47 6.49
C PRO D 214 16.22 -35.51 7.41
N LEU D 215 17.45 -35.93 7.13
CA LEU D 215 18.11 -36.91 8.00
C LEU D 215 18.74 -36.29 9.25
N ARG D 216 18.61 -34.98 9.45
CA ARG D 216 19.02 -34.33 10.70
C ARG D 216 20.48 -34.60 11.05
N LYS D 217 21.32 -34.69 10.02
CA LYS D 217 22.75 -34.97 10.17
C LYS D 217 23.48 -34.38 8.98
N ASN D 218 24.77 -34.10 9.16
CA ASN D 218 25.65 -33.80 8.03
C ASN D 218 26.11 -35.11 7.38
N VAL D 219 26.51 -35.04 6.10
CA VAL D 219 26.97 -36.25 5.42
C VAL D 219 28.41 -36.53 5.83
N SER D 220 28.74 -37.82 5.86
CA SER D 220 30.07 -38.27 6.20
C SER D 220 30.90 -38.38 4.93
N LEU D 221 32.23 -38.38 5.10
CA LEU D 221 33.13 -38.59 3.98
C LEU D 221 32.83 -39.91 3.26
N GLU D 222 32.50 -40.96 4.02
CA GLU D 222 32.25 -42.27 3.43
C GLU D 222 30.94 -42.29 2.65
N GLU D 223 29.94 -41.53 3.11
CA GLU D 223 28.70 -41.41 2.33
C GLU D 223 28.97 -40.75 0.96
N VAL D 224 29.77 -39.69 0.94
CA VAL D 224 30.11 -39.06 -0.33
C VAL D 224 30.96 -40.00 -1.18
N GLY D 225 31.93 -40.66 -0.57
CA GLY D 225 32.77 -41.59 -1.32
C GLY D 225 31.97 -42.72 -1.93
N ASN D 226 31.06 -43.31 -1.15
CA ASN D 226 30.27 -44.44 -1.64
C ASN D 226 29.37 -44.04 -2.79
N ALA D 227 28.75 -42.85 -2.70
CA ALA D 227 27.95 -42.37 -3.82
C ALA D 227 28.82 -42.10 -5.03
N GLY D 228 29.99 -41.51 -4.82
CA GLY D 228 30.91 -41.37 -5.94
C GLY D 228 31.28 -42.70 -6.56
N MET D 229 31.62 -43.68 -5.71
CA MET D 229 31.98 -45.01 -6.21
C MET D 229 30.86 -45.59 -7.06
N TYR D 230 29.61 -45.50 -6.57
CA TYR D 230 28.47 -45.96 -7.35
C TYR D 230 28.43 -45.31 -8.74
N LEU D 231 28.58 -43.98 -8.81
CA LEU D 231 28.49 -43.29 -10.11
C LEU D 231 29.65 -43.67 -11.03
N LEU D 232 30.77 -44.08 -10.46
CA LEU D 232 31.94 -44.44 -11.26
C LEU D 232 31.92 -45.88 -11.74
N SER D 233 31.08 -46.74 -11.16
CA SER D 233 31.07 -48.18 -11.40
C SER D 233 29.98 -48.57 -12.39
N SER D 234 30.04 -49.83 -12.83
CA SER D 234 29.04 -50.36 -13.77
C SER D 234 27.64 -50.38 -13.17
N LEU D 235 27.51 -50.26 -11.85
CA LEU D 235 26.21 -50.23 -11.20
C LEU D 235 25.33 -49.12 -11.74
N SER D 236 25.92 -48.03 -12.19
CA SER D 236 25.18 -46.87 -12.67
C SER D 236 25.28 -46.70 -14.17
N SER D 237 25.45 -47.80 -14.91
CA SER D 237 25.73 -47.66 -16.34
C SER D 237 24.54 -47.12 -17.12
N GLY D 238 23.36 -47.02 -16.49
CA GLY D 238 22.23 -46.33 -17.07
C GLY D 238 22.10 -44.86 -16.72
N VAL D 239 23.05 -44.31 -15.98
CA VAL D 239 22.98 -42.96 -15.44
C VAL D 239 24.06 -42.10 -16.09
N SER D 240 23.64 -41.04 -16.77
CA SER D 240 24.58 -40.05 -17.28
C SER D 240 23.95 -38.67 -17.27
N GLY D 241 24.79 -37.64 -17.18
CA GLY D 241 24.29 -36.29 -17.19
C GLY D 241 23.56 -35.91 -15.92
N GLU D 242 23.78 -36.65 -14.83
CA GLU D 242 23.02 -36.49 -13.61
C GLU D 242 23.75 -35.59 -12.62
N VAL D 243 22.99 -34.76 -11.91
CA VAL D 243 23.46 -34.08 -10.71
C VAL D 243 22.88 -34.84 -9.50
N HIS D 244 23.74 -35.58 -8.80
CA HIS D 244 23.30 -36.54 -7.78
C HIS D 244 23.57 -35.95 -6.41
N PHE D 245 22.49 -35.68 -5.66
CA PHE D 245 22.61 -35.03 -4.36
C PHE D 245 22.96 -36.06 -3.28
N VAL D 246 24.07 -35.83 -2.61
CA VAL D 246 24.43 -36.61 -1.42
C VAL D 246 24.57 -35.61 -0.29
N ASP D 247 23.44 -35.31 0.37
CA ASP D 247 23.39 -34.18 1.28
C ASP D 247 22.45 -34.42 2.44
N ALA D 248 22.18 -35.68 2.78
CA ALA D 248 21.22 -36.05 3.84
C ALA D 248 19.82 -35.51 3.53
N GLY D 249 19.53 -35.28 2.25
CA GLY D 249 18.24 -34.80 1.79
C GLY D 249 18.05 -33.30 1.82
N TYR D 250 19.10 -32.52 2.13
CA TYR D 250 18.91 -31.10 2.39
C TYR D 250 18.26 -30.39 1.20
N HIS D 251 18.61 -30.80 -0.03
CA HIS D 251 18.17 -30.10 -1.23
C HIS D 251 16.65 -29.99 -1.36
N VAL D 252 15.88 -30.82 -0.65
CA VAL D 252 14.42 -30.77 -0.79
C VAL D 252 13.77 -29.65 0.00
N MET D 253 14.48 -29.01 0.91
CA MET D 253 13.86 -28.11 1.87
C MET D 253 13.58 -26.76 1.20
N GLY D 254 12.34 -26.30 1.28
CA GLY D 254 12.01 -24.98 0.78
C GLY D 254 12.06 -23.88 1.81
N MET D 255 12.31 -24.25 3.06
CA MET D 255 12.34 -23.33 4.20
C MET D 255 13.01 -24.07 5.34
N GLY D 256 13.13 -23.41 6.49
CA GLY D 256 13.66 -24.08 7.65
C GLY D 256 12.73 -25.18 8.13
N ALA D 257 13.32 -26.20 8.74
CA ALA D 257 12.54 -27.29 9.32
C ALA D 257 11.83 -26.81 10.59
N VAL D 258 10.63 -27.33 10.81
CA VAL D 258 9.79 -26.90 11.93
C VAL D 258 9.39 -28.07 12.82
N GLU D 259 8.62 -27.78 13.86
CA GLU D 259 8.12 -28.74 14.83
C GLU D 259 6.91 -28.13 15.53
N GLU D 260 6.04 -29.00 16.03
CA GLU D 260 4.82 -28.58 16.72
C GLU D 260 5.11 -27.60 17.86
N ALA D 265 4.36 -24.79 16.06
CA ALA D 265 4.80 -23.99 14.92
C ALA D 265 6.10 -23.27 15.22
N THR D 266 7.19 -24.04 15.36
CA THR D 266 8.47 -23.53 15.82
C THR D 266 9.63 -24.12 15.00
N LEU D 267 10.57 -23.25 14.62
CA LEU D 267 11.73 -23.69 13.83
C LEU D 267 12.65 -24.55 14.68
N LEU D 268 13.11 -25.67 14.10
CA LEU D 268 14.12 -26.50 14.78
C LEU D 268 15.34 -25.69 15.17
N TRP D 269 15.72 -24.71 14.35
CA TRP D 269 16.88 -23.87 14.63
C TRP D 269 16.69 -23.04 15.90
N ASP D 270 15.44 -22.68 16.21
CA ASP D 270 15.19 -21.88 17.41
C ASP D 270 15.31 -22.73 18.67
N LEU D 271 14.86 -23.98 18.62
CA LEU D 271 15.14 -24.93 19.69
C LEU D 271 16.64 -25.09 19.89
N HIS D 272 17.39 -25.10 18.78
CA HIS D 272 18.85 -25.01 18.76
C HIS D 272 19.35 -23.69 19.36
N MET E 1 2.33 -5.47 13.99
CA MET E 1 1.46 -4.78 14.94
C MET E 1 1.80 -3.31 15.08
N GLY E 2 3.10 -3.02 15.28
CA GLY E 2 3.60 -1.66 15.30
C GLY E 2 2.94 -0.85 14.20
N PHE E 3 2.34 0.28 14.55
CA PHE E 3 1.58 1.06 13.58
C PHE E 3 2.45 1.61 12.46
N LEU E 4 3.78 1.61 12.62
CA LEU E 4 4.70 2.14 11.61
C LEU E 4 5.82 1.16 11.30
N LYS E 5 5.56 -0.14 11.50
CA LYS E 5 6.54 -1.18 11.22
C LYS E 5 7.03 -1.07 9.80
N GLY E 6 8.34 -0.92 9.62
CA GLY E 6 8.93 -0.84 8.30
C GLY E 6 8.69 0.47 7.57
N LYS E 7 8.03 1.44 8.19
CA LYS E 7 7.82 2.75 7.56
C LYS E 7 9.01 3.65 7.82
N LYS E 8 9.36 4.45 6.83
CA LYS E 8 10.52 5.33 6.90
C LYS E 8 10.07 6.77 7.00
N GLY E 9 10.60 7.50 7.97
CA GLY E 9 10.22 8.88 8.18
C GLY E 9 11.41 9.79 8.41
N LEU E 10 11.26 11.04 7.98
CA LEU E 10 12.25 12.09 8.22
C LEU E 10 11.73 13.05 9.29
N ILE E 11 12.51 13.23 10.35
CA ILE E 11 12.15 14.08 11.49
C ILE E 11 12.93 15.38 11.38
N VAL E 12 12.24 16.49 11.11
CA VAL E 12 12.85 17.82 11.04
C VAL E 12 12.43 18.61 12.26
N GLY E 13 13.39 18.99 13.11
CA GLY E 13 13.10 19.90 14.18
C GLY E 13 13.51 19.46 15.59
N VAL E 14 14.22 18.36 15.75
CA VAL E 14 14.73 18.02 17.08
C VAL E 14 15.79 19.04 17.48
N ALA E 15 15.67 19.57 18.69
CA ALA E 15 16.72 20.38 19.30
C ALA E 15 17.22 19.81 20.62
N ASN E 16 16.36 19.17 21.41
CA ASN E 16 16.76 18.36 22.55
C ASN E 16 15.66 17.34 22.80
N ASN E 17 15.73 16.65 23.93
CA ASN E 17 14.72 15.64 24.24
C ASN E 17 13.44 16.23 24.84
N LYS E 18 13.27 17.54 24.81
CA LYS E 18 11.98 18.14 25.11
C LYS E 18 11.27 18.60 23.85
N SER E 19 11.91 18.51 22.69
CA SER E 19 11.33 18.98 21.44
C SER E 19 10.06 18.19 21.14
N ILE E 20 9.06 18.90 20.60
CA ILE E 20 7.87 18.21 20.10
C ILE E 20 8.28 17.16 19.07
N ALA E 21 9.22 17.52 18.18
CA ALA E 21 9.74 16.57 17.20
C ALA E 21 10.33 15.34 17.86
N TYR E 22 10.92 15.49 19.05
CA TYR E 22 11.42 14.33 19.76
C TYR E 22 10.28 13.49 20.32
N GLY E 23 9.26 14.13 20.89
CA GLY E 23 8.11 13.37 21.36
C GLY E 23 7.48 12.53 20.25
N ILE E 24 7.32 13.14 19.07
CA ILE E 24 6.72 12.44 17.93
C ILE E 24 7.63 11.31 17.45
N ALA E 25 8.93 11.59 17.34
CA ALA E 25 9.88 10.56 16.87
C ALA E 25 9.91 9.39 17.82
N GLN E 26 9.93 9.65 19.12
CA GLN E 26 9.94 8.58 20.10
C GLN E 26 8.71 7.68 19.94
N SER E 27 7.53 8.28 19.85
CA SER E 27 6.32 7.49 19.65
C SER E 27 6.37 6.71 18.33
N CYS E 28 6.87 7.34 17.27
CA CYS E 28 7.01 6.63 15.99
C CYS E 28 7.99 5.47 16.11
N PHE E 29 9.09 5.68 16.85
CA PHE E 29 10.05 4.62 17.08
C PHE E 29 9.40 3.44 17.79
N ASN E 30 8.64 3.71 18.86
CA ASN E 30 7.98 2.65 19.60
C ASN E 30 6.96 1.90 18.75
N GLN E 31 6.55 2.47 17.63
CA GLN E 31 5.64 1.80 16.69
C GLN E 31 6.38 1.21 15.48
N GLY E 32 7.71 1.06 15.57
CA GLY E 32 8.45 0.28 14.58
C GLY E 32 9.03 1.05 13.41
N ALA E 33 9.01 2.38 13.45
CA ALA E 33 9.48 3.19 12.33
C ALA E 33 11.00 3.23 12.22
N THR E 34 11.48 3.24 11.00
CA THR E 34 12.88 3.55 10.71
C THR E 34 12.97 5.06 10.51
N LEU E 35 13.80 5.72 11.31
CA LEU E 35 13.83 7.19 11.38
C LEU E 35 15.12 7.77 10.82
N ALA E 36 15.02 9.00 10.29
CA ALA E 36 16.15 9.85 9.97
C ALA E 36 15.88 11.23 10.56
N PHE E 37 16.96 11.98 10.84
CA PHE E 37 16.85 13.24 11.58
C PHE E 37 17.68 14.33 10.91
N THR E 38 17.18 15.57 10.95
CA THR E 38 17.96 16.71 10.48
C THR E 38 18.38 17.59 11.65
N TYR E 39 19.40 18.42 11.39
CA TYR E 39 19.90 19.37 12.37
C TYR E 39 20.10 20.72 11.73
N LEU E 40 19.88 21.76 12.54
CA LEU E 40 19.98 23.14 12.06
C LEU E 40 21.42 23.48 11.71
N ASN E 41 22.35 23.15 12.61
CA ASN E 41 23.75 23.49 12.45
C ASN E 41 24.58 22.52 13.28
N GLU E 42 25.89 22.76 13.31
CA GLU E 42 26.80 21.85 14.01
C GLU E 42 26.66 21.95 15.52
N SER E 43 26.25 23.11 16.04
CA SER E 43 25.89 23.20 17.46
C SER E 43 24.75 22.25 17.81
N LEU E 44 23.67 22.30 17.01
CA LEU E 44 22.50 21.47 17.27
C LEU E 44 22.78 20.01 16.94
N GLU E 45 23.69 19.76 16.00
CA GLU E 45 24.02 18.39 15.61
C GLU E 45 24.51 17.59 16.82
N LYS E 46 25.17 18.26 17.76
CA LYS E 46 25.70 17.59 18.95
C LYS E 46 24.59 17.09 19.85
N ARG E 47 23.42 17.72 19.80
CA ARG E 47 22.27 17.24 20.56
C ARG E 47 21.44 16.26 19.75
N VAL E 48 21.41 16.44 18.43
CA VAL E 48 20.59 15.58 17.58
C VAL E 48 21.21 14.19 17.43
N ARG E 49 22.53 14.09 17.20
CA ARG E 49 23.16 12.79 16.97
C ARG E 49 22.88 11.79 18.08
N PRO E 50 23.14 12.09 19.36
CA PRO E 50 22.80 11.10 20.40
C PRO E 50 21.32 10.78 20.48
N ILE E 51 20.44 11.71 20.08
CA ILE E 51 19.02 11.40 20.11
C ILE E 51 18.66 10.44 19.00
N ALA E 52 19.19 10.67 17.80
CA ALA E 52 19.02 9.71 16.71
C ALA E 52 19.54 8.33 17.11
N GLN E 53 20.71 8.29 17.76
CA GLN E 53 21.28 7.02 18.18
C GLN E 53 20.38 6.30 19.16
N GLU E 54 19.84 7.05 20.14
CA GLU E 54 18.87 6.47 21.05
C GLU E 54 17.72 5.83 20.29
N LEU E 55 17.25 6.49 19.22
CA LEU E 55 16.15 5.96 18.43
C LEU E 55 16.65 5.10 17.28
N ASN E 56 17.84 4.50 17.42
CA ASN E 56 18.35 3.49 16.50
C ASN E 56 18.59 4.04 15.10
N SER E 57 18.95 5.31 14.97
CA SER E 57 19.12 5.90 13.66
C SER E 57 20.54 6.41 13.46
N PRO E 58 21.24 5.98 12.41
CA PRO E 58 22.49 6.66 12.02
C PRO E 58 22.32 7.74 10.96
N TYR E 59 21.09 8.09 10.60
CA TYR E 59 20.82 9.03 9.50
C TYR E 59 20.53 10.40 10.08
N VAL E 60 21.51 11.29 9.99
CA VAL E 60 21.49 12.60 10.63
C VAL E 60 22.00 13.59 9.59
N TYR E 61 21.11 14.45 9.08
CA TYR E 61 21.42 15.30 7.94
C TYR E 61 21.27 16.77 8.29
N GLU E 62 22.09 17.60 7.66
CA GLU E 62 22.01 19.05 7.87
C GLU E 62 20.77 19.61 7.16
N LEU E 63 20.02 20.46 7.86
CA LEU E 63 18.97 21.25 7.21
C LEU E 63 18.72 22.53 7.99
N ASP E 64 19.20 23.63 7.45
CA ASP E 64 18.73 24.96 7.81
C ASP E 64 17.79 25.40 6.70
N VAL E 65 16.49 25.44 7.01
CA VAL E 65 15.50 25.64 5.96
C VAL E 65 15.62 27.01 5.28
N SER E 66 16.38 27.94 5.86
CA SER E 66 16.62 29.23 5.22
C SER E 66 17.71 29.19 4.16
N LYS E 67 18.34 28.04 3.90
CA LYS E 67 19.45 27.94 2.96
C LYS E 67 19.09 26.90 1.90
N GLU E 68 18.71 27.39 0.71
CA GLU E 68 18.27 26.50 -0.35
C GLU E 68 19.32 25.45 -0.68
N GLU E 69 20.60 25.78 -0.45
CA GLU E 69 21.70 24.87 -0.76
C GLU E 69 21.57 23.53 -0.04
N HIS E 70 20.88 23.50 1.11
CA HIS E 70 20.80 22.26 1.88
C HIS E 70 19.81 21.26 1.30
N PHE E 71 18.92 21.70 0.42
CA PHE E 71 17.75 20.88 0.09
C PHE E 71 18.08 19.78 -0.89
N LYS E 72 18.86 20.07 -1.94
CA LYS E 72 19.25 19.02 -2.87
C LYS E 72 20.11 17.95 -2.20
N PRO E 73 21.15 18.27 -1.42
CA PRO E 73 21.87 17.20 -0.69
C PRO E 73 21.02 16.43 0.31
N LEU E 74 19.99 17.04 0.90
CA LEU E 74 19.08 16.27 1.76
C LEU E 74 18.34 15.22 0.95
N TYR E 75 17.80 15.62 -0.21
CA TYR E 75 17.20 14.67 -1.14
C TYR E 75 18.16 13.51 -1.43
N ASP E 76 19.42 13.84 -1.74
CA ASP E 76 20.44 12.83 -2.05
C ASP E 76 20.69 11.90 -0.88
N SER E 77 20.91 12.47 0.31
CA SER E 77 21.14 11.66 1.50
C SER E 77 19.98 10.70 1.75
N VAL E 78 18.75 11.21 1.72
CA VAL E 78 17.59 10.38 2.00
C VAL E 78 17.46 9.27 0.96
N LYS E 79 17.69 9.61 -0.32
CA LYS E 79 17.62 8.61 -1.39
C LYS E 79 18.64 7.50 -1.18
N LYS E 80 19.89 7.88 -0.88
CA LYS E 80 20.95 6.89 -0.72
C LYS E 80 20.75 6.04 0.51
N ASP E 81 20.39 6.65 1.65
CA ASP E 81 20.31 5.89 2.90
C ASP E 81 18.99 5.15 3.05
N LEU E 82 17.86 5.77 2.66
CA LEU E 82 16.55 5.20 2.91
C LEU E 82 15.79 4.79 1.65
N GLY E 83 16.12 5.38 0.49
CA GLY E 83 15.49 4.92 -0.73
C GLY E 83 14.15 5.57 -0.99
N SER E 84 13.33 5.72 0.04
CA SER E 84 12.03 6.37 -0.07
C SER E 84 11.58 6.79 1.32
N LEU E 85 10.44 7.48 1.36
CA LEU E 85 9.90 8.02 2.60
C LEU E 85 8.41 7.70 2.70
N ASP E 86 7.97 7.33 3.90
CA ASP E 86 6.57 7.17 4.19
C ASP E 86 6.00 8.29 5.03
N PHE E 87 6.84 9.10 5.70
CA PHE E 87 6.33 10.26 6.39
C PHE E 87 7.44 11.28 6.61
N ILE E 88 7.01 12.54 6.75
CA ILE E 88 7.88 13.67 7.09
C ILE E 88 7.25 14.42 8.26
N VAL E 89 8.06 14.75 9.27
CA VAL E 89 7.64 15.58 10.39
C VAL E 89 8.29 16.94 10.24
N HIS E 90 7.47 17.97 10.04
CA HIS E 90 7.94 19.35 9.87
C HIS E 90 7.65 20.11 11.16
N SER E 91 8.65 20.22 12.03
CA SER E 91 8.47 20.71 13.40
C SER E 91 9.45 21.87 13.60
N VAL E 92 9.21 22.97 12.87
CA VAL E 92 10.18 24.05 12.73
C VAL E 92 9.43 25.38 12.68
N ALA E 93 9.83 26.32 13.54
CA ALA E 93 9.35 27.69 13.46
C ALA E 93 10.40 28.63 14.04
N PHE E 94 10.29 29.91 13.69
CA PHE E 94 11.15 30.91 14.29
C PHE E 94 10.61 32.30 14.00
N ALA E 95 10.82 33.20 14.97
CA ALA E 95 10.66 34.63 14.79
C ALA E 95 11.54 35.32 15.81
N PRO E 96 12.05 36.51 15.50
CA PRO E 96 12.81 37.27 16.49
C PRO E 96 12.02 37.46 17.78
N LYS E 97 12.75 37.45 18.90
CA LYS E 97 12.12 37.67 20.20
C LYS E 97 11.36 38.99 20.24
N GLU E 98 11.94 40.06 19.70
CA GLU E 98 11.27 41.35 19.77
C GLU E 98 9.95 41.35 19.02
N ALA E 99 9.85 40.54 17.97
CA ALA E 99 8.58 40.40 17.24
C ALA E 99 7.50 39.72 18.07
N LEU E 100 7.89 38.92 19.07
CA LEU E 100 6.91 38.22 19.89
C LEU E 100 6.59 38.95 21.19
N GLU E 101 7.20 40.11 21.41
CA GLU E 101 6.89 40.97 22.55
C GLU E 101 6.29 42.28 22.02
N GLY E 102 5.33 42.82 22.75
CA GLY E 102 4.72 44.07 22.33
C GLY E 102 3.62 43.86 21.31
N SER E 103 3.58 44.70 20.27
CA SER E 103 2.47 44.67 19.33
C SER E 103 2.90 44.13 17.98
N LEU E 104 1.90 43.67 17.23
CA LEU E 104 2.13 43.33 15.83
C LEU E 104 2.43 44.58 15.00
N LEU E 105 1.88 45.74 15.38
CA LEU E 105 2.12 46.99 14.65
C LEU E 105 3.61 47.34 14.56
N GLU E 106 4.40 46.97 15.55
CA GLU E 106 5.81 47.34 15.53
C GLU E 106 6.68 46.30 14.83
N THR E 107 6.08 45.30 14.19
CA THR E 107 6.85 44.25 13.53
C THR E 107 7.60 44.79 12.33
N SER E 108 8.91 44.55 12.28
CA SER E 108 9.68 44.95 11.12
C SER E 108 9.42 44.00 9.94
N LYS E 109 9.74 44.48 8.74
CA LYS E 109 9.55 43.68 7.55
C LYS E 109 10.49 42.49 7.55
N SER E 110 11.73 42.70 7.97
CA SER E 110 12.68 41.60 7.98
C SER E 110 12.29 40.53 9.00
N ALA E 111 11.68 40.94 10.14
CA ALA E 111 11.18 39.95 11.10
C ALA E 111 9.95 39.23 10.55
N PHE E 112 9.07 39.96 9.88
CA PHE E 112 7.96 39.36 9.17
C PHE E 112 8.43 38.31 8.17
N ASN E 113 9.31 38.71 7.25
CA ASN E 113 9.78 37.80 6.20
C ASN E 113 10.47 36.57 6.78
N THR E 114 11.28 36.75 7.82
CA THR E 114 11.93 35.63 8.46
C THR E 114 10.91 34.67 9.08
N ALA E 115 9.96 35.19 9.85
CA ALA E 115 8.91 34.35 10.43
C ALA E 115 8.17 33.56 9.36
N MET E 116 7.77 34.23 8.27
CA MET E 116 6.99 33.57 7.24
C MET E 116 7.83 32.54 6.48
N GLU E 117 9.09 32.87 6.19
CA GLU E 117 9.95 31.95 5.45
C GLU E 117 10.24 30.68 6.24
N ILE E 118 10.75 30.83 7.46
CA ILE E 118 11.16 29.68 8.28
C ILE E 118 9.96 28.84 8.68
N SER E 119 8.86 29.50 9.10
CA SER E 119 7.72 28.78 9.68
C SER E 119 6.74 28.24 8.66
N VAL E 120 6.71 28.79 7.44
CA VAL E 120 5.67 28.47 6.47
C VAL E 120 6.31 27.98 5.18
N TYR E 121 7.11 28.84 4.51
CA TYR E 121 7.61 28.44 3.20
C TYR E 121 8.46 27.18 3.26
N SER E 122 9.19 26.98 4.36
CA SER E 122 10.01 25.79 4.49
C SER E 122 9.18 24.51 4.32
N LEU E 123 7.89 24.54 4.72
CA LEU E 123 7.05 23.37 4.48
C LEU E 123 6.90 23.10 3.00
N ILE E 124 6.67 24.17 2.22
CA ILE E 124 6.56 24.04 0.77
C ILE E 124 7.87 23.53 0.18
N GLU E 125 8.99 24.17 0.53
CA GLU E 125 10.26 23.75 -0.06
C GLU E 125 10.65 22.33 0.37
N LEU E 126 10.41 21.97 1.63
CA LEU E 126 10.78 20.64 2.09
C LEU E 126 9.97 19.58 1.36
N THR E 127 8.66 19.80 1.25
CA THR E 127 7.79 18.80 0.62
C THR E 127 8.03 18.72 -0.88
N ASN E 128 8.27 19.86 -1.53
CA ASN E 128 8.62 19.82 -2.95
C ASN E 128 9.93 19.06 -3.19
N THR E 129 10.93 19.28 -2.34
CA THR E 129 12.21 18.58 -2.52
C THR E 129 12.04 17.07 -2.41
N LEU E 130 11.29 16.61 -1.41
CA LEU E 130 11.24 15.17 -1.13
C LEU E 130 10.08 14.46 -1.82
N LYS E 131 9.15 15.20 -2.42
CA LYS E 131 8.03 14.62 -3.15
C LYS E 131 8.37 13.38 -4.00
N PRO E 132 9.44 13.36 -4.81
CA PRO E 132 9.70 12.16 -5.63
C PRO E 132 10.03 10.92 -4.81
N LEU E 133 10.39 11.07 -3.53
CA LEU E 133 10.72 9.95 -2.67
C LEU E 133 9.54 9.47 -1.86
N LEU E 134 8.40 10.15 -1.92
CA LEU E 134 7.26 9.82 -1.07
C LEU E 134 6.51 8.63 -1.68
N ASN E 135 6.41 7.54 -0.92
CA ASN E 135 5.64 6.38 -1.32
C ASN E 135 4.14 6.69 -1.31
N ASN E 136 3.38 5.83 -1.97
CA ASN E 136 1.92 5.87 -1.87
C ASN E 136 1.50 5.73 -0.41
N GLY E 137 0.48 6.48 -0.01
CA GLY E 137 0.05 6.49 1.38
C GLY E 137 0.85 7.34 2.34
N ALA E 138 1.85 8.09 1.87
CA ALA E 138 2.73 8.83 2.77
C ALA E 138 1.98 9.96 3.47
N SER E 139 2.57 10.43 4.57
CA SER E 139 1.90 11.37 5.47
C SER E 139 2.87 12.49 5.83
N VAL E 140 2.47 13.73 5.58
CA VAL E 140 3.26 14.90 5.94
C VAL E 140 2.56 15.64 7.07
N LEU E 141 3.29 15.90 8.16
CA LEU E 141 2.73 16.51 9.35
C LEU E 141 3.52 17.74 9.74
N THR E 142 2.81 18.83 10.00
CA THR E 142 3.46 20.02 10.54
C THR E 142 2.82 20.35 11.88
N LEU E 143 3.38 21.33 12.58
CA LEU E 143 2.91 21.68 13.91
C LEU E 143 2.35 23.10 13.88
N SER E 144 1.19 23.29 14.50
CA SER E 144 0.56 24.60 14.57
C SER E 144 0.11 24.88 16.00
N TYR E 145 -0.52 26.04 16.17
CA TYR E 145 -0.94 26.53 17.48
C TYR E 145 -2.17 27.42 17.32
N LEU E 146 -2.99 27.45 18.37
CA LEU E 146 -4.28 28.14 18.32
C LEU E 146 -4.15 29.63 18.03
N GLY E 147 -2.99 30.23 18.27
CA GLY E 147 -2.75 31.62 17.87
C GLY E 147 -2.92 31.89 16.39
N SER E 148 -3.08 30.84 15.58
CA SER E 148 -3.36 31.01 14.15
C SER E 148 -4.73 31.63 13.91
N THR E 149 -5.75 31.18 14.63
CA THR E 149 -7.12 31.58 14.37
C THR E 149 -7.77 32.32 15.53
N LYS E 150 -7.07 32.48 16.66
CA LYS E 150 -7.53 33.26 17.80
C LYS E 150 -6.39 34.14 18.29
N TYR E 151 -6.73 35.24 18.93
CA TYR E 151 -5.70 36.02 19.60
C TYR E 151 -5.16 35.22 20.78
N MET E 152 -3.85 35.03 20.80
CA MET E 152 -3.13 34.56 21.97
C MET E 152 -2.09 35.59 22.33
N ALA E 153 -1.91 35.82 23.64
CA ALA E 153 -1.10 36.91 24.17
C ALA E 153 0.23 37.07 23.43
N HIS E 154 0.34 38.14 22.66
CA HIS E 154 1.55 38.62 22.00
C HIS E 154 2.19 37.60 21.05
N TYR E 155 1.46 36.54 20.69
CA TYR E 155 1.93 35.62 19.67
C TYR E 155 2.17 36.35 18.34
N ASN E 156 1.45 37.44 18.08
CA ASN E 156 1.74 38.41 17.03
C ASN E 156 2.07 37.77 15.68
N VAL E 157 3.28 38.02 15.16
CA VAL E 157 3.59 37.59 13.81
C VAL E 157 3.54 36.08 13.69
N MET E 158 3.80 35.35 14.78
CA MET E 158 3.70 33.91 14.69
C MET E 158 2.26 33.45 14.50
N GLY E 159 1.29 34.27 14.90
CA GLY E 159 -0.10 33.94 14.62
C GLY E 159 -0.39 34.05 13.13
N LEU E 160 0.17 35.07 12.49
CA LEU E 160 0.05 35.21 11.04
C LEU E 160 0.71 34.04 10.33
N ALA E 161 1.89 33.64 10.80
CA ALA E 161 2.60 32.52 10.20
C ALA E 161 1.81 31.22 10.35
N LYS E 162 1.32 30.94 11.56
CA LYS E 162 0.60 29.68 11.77
C LYS E 162 -0.70 29.66 10.98
N ALA E 163 -1.38 30.81 10.87
CA ALA E 163 -2.57 30.90 10.02
C ALA E 163 -2.24 30.53 8.57
N ALA E 164 -1.17 31.12 8.04
CA ALA E 164 -0.72 30.79 6.69
C ALA E 164 -0.34 29.31 6.60
N LEU E 165 0.35 28.81 7.62
CA LEU E 165 0.76 27.41 7.63
C LEU E 165 -0.44 26.48 7.51
N GLU E 166 -1.50 26.75 8.29
CA GLU E 166 -2.68 25.89 8.22
C GLU E 166 -3.34 25.99 6.85
N SER E 167 -3.37 27.19 6.26
CA SER E 167 -3.82 27.30 4.87
C SER E 167 -2.95 26.45 3.94
N ALA E 168 -1.63 26.47 4.13
CA ALA E 168 -0.74 25.65 3.30
C ALA E 168 -1.08 24.17 3.44
N VAL E 169 -1.42 23.74 4.66
CA VAL E 169 -1.81 22.35 4.86
C VAL E 169 -2.97 21.98 3.94
N ARG E 170 -3.94 22.89 3.77
CA ARG E 170 -5.10 22.61 2.94
C ARG E 170 -4.73 22.57 1.44
N TYR E 171 -3.91 23.52 0.98
CA TYR E 171 -3.53 23.53 -0.41
C TYR E 171 -2.60 22.35 -0.75
N LEU E 172 -1.66 22.04 0.14
CA LEU E 172 -0.78 20.89 -0.10
C LEU E 172 -1.55 19.57 -0.07
N ALA E 173 -2.59 19.49 0.78
CA ALA E 173 -3.43 18.30 0.80
C ALA E 173 -4.11 18.08 -0.55
N VAL E 174 -4.52 19.16 -1.21
CA VAL E 174 -5.06 19.02 -2.57
C VAL E 174 -3.93 18.67 -3.54
N ASP E 175 -2.80 19.38 -3.44
CA ASP E 175 -1.68 19.14 -4.37
C ASP E 175 -1.19 17.70 -4.30
N LEU E 176 -1.07 17.14 -3.08
CA LEU E 176 -0.49 15.82 -2.93
C LEU E 176 -1.52 14.69 -2.84
N GLY E 177 -2.77 15.00 -2.50
CA GLY E 177 -3.76 13.96 -2.35
C GLY E 177 -3.96 13.12 -3.60
N LYS E 178 -3.83 13.76 -4.78
CA LYS E 178 -3.92 13.07 -6.07
C LYS E 178 -2.95 11.90 -6.14
N HIS E 179 -1.85 11.96 -5.38
CA HIS E 179 -0.85 10.90 -5.31
C HIS E 179 -1.01 10.04 -4.05
N ASN E 180 -2.19 10.07 -3.41
CA ASN E 180 -2.45 9.35 -2.16
C ASN E 180 -1.43 9.71 -1.07
N ILE E 181 -1.11 10.99 -0.96
CA ILE E 181 -0.23 11.52 0.08
C ILE E 181 -1.03 12.51 0.91
N ARG E 182 -0.95 12.40 2.24
CA ARG E 182 -1.75 13.19 3.17
C ARG E 182 -0.92 14.30 3.80
N VAL E 183 -1.57 15.42 4.12
CA VAL E 183 -0.91 16.55 4.79
C VAL E 183 -1.81 17.04 5.91
N ASN E 184 -1.24 17.18 7.12
CA ASN E 184 -2.02 17.52 8.30
C ASN E 184 -1.22 18.41 9.22
N ALA E 185 -1.92 19.11 10.10
CA ALA E 185 -1.29 19.89 11.16
C ALA E 185 -1.78 19.39 12.51
N LEU E 186 -0.83 19.18 13.42
CA LEU E 186 -1.14 18.94 14.83
C LEU E 186 -1.07 20.28 15.55
N SER E 187 -2.21 20.74 16.06
CA SER E 187 -2.26 22.01 16.79
C SER E 187 -2.13 21.68 18.27
N ALA E 188 -0.94 21.90 18.82
CA ALA E 188 -0.65 21.49 20.19
C ALA E 188 -0.94 22.63 21.16
N GLY E 189 -1.33 22.26 22.39
CA GLY E 189 -1.41 23.21 23.46
C GLY E 189 -0.02 23.61 23.88
N PRO E 190 0.11 24.64 24.71
CA PRO E 190 1.46 25.07 25.13
C PRO E 190 2.17 23.95 25.87
N ILE E 191 3.47 23.86 25.65
CA ILE E 191 4.32 22.87 26.29
C ILE E 191 5.74 23.44 26.34
N ARG E 192 6.45 23.19 27.45
CA ARG E 192 7.78 23.74 27.67
C ARG E 192 8.79 23.08 26.72
N THR E 193 9.32 23.87 25.80
CA THR E 193 10.39 23.48 24.89
C THR E 193 11.45 24.56 24.91
N LEU E 194 12.58 24.30 24.24
CA LEU E 194 13.61 25.32 24.12
C LEU E 194 13.06 26.59 23.48
N ALA E 195 12.37 26.44 22.35
CA ALA E 195 11.82 27.60 21.65
C ALA E 195 10.82 28.35 22.53
N SER E 196 9.89 27.63 23.14
CA SER E 196 8.88 28.27 23.98
C SER E 196 9.48 28.86 25.25
N SER E 197 10.55 28.23 25.77
CA SER E 197 11.25 28.76 26.94
C SER E 197 11.78 30.16 26.69
N GLY E 198 12.14 30.47 25.44
CA GLY E 198 12.71 31.77 25.14
C GLY E 198 11.72 32.91 25.18
N ILE E 199 10.44 32.62 25.38
CA ILE E 199 9.39 33.64 25.33
C ILE E 199 9.06 34.10 26.74
N ALA E 200 8.99 35.42 26.93
CA ALA E 200 8.67 36.01 28.23
C ALA E 200 7.19 35.92 28.57
N ASP E 201 6.34 35.49 27.63
CA ASP E 201 4.90 35.43 27.82
C ASP E 201 4.40 33.99 28.06
N PHE E 202 5.31 33.02 28.18
CA PHE E 202 4.94 31.61 28.08
C PHE E 202 4.41 31.04 29.40
N ARG E 203 5.05 31.34 30.52
CA ARG E 203 4.73 30.64 31.77
C ARG E 203 3.25 30.78 32.11
N MET E 204 2.65 31.93 31.85
CA MET E 204 1.28 32.11 32.27
C MET E 204 0.27 31.69 31.21
N ILE E 205 0.64 31.72 29.92
CA ILE E 205 -0.17 31.04 28.92
C ILE E 205 -0.29 29.56 29.24
N LEU E 206 0.84 28.95 29.61
CA LEU E 206 0.87 27.59 30.12
C LEU E 206 -0.02 27.45 31.35
N LYS E 207 0.14 28.36 32.31
CA LYS E 207 -0.68 28.33 33.52
C LYS E 207 -2.15 28.51 33.16
N TRP E 208 -2.46 29.48 32.28
CA TRP E 208 -3.84 29.77 31.89
C TRP E 208 -4.49 28.55 31.24
N ASN E 209 -3.76 27.88 30.35
CA ASN E 209 -4.21 26.65 29.71
C ASN E 209 -4.50 25.56 30.73
N GLU E 210 -3.60 25.38 31.70
CA GLU E 210 -3.78 24.31 32.69
C GLU E 210 -5.03 24.54 33.54
N ILE E 211 -5.26 25.79 33.96
CA ILE E 211 -6.40 26.07 34.82
C ILE E 211 -7.70 25.97 34.02
N ASN E 212 -7.68 26.44 32.76
CA ASN E 212 -8.92 26.58 32.02
C ASN E 212 -9.20 25.45 31.02
N ALA E 213 -8.25 24.58 30.73
CA ALA E 213 -8.54 23.48 29.81
C ALA E 213 -9.59 22.54 30.40
N PRO E 214 -10.49 22.00 29.57
CA PRO E 214 -11.43 20.97 30.03
C PRO E 214 -10.85 19.92 30.96
N LEU E 215 -9.69 19.35 30.63
CA LEU E 215 -9.12 18.28 31.45
C LEU E 215 -8.23 18.81 32.56
N ARG E 216 -8.15 20.13 32.72
CA ARG E 216 -7.47 20.74 33.87
C ARG E 216 -6.01 20.27 33.99
N LYS E 217 -5.32 20.16 32.86
CA LYS E 217 -3.93 19.76 32.82
C LYS E 217 -3.33 20.33 31.54
N ASN E 218 -2.00 20.45 31.52
CA ASN E 218 -1.29 20.74 30.28
C ASN E 218 -1.04 19.42 29.56
N VAL E 219 -0.93 19.47 28.23
CA VAL E 219 -0.57 18.26 27.50
C VAL E 219 0.86 17.88 27.81
N SER E 220 1.12 16.58 27.81
CA SER E 220 2.46 16.05 27.94
C SER E 220 3.11 15.84 26.57
N LEU E 221 4.44 15.71 26.56
CA LEU E 221 5.17 15.48 25.32
C LEU E 221 4.75 14.18 24.67
N GLU E 222 4.49 13.15 25.47
CA GLU E 222 4.04 11.87 24.94
C GLU E 222 2.62 11.93 24.38
N GLU E 223 1.73 12.76 24.94
CA GLU E 223 0.42 12.96 24.34
C GLU E 223 0.54 13.60 22.96
N VAL E 224 1.41 14.60 22.82
CA VAL E 224 1.59 15.22 21.52
C VAL E 224 2.23 14.24 20.56
N GLY E 225 3.23 13.50 21.04
CA GLY E 225 3.90 12.53 20.19
C GLY E 225 2.97 11.44 19.68
N ASN E 226 2.08 10.95 20.56
CA ASN E 226 1.16 9.89 20.16
C ASN E 226 0.15 10.39 19.14
N ALA E 227 -0.39 11.60 19.34
CA ALA E 227 -1.25 12.20 18.34
C ALA E 227 -0.52 12.37 17.02
N GLY E 228 0.72 12.85 17.08
CA GLY E 228 1.53 12.95 15.87
C GLY E 228 1.71 11.59 15.20
N MET E 229 2.11 10.59 15.98
CA MET E 229 2.26 9.24 15.45
C MET E 229 0.99 8.77 14.76
N TYR E 230 -0.17 8.97 15.37
CA TYR E 230 -1.43 8.56 14.74
C TYR E 230 -1.59 9.20 13.36
N LEU E 231 -1.41 10.52 13.27
CA LEU E 231 -1.56 11.23 11.99
C LEU E 231 -0.54 10.76 10.96
N LEU E 232 0.62 10.26 11.39
CA LEU E 232 1.64 9.79 10.46
C LEU E 232 1.44 8.36 10.03
N SER E 233 0.61 7.60 10.74
CA SER E 233 0.39 6.18 10.47
C SER E 233 -0.80 5.98 9.56
N SER E 234 -0.94 4.75 9.04
CA SER E 234 -2.11 4.37 8.26
C SER E 234 -3.40 4.37 9.07
N LEU E 235 -3.35 4.44 10.41
CA LEU E 235 -4.60 4.51 11.17
C LEU E 235 -5.44 5.69 10.72
N SER E 236 -4.80 6.75 10.24
CA SER E 236 -5.43 8.01 9.88
C SER E 236 -5.48 8.20 8.37
N SER E 237 -5.49 7.11 7.61
CA SER E 237 -5.37 7.23 6.16
C SER E 237 -6.60 7.88 5.54
N GLY E 238 -7.70 7.97 6.27
CA GLY E 238 -8.82 8.77 5.83
C GLY E 238 -8.75 10.24 6.23
N VAL E 239 -7.66 10.68 6.85
CA VAL E 239 -7.55 12.04 7.41
C VAL E 239 -6.53 12.85 6.62
N SER E 240 -6.96 13.97 6.04
CA SER E 240 -6.01 14.85 5.38
C SER E 240 -6.51 16.29 5.45
N GLY E 241 -5.57 17.24 5.39
CA GLY E 241 -5.92 18.65 5.46
C GLY E 241 -6.50 19.08 6.78
N GLU E 242 -6.20 18.35 7.85
CA GLU E 242 -6.86 18.54 9.14
C GLU E 242 -5.95 19.34 10.08
N VAL E 243 -6.58 20.17 10.90
CA VAL E 243 -5.92 20.82 12.03
C VAL E 243 -6.40 20.10 13.29
N HIS E 244 -5.57 19.23 13.84
CA HIS E 244 -5.95 18.32 14.93
C HIS E 244 -5.46 18.87 16.26
N PHE E 245 -6.37 19.22 17.16
CA PHE E 245 -6.00 19.85 18.42
C PHE E 245 -5.59 18.80 19.47
N VAL E 246 -4.40 18.98 20.03
CA VAL E 246 -3.91 18.12 21.12
C VAL E 246 -3.53 19.04 22.26
N ASP E 247 -4.55 19.46 23.05
CA ASP E 247 -4.38 20.58 23.96
C ASP E 247 -5.24 20.42 25.21
N ALA E 248 -5.53 19.18 25.61
CA ALA E 248 -6.37 18.90 26.77
C ALA E 248 -7.77 19.50 26.63
N GLY E 249 -8.17 19.81 25.39
CA GLY E 249 -9.47 20.37 25.10
C GLY E 249 -9.55 21.88 25.08
N TYR E 250 -8.42 22.58 25.30
CA TYR E 250 -8.47 24.02 25.57
C TYR E 250 -9.24 24.77 24.47
N HIS E 251 -9.07 24.36 23.21
CA HIS E 251 -9.62 25.09 22.07
C HIS E 251 -11.13 25.29 22.12
N VAL E 252 -11.86 24.50 22.91
CA VAL E 252 -13.31 24.69 22.98
C VAL E 252 -13.70 25.88 23.85
N MET E 253 -12.81 26.39 24.71
CA MET E 253 -13.21 27.38 25.70
C MET E 253 -13.42 28.73 25.03
N GLY E 254 -14.58 29.32 25.28
CA GLY E 254 -14.84 30.67 24.83
C GLY E 254 -14.62 31.71 25.88
N MET E 255 -14.22 31.30 27.10
CA MET E 255 -13.94 32.20 28.21
C MET E 255 -13.23 31.38 29.28
N GLY E 256 -12.77 32.06 30.32
CA GLY E 256 -12.23 31.34 31.45
C GLY E 256 -13.26 30.42 32.08
N ALA E 257 -12.78 29.30 32.61
CA ALA E 257 -13.64 28.35 33.29
C ALA E 257 -14.14 28.95 34.61
N VAL E 258 -15.30 28.49 35.05
CA VAL E 258 -16.03 29.06 36.18
C VAL E 258 -16.56 27.94 37.06
N GLU E 259 -16.46 28.11 38.38
CA GLU E 259 -17.15 27.29 39.37
C GLU E 259 -18.34 28.01 40.00
N GLU E 260 -19.21 27.22 40.60
CA GLU E 260 -20.31 27.77 41.38
C GLU E 260 -19.98 27.75 42.87
N LYS E 264 -23.10 31.48 43.57
CA LYS E 264 -22.14 32.50 43.17
C LYS E 264 -21.12 31.95 42.17
N ALA E 265 -20.77 32.77 41.18
CA ALA E 265 -19.85 32.37 40.12
C ALA E 265 -18.48 33.00 40.34
N THR E 266 -17.45 32.16 40.33
CA THR E 266 -16.07 32.60 40.49
C THR E 266 -15.20 31.91 39.43
N LEU E 267 -14.29 32.67 38.82
CA LEU E 267 -13.36 32.07 37.88
C LEU E 267 -12.45 31.09 38.59
N LEU E 268 -12.25 29.93 37.97
CA LEU E 268 -11.24 28.99 38.45
C LEU E 268 -9.91 29.71 38.67
N TRP E 269 -9.58 30.67 37.80
CA TRP E 269 -8.35 31.43 37.92
C TRP E 269 -8.24 32.10 39.29
N ASP E 270 -9.34 32.67 39.77
CA ASP E 270 -9.30 33.40 41.04
C ASP E 270 -9.23 32.50 42.27
N LEU E 271 -9.70 31.25 42.17
CA LEU E 271 -9.52 30.30 43.25
C LEU E 271 -8.07 29.88 43.41
N HIS E 272 -7.27 30.08 42.36
CA HIS E 272 -5.85 29.74 42.37
C HIS E 272 -5.03 30.93 42.89
N MET F 1 -27.94 63.19 7.97
CA MET F 1 -28.32 61.78 7.80
C MET F 1 -27.10 60.89 7.53
N GLY F 2 -26.18 61.37 6.68
CA GLY F 2 -25.05 60.59 6.22
C GLY F 2 -24.19 60.03 7.33
N PHE F 3 -23.91 58.73 7.30
CA PHE F 3 -23.26 58.09 8.43
C PHE F 3 -21.73 58.22 8.43
N LEU F 4 -21.16 58.99 7.51
CA LEU F 4 -19.76 59.35 7.60
C LEU F 4 -19.57 60.85 7.37
N LYS F 5 -20.58 61.65 7.73
CA LYS F 5 -20.48 63.10 7.54
C LYS F 5 -19.34 63.65 8.40
N GLY F 6 -18.48 64.44 7.75
CA GLY F 6 -17.31 65.00 8.42
C GLY F 6 -16.22 64.01 8.78
N LYS F 7 -16.33 62.76 8.34
CA LYS F 7 -15.31 61.77 8.64
C LYS F 7 -14.34 61.72 7.47
N LYS F 8 -13.07 61.47 7.78
CA LYS F 8 -11.99 61.49 6.79
C LYS F 8 -11.39 60.10 6.64
N GLY F 9 -11.25 59.66 5.40
CA GLY F 9 -10.75 58.32 5.13
C GLY F 9 -9.70 58.34 4.03
N LEU F 10 -8.75 57.41 4.17
CA LEU F 10 -7.77 57.15 3.12
C LEU F 10 -8.15 55.86 2.40
N ILE F 11 -8.19 55.89 1.07
CA ILE F 11 -8.52 54.75 0.23
C ILE F 11 -7.24 54.27 -0.47
N VAL F 12 -6.77 53.08 -0.11
CA VAL F 12 -5.56 52.52 -0.72
C VAL F 12 -5.98 51.34 -1.59
N GLY F 13 -5.81 51.47 -2.90
CA GLY F 13 -6.00 50.36 -3.80
C GLY F 13 -6.90 50.58 -5.00
N VAL F 14 -7.37 51.81 -5.23
CA VAL F 14 -8.15 52.07 -6.45
C VAL F 14 -7.24 51.92 -7.66
N ALA F 15 -7.67 51.11 -8.64
CA ALA F 15 -7.00 51.04 -9.94
C ALA F 15 -7.83 51.57 -11.09
N ASN F 16 -9.16 51.51 -11.00
CA ASN F 16 -10.07 51.99 -12.04
C ASN F 16 -11.46 51.91 -11.44
N ASN F 17 -12.48 52.18 -12.25
CA ASN F 17 -13.83 52.24 -11.70
C ASN F 17 -14.47 50.86 -11.52
N LYS F 18 -13.70 49.77 -11.69
CA LYS F 18 -14.15 48.45 -11.30
C LYS F 18 -13.52 47.97 -9.99
N SER F 19 -12.57 48.72 -9.43
CA SER F 19 -11.88 48.28 -8.22
C SER F 19 -12.85 48.19 -7.06
N ILE F 20 -12.64 47.17 -6.21
CA ILE F 20 -13.33 47.10 -4.93
C ILE F 20 -13.09 48.38 -4.13
N ALA F 21 -11.84 48.88 -4.10
CA ALA F 21 -11.58 50.13 -3.39
C ALA F 21 -12.51 51.26 -3.86
N TYR F 22 -12.82 51.29 -5.16
CA TYR F 22 -13.67 52.36 -5.68
C TYR F 22 -15.12 52.20 -5.23
N GLY F 23 -15.62 50.98 -5.23
CA GLY F 23 -16.99 50.75 -4.78
C GLY F 23 -17.17 51.11 -3.32
N ILE F 24 -16.17 50.80 -2.50
CA ILE F 24 -16.24 51.20 -1.10
C ILE F 24 -16.15 52.73 -0.97
N ALA F 25 -15.23 53.36 -1.72
CA ALA F 25 -15.08 54.82 -1.66
C ALA F 25 -16.36 55.53 -2.09
N GLN F 26 -16.97 55.07 -3.19
CA GLN F 26 -18.23 55.64 -3.65
C GLN F 26 -19.32 55.55 -2.59
N SER F 27 -19.42 54.40 -1.92
CA SER F 27 -20.41 54.28 -0.86
C SER F 27 -20.06 55.18 0.32
N CYS F 28 -18.77 55.29 0.64
CA CYS F 28 -18.39 56.20 1.71
C CYS F 28 -18.69 57.65 1.33
N PHE F 29 -18.44 58.04 0.07
CA PHE F 29 -18.74 59.40 -0.36
C PHE F 29 -20.24 59.70 -0.25
N ASN F 30 -21.09 58.77 -0.68
CA ASN F 30 -22.53 58.99 -0.61
C ASN F 30 -23.06 59.11 0.81
N GLN F 31 -22.26 58.73 1.81
CA GLN F 31 -22.58 58.93 3.21
C GLN F 31 -21.86 60.13 3.79
N GLY F 32 -21.27 60.97 2.94
CA GLY F 32 -20.71 62.22 3.41
C GLY F 32 -19.25 62.21 3.79
N ALA F 33 -18.48 61.21 3.40
CA ALA F 33 -17.07 61.14 3.80
C ALA F 33 -16.21 62.10 2.99
N THR F 34 -15.13 62.59 3.62
CA THR F 34 -14.07 63.30 2.92
C THR F 34 -12.96 62.30 2.66
N LEU F 35 -12.56 62.16 1.39
CA LEU F 35 -11.73 61.03 0.97
C LEU F 35 -10.38 61.49 0.43
N ALA F 36 -9.40 60.59 0.60
CA ALA F 36 -8.08 60.71 -0.03
C ALA F 36 -7.70 59.36 -0.63
N PHE F 37 -6.84 59.39 -1.64
CA PHE F 37 -6.56 58.19 -2.43
C PHE F 37 -5.07 58.04 -2.65
N THR F 38 -4.64 56.81 -2.86
CA THR F 38 -3.27 56.52 -3.26
C THR F 38 -3.25 55.85 -4.63
N TYR F 39 -2.08 55.83 -5.27
CA TYR F 39 -1.93 55.14 -6.54
C TYR F 39 -0.54 54.50 -6.59
N LEU F 40 -0.47 53.33 -7.27
CA LEU F 40 0.80 52.61 -7.35
C LEU F 40 1.79 53.32 -8.24
N ASN F 41 1.38 53.71 -9.44
CA ASN F 41 2.31 54.29 -10.40
C ASN F 41 1.57 55.29 -11.29
N GLU F 42 2.31 55.87 -12.24
CA GLU F 42 1.76 56.92 -13.10
C GLU F 42 0.59 56.43 -13.94
N SER F 43 0.67 55.20 -14.48
CA SER F 43 -0.42 54.75 -15.35
C SER F 43 -1.69 54.50 -14.56
N LEU F 44 -1.56 54.07 -13.30
CA LEU F 44 -2.75 54.01 -12.45
C LEU F 44 -3.23 55.41 -12.05
N GLU F 45 -2.31 56.38 -11.98
CA GLU F 45 -2.68 57.74 -11.57
C GLU F 45 -3.69 58.37 -12.53
N LYS F 46 -3.49 58.20 -13.84
CA LYS F 46 -4.43 58.79 -14.79
C LYS F 46 -5.85 58.27 -14.60
N ARG F 47 -6.03 57.07 -14.03
CA ARG F 47 -7.37 56.61 -13.72
C ARG F 47 -7.80 56.98 -12.30
N VAL F 48 -6.86 57.03 -11.36
CA VAL F 48 -7.25 57.30 -9.97
C VAL F 48 -7.72 58.74 -9.80
N ARG F 49 -7.05 59.70 -10.45
CA ARG F 49 -7.39 61.11 -10.27
C ARG F 49 -8.80 61.48 -10.74
N PRO F 50 -9.26 61.09 -11.94
CA PRO F 50 -10.67 61.38 -12.29
C PRO F 50 -11.67 60.74 -11.35
N ILE F 51 -11.33 59.57 -10.82
CA ILE F 51 -12.20 58.93 -9.82
C ILE F 51 -12.21 59.75 -8.53
N ALA F 52 -11.05 60.20 -8.08
CA ALA F 52 -11.01 61.03 -6.87
C ALA F 52 -11.77 62.33 -7.07
N GLN F 53 -11.64 62.93 -8.27
CA GLN F 53 -12.39 64.14 -8.59
C GLN F 53 -13.90 63.88 -8.53
N GLU F 54 -14.36 62.78 -9.14
CA GLU F 54 -15.77 62.40 -9.00
C GLU F 54 -16.21 62.31 -7.54
N LEU F 55 -15.30 61.96 -6.64
CA LEU F 55 -15.63 61.95 -5.21
C LEU F 55 -15.11 63.20 -4.50
N ASN F 56 -14.95 64.28 -5.26
CA ASN F 56 -14.70 65.61 -4.72
C ASN F 56 -13.36 65.68 -3.98
N SER F 57 -12.36 64.95 -4.45
CA SER F 57 -11.09 64.88 -3.76
C SER F 57 -9.92 65.29 -4.65
N PRO F 58 -9.10 66.24 -4.23
CA PRO F 58 -7.78 66.45 -4.84
C PRO F 58 -6.64 65.73 -4.14
N TYR F 59 -6.93 64.99 -3.07
CA TYR F 59 -5.90 64.45 -2.19
C TYR F 59 -5.50 63.09 -2.74
N VAL F 60 -4.50 63.09 -3.61
CA VAL F 60 -4.09 61.91 -4.34
C VAL F 60 -2.58 61.76 -4.17
N TYR F 61 -2.15 60.61 -3.64
CA TYR F 61 -0.76 60.39 -3.26
C TYR F 61 -0.24 59.09 -3.84
N GLU F 62 1.06 59.06 -4.14
CA GLU F 62 1.69 57.85 -4.65
C GLU F 62 2.06 56.93 -3.49
N LEU F 63 1.71 55.65 -3.62
CA LEU F 63 2.05 54.68 -2.58
C LEU F 63 2.27 53.34 -3.26
N ASP F 64 3.53 52.94 -3.35
CA ASP F 64 3.93 51.58 -3.65
C ASP F 64 4.26 50.98 -2.29
N VAL F 65 3.44 50.02 -1.83
CA VAL F 65 3.63 49.48 -0.49
C VAL F 65 4.96 48.75 -0.37
N SER F 66 5.57 48.35 -1.48
CA SER F 66 6.89 47.73 -1.44
C SER F 66 8.02 48.73 -1.23
N LYS F 67 7.75 50.03 -1.24
CA LYS F 67 8.80 51.03 -1.06
C LYS F 67 8.62 51.74 0.28
N GLU F 68 9.51 51.44 1.23
CA GLU F 68 9.37 52.01 2.57
C GLU F 68 9.44 53.53 2.54
N GLU F 69 10.16 54.10 1.59
CA GLU F 69 10.31 55.55 1.53
C GLU F 69 9.04 56.27 1.06
N HIS F 70 7.97 55.57 0.70
CA HIS F 70 6.72 56.23 0.38
C HIS F 70 5.85 56.53 1.60
N PHE F 71 6.14 55.90 2.74
CA PHE F 71 5.20 55.92 3.86
C PHE F 71 5.30 57.20 4.67
N LYS F 72 6.50 57.74 4.93
CA LYS F 72 6.53 59.02 5.63
C LYS F 72 5.87 60.15 4.84
N PRO F 73 6.20 60.37 3.56
CA PRO F 73 5.46 61.42 2.83
C PRO F 73 3.96 61.18 2.78
N LEU F 74 3.52 59.92 2.78
CA LEU F 74 2.10 59.63 2.93
C LEU F 74 1.57 60.22 4.23
N TYR F 75 2.25 59.90 5.34
CA TYR F 75 1.91 60.47 6.63
C TYR F 75 1.86 61.99 6.57
N ASP F 76 2.93 62.60 6.03
CA ASP F 76 2.99 64.06 5.96
C ASP F 76 1.84 64.63 5.15
N SER F 77 1.57 64.04 3.98
CA SER F 77 0.51 64.56 3.10
C SER F 77 -0.86 64.50 3.78
N VAL F 78 -1.19 63.35 4.36
CA VAL F 78 -2.46 63.20 5.07
C VAL F 78 -2.54 64.16 6.24
N LYS F 79 -1.48 64.24 7.04
CA LYS F 79 -1.50 65.16 8.17
C LYS F 79 -1.70 66.60 7.71
N LYS F 80 -1.04 66.99 6.62
CA LYS F 80 -1.20 68.35 6.09
C LYS F 80 -2.57 68.57 5.47
N ASP F 81 -3.07 67.60 4.70
CA ASP F 81 -4.30 67.81 3.94
C ASP F 81 -5.55 67.49 4.76
N LEU F 82 -5.56 66.34 5.46
CA LEU F 82 -6.71 65.92 6.24
C LEU F 82 -6.59 66.18 7.74
N GLY F 83 -5.38 66.18 8.28
CA GLY F 83 -5.16 66.46 9.69
C GLY F 83 -5.31 65.24 10.58
N SER F 84 -6.34 64.43 10.32
CA SER F 84 -6.55 63.18 11.05
C SER F 84 -7.33 62.23 10.15
N LEU F 85 -7.45 60.97 10.61
CA LEU F 85 -8.14 59.93 9.88
C LEU F 85 -9.18 59.27 10.77
N ASP F 86 -10.37 59.05 10.21
CA ASP F 86 -11.39 58.22 10.84
C ASP F 86 -11.50 56.83 10.24
N PHE F 87 -10.99 56.61 9.03
CA PHE F 87 -10.96 55.24 8.53
C PHE F 87 -9.88 55.09 7.46
N ILE F 88 -9.43 53.85 7.32
CA ILE F 88 -8.48 53.45 6.29
C ILE F 88 -9.05 52.23 5.56
N VAL F 89 -8.96 52.23 4.24
CA VAL F 89 -9.32 51.08 3.43
C VAL F 89 -8.04 50.54 2.81
N HIS F 90 -7.71 49.29 3.11
CA HIS F 90 -6.54 48.60 2.58
C HIS F 90 -7.05 47.57 1.60
N SER F 91 -6.95 47.89 0.32
CA SER F 91 -7.54 47.09 -0.75
C SER F 91 -6.45 46.79 -1.77
N VAL F 92 -5.44 46.03 -1.36
CA VAL F 92 -4.22 45.81 -2.12
C VAL F 92 -3.77 44.36 -1.96
N ALA F 93 -3.44 43.72 -3.07
CA ALA F 93 -2.80 42.42 -3.05
C ALA F 93 -2.00 42.25 -4.33
N PHE F 94 -1.06 41.31 -4.30
CA PHE F 94 -0.36 40.89 -5.52
C PHE F 94 0.34 39.56 -5.29
N ALA F 95 0.26 38.69 -6.30
CA ALA F 95 1.17 37.57 -6.42
C ALA F 95 1.48 37.42 -7.91
N PRO F 96 2.67 36.93 -8.25
CA PRO F 96 2.98 36.70 -9.67
C PRO F 96 1.97 35.75 -10.29
N LYS F 97 1.67 36.01 -11.57
CA LYS F 97 0.64 35.25 -12.27
C LYS F 97 0.87 33.75 -12.15
N GLU F 98 2.13 33.32 -12.23
CA GLU F 98 2.41 31.88 -12.26
C GLU F 98 2.22 31.21 -10.91
N ALA F 99 2.32 31.96 -9.81
CA ALA F 99 2.04 31.39 -8.49
C ALA F 99 0.55 31.10 -8.30
N LEU F 100 -0.32 31.78 -9.03
CA LEU F 100 -1.75 31.52 -8.98
C LEU F 100 -2.19 30.59 -10.10
N GLU F 101 -1.25 29.89 -10.73
CA GLU F 101 -1.48 28.74 -11.57
C GLU F 101 -0.87 27.51 -10.93
N GLY F 102 -1.28 26.34 -11.41
CA GLY F 102 -0.63 25.12 -10.96
C GLY F 102 -0.81 24.92 -9.46
N SER F 103 0.27 24.55 -8.80
CA SER F 103 0.17 24.06 -7.44
C SER F 103 0.93 24.95 -6.48
N LEU F 104 0.53 24.88 -5.19
CA LEU F 104 1.31 25.53 -4.15
C LEU F 104 2.71 24.94 -4.03
N LEU F 105 2.86 23.62 -4.25
CA LEU F 105 4.18 22.95 -4.22
C LEU F 105 5.24 23.65 -5.06
N GLU F 106 4.91 24.11 -6.27
CA GLU F 106 5.89 24.72 -7.17
C GLU F 106 6.26 26.15 -6.80
N THR F 107 5.65 26.74 -5.79
CA THR F 107 5.86 28.15 -5.53
C THR F 107 7.32 28.44 -5.21
N SER F 108 7.87 29.44 -5.90
CA SER F 108 9.21 29.92 -5.60
C SER F 108 9.20 30.78 -4.34
N LYS F 109 10.37 30.88 -3.70
CA LYS F 109 10.47 31.65 -2.47
C LYS F 109 10.28 33.14 -2.71
N SER F 110 10.70 33.66 -3.86
CA SER F 110 10.47 35.06 -4.17
C SER F 110 8.99 35.34 -4.42
N ALA F 111 8.29 34.42 -5.10
CA ALA F 111 6.85 34.60 -5.25
C ALA F 111 6.17 34.62 -3.89
N PHE F 112 6.56 33.70 -3.00
CA PHE F 112 6.02 33.67 -1.64
C PHE F 112 6.27 35.00 -0.91
N ASN F 113 7.52 35.48 -0.93
CA ASN F 113 7.84 36.72 -0.21
C ASN F 113 7.08 37.90 -0.79
N THR F 114 6.96 37.96 -2.11
CA THR F 114 6.25 39.08 -2.75
C THR F 114 4.78 39.10 -2.34
N ALA F 115 4.12 37.95 -2.40
CA ALA F 115 2.71 37.87 -2.03
C ALA F 115 2.50 38.24 -0.56
N MET F 116 3.36 37.73 0.32
CA MET F 116 3.19 38.03 1.73
C MET F 116 3.43 39.51 2.00
N GLU F 117 4.47 40.08 1.39
CA GLU F 117 4.81 41.48 1.63
C GLU F 117 3.71 42.42 1.12
N ILE F 118 3.31 42.26 -0.14
CA ILE F 118 2.35 43.19 -0.73
C ILE F 118 0.96 43.00 -0.14
N SER F 119 0.59 41.76 0.17
CA SER F 119 -0.78 41.43 0.54
C SER F 119 -1.01 41.50 2.04
N VAL F 120 0.03 41.27 2.86
CA VAL F 120 -0.17 41.16 4.30
C VAL F 120 0.62 42.22 5.06
N TYR F 121 1.94 42.22 4.91
CA TYR F 121 2.75 43.15 5.70
C TYR F 121 2.40 44.61 5.40
N SER F 122 1.92 44.89 4.18
CA SER F 122 1.56 46.27 3.85
C SER F 122 0.46 46.79 4.76
N LEU F 123 -0.43 45.91 5.24
CA LEU F 123 -1.43 46.35 6.21
C LEU F 123 -0.78 46.80 7.52
N ILE F 124 0.22 46.05 7.98
CA ILE F 124 0.92 46.43 9.20
C ILE F 124 1.67 47.75 8.98
N GLU F 125 2.41 47.86 7.88
CA GLU F 125 3.20 49.07 7.67
C GLU F 125 2.29 50.28 7.46
N LEU F 126 1.24 50.12 6.65
CA LEU F 126 0.30 51.22 6.44
C LEU F 126 -0.33 51.65 7.75
N THR F 127 -0.79 50.70 8.57
CA THR F 127 -1.51 51.04 9.79
C THR F 127 -0.57 51.62 10.84
N ASN F 128 0.64 51.06 10.98
CA ASN F 128 1.62 51.62 11.88
C ASN F 128 1.98 53.05 11.49
N THR F 129 2.29 53.27 10.21
CA THR F 129 2.64 54.61 9.74
C THR F 129 1.59 55.62 10.13
N LEU F 130 0.31 55.28 9.93
CA LEU F 130 -0.77 56.25 10.06
C LEU F 130 -1.40 56.28 11.45
N LYS F 131 -1.01 55.37 12.34
CA LYS F 131 -1.66 55.27 13.65
C LYS F 131 -1.71 56.59 14.42
N PRO F 132 -0.66 57.42 14.46
CA PRO F 132 -0.79 58.72 15.16
C PRO F 132 -1.88 59.63 14.60
N LEU F 133 -2.33 59.44 13.36
CA LEU F 133 -3.39 60.28 12.81
C LEU F 133 -4.78 59.72 13.07
N LEU F 134 -4.90 58.53 13.66
CA LEU F 134 -6.21 57.90 13.83
C LEU F 134 -6.96 58.52 15.01
N ASN F 135 -8.18 58.99 14.74
CA ASN F 135 -9.02 59.50 15.79
C ASN F 135 -9.63 58.35 16.60
N ASN F 136 -10.11 58.70 17.79
CA ASN F 136 -10.94 57.79 18.56
C ASN F 136 -12.09 57.27 17.69
N GLY F 137 -12.37 55.98 17.83
CA GLY F 137 -13.45 55.38 17.05
C GLY F 137 -13.14 55.06 15.61
N ALA F 138 -11.88 55.12 15.17
CA ALA F 138 -11.55 54.91 13.77
C ALA F 138 -11.71 53.44 13.35
N SER F 139 -11.82 53.21 12.04
CA SER F 139 -12.06 51.88 11.50
C SER F 139 -11.08 51.60 10.37
N VAL F 140 -10.33 50.50 10.50
CA VAL F 140 -9.41 50.02 9.47
C VAL F 140 -10.04 48.78 8.84
N LEU F 141 -10.13 48.77 7.51
CA LEU F 141 -10.73 47.65 6.80
C LEU F 141 -9.77 47.12 5.73
N THR F 142 -9.63 45.80 5.65
CA THR F 142 -8.90 45.17 4.56
C THR F 142 -9.83 44.20 3.85
N LEU F 143 -9.35 43.65 2.73
CA LEU F 143 -10.16 42.77 1.90
C LEU F 143 -9.57 41.36 1.91
N SER F 144 -10.42 40.38 2.12
CA SER F 144 -9.95 39.00 2.07
C SER F 144 -10.85 38.19 1.16
N TYR F 145 -10.64 36.88 1.15
CA TYR F 145 -11.34 35.98 0.25
C TYR F 145 -11.32 34.59 0.84
N LEU F 146 -12.38 33.81 0.55
CA LEU F 146 -12.61 32.52 1.21
C LEU F 146 -11.44 31.56 1.02
N GLY F 147 -10.61 31.76 -0.02
CA GLY F 147 -9.42 30.96 -0.23
C GLY F 147 -8.46 30.94 0.95
N SER F 148 -8.64 31.84 1.92
CA SER F 148 -7.83 31.83 3.14
C SER F 148 -8.12 30.60 4.01
N THR F 149 -9.38 30.24 4.16
CA THR F 149 -9.73 29.18 5.10
C THR F 149 -10.21 27.90 4.43
N LYS F 150 -10.46 27.92 3.13
CA LYS F 150 -10.83 26.75 2.35
C LYS F 150 -9.96 26.68 1.11
N TYR F 151 -9.86 25.50 0.52
CA TYR F 151 -9.25 25.41 -0.82
C TYR F 151 -10.17 26.07 -1.85
N MET F 152 -9.58 26.97 -2.65
CA MET F 152 -10.18 27.50 -3.88
C MET F 152 -9.18 27.30 -5.01
N ALA F 153 -9.71 27.01 -6.21
CA ALA F 153 -8.91 26.51 -7.32
C ALA F 153 -7.72 27.42 -7.59
N HIS F 154 -6.52 26.89 -7.35
CA HIS F 154 -5.24 27.49 -7.74
C HIS F 154 -5.02 28.85 -7.10
N TYR F 155 -5.80 29.19 -6.07
CA TYR F 155 -5.55 30.40 -5.31
C TYR F 155 -4.18 30.35 -4.64
N ASN F 156 -3.72 29.16 -4.26
CA ASN F 156 -2.37 28.87 -3.77
C ASN F 156 -1.82 29.89 -2.78
N VAL F 157 -0.70 30.52 -3.13
CA VAL F 157 0.02 31.35 -2.15
C VAL F 157 -0.85 32.53 -1.71
N MET F 158 -1.77 33.00 -2.55
CA MET F 158 -2.70 34.04 -2.12
C MET F 158 -3.58 33.54 -0.98
N GLY F 159 -3.94 32.26 -1.01
CA GLY F 159 -4.68 31.68 0.11
C GLY F 159 -3.89 31.71 1.39
N LEU F 160 -2.58 31.42 1.31
CA LEU F 160 -1.71 31.57 2.47
C LEU F 160 -1.69 33.02 2.94
N ALA F 161 -1.58 33.97 2.00
CA ALA F 161 -1.54 35.39 2.36
C ALA F 161 -2.83 35.83 3.04
N LYS F 162 -3.98 35.50 2.44
CA LYS F 162 -5.24 35.94 3.01
C LYS F 162 -5.47 35.33 4.39
N ALA F 163 -4.98 34.10 4.61
CA ALA F 163 -5.09 33.50 5.93
C ALA F 163 -4.31 34.30 6.96
N ALA F 164 -3.07 34.66 6.60
CA ALA F 164 -2.24 35.50 7.45
C ALA F 164 -2.89 36.87 7.66
N LEU F 165 -3.58 37.38 6.62
CA LEU F 165 -4.21 38.70 6.69
C LEU F 165 -5.37 38.69 7.67
N GLU F 166 -6.18 37.65 7.64
CA GLU F 166 -7.30 37.57 8.57
C GLU F 166 -6.81 37.41 10.00
N SER F 167 -5.71 36.69 10.20
CA SER F 167 -5.13 36.61 11.53
C SER F 167 -4.57 37.97 11.95
N ALA F 168 -3.99 38.72 11.01
CA ALA F 168 -3.50 40.06 11.31
C ALA F 168 -4.65 40.97 11.73
N VAL F 169 -5.80 40.85 11.07
CA VAL F 169 -7.01 41.56 11.50
C VAL F 169 -7.31 41.30 12.98
N ARG F 170 -7.14 40.07 13.44
CA ARG F 170 -7.45 39.78 14.84
C ARG F 170 -6.42 40.39 15.80
N TYR F 171 -5.13 40.27 15.48
CA TYR F 171 -4.10 40.84 16.36
C TYR F 171 -4.15 42.36 16.36
N LEU F 172 -4.33 42.98 15.19
CA LEU F 172 -4.50 44.42 15.13
C LEU F 172 -5.74 44.87 15.89
N ALA F 173 -6.84 44.10 15.80
CA ALA F 173 -8.03 44.47 16.56
C ALA F 173 -7.74 44.56 18.05
N VAL F 174 -6.89 43.68 18.57
CA VAL F 174 -6.52 43.75 19.97
C VAL F 174 -5.53 44.88 20.22
N ASP F 175 -4.54 45.05 19.33
CA ASP F 175 -3.57 46.13 19.48
C ASP F 175 -4.23 47.50 19.47
N LEU F 176 -5.18 47.72 18.58
CA LEU F 176 -5.75 49.04 18.41
C LEU F 176 -7.07 49.25 19.16
N GLY F 177 -7.68 48.16 19.63
CA GLY F 177 -8.92 48.29 20.40
C GLY F 177 -8.74 49.02 21.72
N LYS F 178 -7.53 48.97 22.30
CA LYS F 178 -7.23 49.77 23.49
C LYS F 178 -7.63 51.22 23.29
N HIS F 179 -7.42 51.75 22.08
CA HIS F 179 -7.68 53.15 21.74
C HIS F 179 -9.01 53.34 21.03
N ASN F 180 -9.94 52.39 21.19
CA ASN F 180 -11.26 52.44 20.55
C ASN F 180 -11.15 52.49 19.02
N ILE F 181 -10.20 51.76 18.45
CA ILE F 181 -10.05 51.67 17.00
C ILE F 181 -10.40 50.26 16.55
N ARG F 182 -11.20 50.14 15.50
CA ARG F 182 -11.66 48.83 15.05
C ARG F 182 -10.86 48.40 13.82
N VAL F 183 -10.79 47.08 13.61
CA VAL F 183 -10.08 46.48 12.48
C VAL F 183 -10.89 45.29 11.99
N ASN F 184 -11.22 45.26 10.71
CA ASN F 184 -12.05 44.19 10.17
C ASN F 184 -11.57 43.82 8.78
N ALA F 185 -12.06 42.68 8.30
CA ALA F 185 -11.85 42.25 6.94
C ALA F 185 -13.20 42.05 6.28
N LEU F 186 -13.33 42.53 5.05
CA LEU F 186 -14.47 42.19 4.21
C LEU F 186 -14.04 41.06 3.29
N SER F 187 -14.68 39.90 3.42
CA SER F 187 -14.40 38.76 2.56
C SER F 187 -15.41 38.78 1.42
N ALA F 188 -15.00 39.25 0.26
CA ALA F 188 -15.88 39.38 -0.88
C ALA F 188 -15.89 38.10 -1.71
N GLY F 189 -17.03 37.83 -2.34
CA GLY F 189 -17.10 36.83 -3.37
C GLY F 189 -16.31 37.29 -4.58
N PRO F 190 -16.12 36.40 -5.55
CA PRO F 190 -15.40 36.80 -6.77
C PRO F 190 -16.14 37.92 -7.49
N ILE F 191 -15.37 38.87 -8.02
CA ILE F 191 -15.92 39.98 -8.81
C ILE F 191 -14.87 40.39 -9.84
N ARG F 192 -15.34 40.73 -11.04
CA ARG F 192 -14.49 41.11 -12.16
C ARG F 192 -13.77 42.41 -11.85
N THR F 193 -12.45 42.36 -11.61
CA THR F 193 -11.62 43.55 -11.41
C THR F 193 -10.38 43.41 -12.27
N LEU F 194 -9.53 44.45 -12.26
CA LEU F 194 -8.29 44.37 -13.01
C LEU F 194 -7.39 43.23 -12.51
N ALA F 195 -7.16 43.18 -11.18
CA ALA F 195 -6.34 42.12 -10.61
C ALA F 195 -6.93 40.74 -10.88
N SER F 196 -8.25 40.59 -10.70
CA SER F 196 -8.87 39.28 -10.87
C SER F 196 -8.84 38.84 -12.32
N SER F 197 -9.10 39.78 -13.24
CA SER F 197 -9.09 39.48 -14.67
C SER F 197 -7.78 38.82 -15.11
N GLY F 198 -6.70 39.02 -14.38
CA GLY F 198 -5.42 38.42 -14.69
C GLY F 198 -5.27 36.96 -14.35
N ILE F 199 -6.20 36.38 -13.58
CA ILE F 199 -6.12 34.98 -13.18
C ILE F 199 -6.86 34.11 -14.20
N ALA F 200 -6.24 32.98 -14.56
CA ALA F 200 -6.75 32.14 -15.64
C ALA F 200 -8.09 31.51 -15.27
N ASP F 201 -8.13 30.80 -14.14
CA ASP F 201 -9.37 30.14 -13.76
C ASP F 201 -10.31 31.05 -12.96
N PHE F 202 -10.20 32.38 -13.12
CA PHE F 202 -11.11 33.27 -12.40
C PHE F 202 -12.51 33.22 -12.99
N ARG F 203 -12.62 33.18 -14.33
CA ARG F 203 -13.93 33.19 -14.94
C ARG F 203 -14.73 31.96 -14.52
N MET F 204 -14.05 30.87 -14.20
CA MET F 204 -14.78 29.68 -13.81
C MET F 204 -15.14 29.73 -12.32
N ILE F 205 -14.25 30.29 -11.49
CA ILE F 205 -14.58 30.52 -10.08
C ILE F 205 -15.79 31.43 -9.96
N LEU F 206 -15.85 32.48 -10.80
CA LEU F 206 -16.99 33.38 -10.83
C LEU F 206 -18.28 32.64 -11.18
N LYS F 207 -18.26 31.86 -12.26
CA LYS F 207 -19.46 31.16 -12.70
C LYS F 207 -19.88 30.10 -11.69
N TRP F 208 -18.91 29.41 -11.10
CA TRP F 208 -19.19 28.43 -10.05
C TRP F 208 -19.88 29.09 -8.86
N ASN F 209 -19.41 30.25 -8.45
CA ASN F 209 -20.08 31.01 -7.41
C ASN F 209 -21.51 31.37 -7.82
N GLU F 210 -21.71 31.79 -9.07
CA GLU F 210 -23.02 32.25 -9.51
C GLU F 210 -24.06 31.12 -9.50
N ILE F 211 -23.67 29.93 -9.94
CA ILE F 211 -24.57 28.80 -9.97
C ILE F 211 -24.85 28.30 -8.55
N ASN F 212 -23.82 28.27 -7.71
CA ASN F 212 -23.91 27.53 -6.46
C ASN F 212 -24.20 28.39 -5.24
N ALA F 213 -24.08 29.73 -5.35
CA ALA F 213 -24.36 30.59 -4.21
C ALA F 213 -25.84 30.50 -3.84
N PRO F 214 -26.17 30.62 -2.55
CA PRO F 214 -27.59 30.64 -2.14
C PRO F 214 -28.45 31.62 -2.91
N LEU F 215 -27.95 32.81 -3.22
CA LEU F 215 -28.75 33.80 -3.94
C LEU F 215 -28.65 33.65 -5.45
N ARG F 216 -27.85 32.70 -5.95
CA ARG F 216 -27.77 32.37 -7.37
C ARG F 216 -27.35 33.59 -8.20
N LYS F 217 -26.43 34.39 -7.65
CA LYS F 217 -25.89 35.55 -8.35
C LYS F 217 -24.48 35.78 -7.86
N ASN F 218 -23.72 36.57 -8.62
CA ASN F 218 -22.47 37.14 -8.14
C ASN F 218 -22.77 38.44 -7.41
N VAL F 219 -21.88 38.81 -6.47
CA VAL F 219 -22.04 40.09 -5.79
C VAL F 219 -21.72 41.22 -6.75
N SER F 220 -22.44 42.33 -6.59
CA SER F 220 -22.14 43.54 -7.33
C SER F 220 -21.13 44.39 -6.57
N LEU F 221 -20.50 45.30 -7.32
CA LEU F 221 -19.57 46.25 -6.72
C LEU F 221 -20.26 47.08 -5.65
N GLU F 222 -21.51 47.46 -5.89
CA GLU F 222 -22.26 48.26 -4.92
C GLU F 222 -22.46 47.49 -3.60
N GLU F 223 -22.76 46.19 -3.68
CA GLU F 223 -22.97 45.40 -2.47
C GLU F 223 -21.69 45.29 -1.66
N VAL F 224 -20.54 45.16 -2.33
CA VAL F 224 -19.27 45.17 -1.63
C VAL F 224 -19.00 46.55 -1.07
N GLY F 225 -19.22 47.59 -1.87
CA GLY F 225 -19.03 48.95 -1.37
C GLY F 225 -19.88 49.24 -0.17
N ASN F 226 -21.16 48.83 -0.21
CA ASN F 226 -22.07 49.11 0.89
C ASN F 226 -21.69 48.33 2.15
N ALA F 227 -21.35 47.05 2.01
CA ALA F 227 -20.82 46.31 3.15
C ALA F 227 -19.58 46.98 3.71
N GLY F 228 -18.69 47.46 2.83
CA GLY F 228 -17.49 48.13 3.31
C GLY F 228 -17.80 49.39 4.10
N MET F 229 -18.69 50.24 3.55
CA MET F 229 -19.08 51.49 4.20
C MET F 229 -19.62 51.21 5.60
N TYR F 230 -20.51 50.23 5.72
CA TYR F 230 -21.03 49.82 7.01
C TYR F 230 -19.89 49.53 8.00
N LEU F 231 -18.89 48.76 7.57
CA LEU F 231 -17.82 48.39 8.49
C LEU F 231 -16.96 49.59 8.86
N LEU F 232 -16.86 50.57 7.96
CA LEU F 232 -16.09 51.78 8.22
C LEU F 232 -16.83 52.79 9.08
N SER F 233 -18.15 52.65 9.24
CA SER F 233 -18.97 53.70 9.81
C SER F 233 -19.36 53.35 11.24
N SER F 234 -19.95 54.34 11.92
CA SER F 234 -20.31 54.12 13.31
C SER F 234 -21.43 53.10 13.47
N LEU F 235 -22.16 52.80 12.39
CA LEU F 235 -23.17 51.74 12.44
C LEU F 235 -22.58 50.44 12.97
N SER F 236 -21.32 50.15 12.66
CA SER F 236 -20.67 48.92 13.08
C SER F 236 -19.74 49.12 14.26
N SER F 237 -19.99 50.13 15.10
CA SER F 237 -19.07 50.40 16.21
C SER F 237 -18.98 49.24 17.19
N GLY F 238 -19.94 48.33 17.19
CA GLY F 238 -19.75 47.13 17.98
C GLY F 238 -18.99 46.00 17.30
N VAL F 239 -18.43 46.22 16.11
CA VAL F 239 -17.87 45.13 15.30
C VAL F 239 -16.36 45.33 15.12
N SER F 240 -15.57 44.39 15.62
CA SER F 240 -14.14 44.43 15.37
C SER F 240 -13.58 43.02 15.29
N GLY F 241 -12.43 42.90 14.64
CA GLY F 241 -11.82 41.58 14.44
C GLY F 241 -12.65 40.63 13.63
N GLU F 242 -13.58 41.14 12.82
CA GLU F 242 -14.58 40.33 12.12
C GLU F 242 -14.12 40.09 10.67
N VAL F 243 -14.33 38.86 10.21
CA VAL F 243 -14.25 38.51 8.80
C VAL F 243 -15.70 38.43 8.31
N HIS F 244 -16.08 39.33 7.43
CA HIS F 244 -17.48 39.58 7.09
C HIS F 244 -17.69 39.19 5.63
N PHE F 245 -18.51 38.17 5.39
CA PHE F 245 -18.68 37.65 4.04
C PHE F 245 -19.72 38.45 3.27
N VAL F 246 -19.34 38.90 2.07
CA VAL F 246 -20.19 39.59 1.13
C VAL F 246 -20.07 38.84 -0.19
N ASP F 247 -20.78 37.73 -0.30
CA ASP F 247 -20.48 36.74 -1.34
C ASP F 247 -21.75 36.05 -1.82
N ALA F 248 -22.91 36.69 -1.68
CA ALA F 248 -24.20 36.11 -2.02
C ALA F 248 -24.50 34.85 -1.20
N GLY F 249 -23.84 34.68 -0.04
CA GLY F 249 -23.99 33.50 0.79
C GLY F 249 -23.15 32.30 0.41
N TYR F 250 -22.25 32.42 -0.57
CA TYR F 250 -21.58 31.26 -1.11
C TYR F 250 -20.86 30.46 -0.03
N HIS F 251 -20.27 31.15 0.96
CA HIS F 251 -19.47 30.50 1.99
C HIS F 251 -20.20 29.39 2.75
N VAL F 252 -21.54 29.37 2.75
CA VAL F 252 -22.23 28.31 3.50
C VAL F 252 -22.17 26.95 2.79
N MET F 253 -21.85 26.90 1.50
CA MET F 253 -21.98 25.67 0.74
C MET F 253 -20.85 24.70 1.06
N GLY F 254 -21.21 23.50 1.49
CA GLY F 254 -20.26 22.42 1.65
C GLY F 254 -20.13 21.51 0.46
N MET F 255 -20.88 21.77 -0.60
CA MET F 255 -20.84 21.02 -1.84
C MET F 255 -21.57 21.84 -2.89
N GLY F 256 -21.61 21.32 -4.12
CA GLY F 256 -22.37 21.96 -5.17
C GLY F 256 -23.86 21.90 -4.90
N ALA F 257 -24.57 22.92 -5.34
CA ALA F 257 -26.01 22.95 -5.14
C ALA F 257 -26.70 21.94 -6.06
N VAL F 258 -27.90 21.53 -5.68
CA VAL F 258 -28.66 20.48 -6.34
C VAL F 258 -30.09 20.96 -6.60
N GLU F 259 -30.89 20.05 -7.15
CA GLU F 259 -32.29 20.30 -7.48
C GLU F 259 -33.02 18.97 -7.64
N ALA F 265 -32.24 14.26 -7.88
CA ALA F 265 -30.92 14.71 -7.42
C ALA F 265 -29.96 15.00 -8.57
N THR F 266 -29.88 16.26 -8.98
CA THR F 266 -28.99 16.67 -10.06
C THR F 266 -28.31 17.99 -9.70
N LEU F 267 -27.02 18.05 -9.96
CA LEU F 267 -26.24 19.26 -9.72
C LEU F 267 -26.76 20.41 -10.58
N LEU F 268 -26.98 21.57 -9.95
CA LEU F 268 -27.30 22.78 -10.71
C LEU F 268 -26.23 23.07 -11.75
N TRP F 269 -24.97 22.78 -11.43
CA TRP F 269 -23.93 22.92 -12.43
C TRP F 269 -24.22 22.06 -13.65
N ASP F 270 -24.71 20.84 -13.43
CA ASP F 270 -25.04 19.93 -14.54
C ASP F 270 -26.23 20.44 -15.36
N LEU F 271 -27.24 21.02 -14.68
CA LEU F 271 -28.35 21.63 -15.41
C LEU F 271 -27.86 22.81 -16.25
N HIS F 272 -26.89 23.55 -15.74
CA HIS F 272 -26.29 24.65 -16.47
C HIS F 272 -25.59 24.14 -17.72
N MET G 1 -33.19 58.30 1.39
CA MET G 1 -31.98 58.16 2.18
C MET G 1 -32.15 57.03 3.20
N GLY G 2 -33.22 57.10 3.99
CA GLY G 2 -33.49 56.09 5.01
C GLY G 2 -33.33 54.70 4.43
N PHE G 3 -32.42 53.90 5.00
CA PHE G 3 -32.07 52.62 4.39
C PHE G 3 -33.24 51.63 4.34
N LEU G 4 -34.32 51.89 5.08
CA LEU G 4 -35.49 51.02 5.11
C LEU G 4 -36.77 51.77 4.76
N LYS G 5 -36.67 52.94 4.14
CA LYS G 5 -37.85 53.77 3.89
C LYS G 5 -38.87 53.01 3.05
N GLY G 6 -40.10 52.88 3.55
CA GLY G 6 -41.12 52.14 2.85
C GLY G 6 -41.13 50.64 3.08
N LYS G 7 -40.07 50.07 3.66
CA LYS G 7 -40.00 48.63 3.90
C LYS G 7 -40.82 48.22 5.13
N LYS G 8 -41.47 47.06 5.01
CA LYS G 8 -42.36 46.53 6.02
C LYS G 8 -41.69 45.38 6.77
N GLY G 9 -41.64 45.47 8.08
CA GLY G 9 -40.97 44.45 8.89
C GLY G 9 -41.77 44.01 10.09
N LEU G 10 -41.65 42.72 10.41
CA LEU G 10 -42.24 42.13 11.59
C LEU G 10 -41.18 41.92 12.66
N ILE G 11 -41.41 42.46 13.85
CA ILE G 11 -40.49 42.34 14.99
C ILE G 11 -41.07 41.35 15.99
N VAL G 12 -40.42 40.19 16.14
CA VAL G 12 -40.85 39.14 17.05
C VAL G 12 -39.86 39.08 18.20
N GLY G 13 -40.30 39.43 19.41
CA GLY G 13 -39.53 39.22 20.62
C GLY G 13 -39.27 40.43 21.50
N VAL G 14 -39.98 41.55 21.31
CA VAL G 14 -39.86 42.66 22.25
C VAL G 14 -40.50 42.24 23.57
N ALA G 15 -39.81 42.48 24.67
CA ALA G 15 -40.37 42.32 26.00
C ALA G 15 -40.48 43.63 26.76
N ASN G 16 -39.50 44.52 26.61
CA ASN G 16 -39.48 45.86 27.18
C ASN G 16 -38.47 46.67 26.39
N ASN G 17 -38.14 47.86 26.85
CA ASN G 17 -37.22 48.73 26.10
C ASN G 17 -35.75 48.37 26.29
N LYS G 18 -35.43 47.26 26.96
CA LYS G 18 -34.08 46.70 26.98
C LYS G 18 -33.90 45.54 26.00
N SER G 19 -35.00 45.06 25.40
CA SER G 19 -34.93 43.90 24.52
C SER G 19 -34.09 44.19 23.29
N ILE G 20 -33.27 43.21 22.89
CA ILE G 20 -32.52 43.33 21.64
C ILE G 20 -33.45 43.63 20.47
N ALA G 21 -34.63 42.99 20.45
CA ALA G 21 -35.61 43.26 19.41
C ALA G 21 -36.04 44.72 19.40
N TYR G 22 -36.08 45.37 20.56
CA TYR G 22 -36.43 46.78 20.61
C TYR G 22 -35.31 47.64 20.03
N GLY G 23 -34.05 47.31 20.34
CA GLY G 23 -32.95 48.03 19.74
C GLY G 23 -32.92 47.93 18.23
N ILE G 24 -33.15 46.73 17.70
CA ILE G 24 -33.24 46.57 16.25
C ILE G 24 -34.42 47.37 15.70
N ALA G 25 -35.59 47.22 16.33
CA ALA G 25 -36.79 47.95 15.87
C ALA G 25 -36.53 49.44 15.84
N GLN G 26 -35.92 49.97 16.89
CA GLN G 26 -35.70 51.41 16.97
C GLN G 26 -34.79 51.88 15.84
N SER G 27 -33.69 51.16 15.60
CA SER G 27 -32.80 51.50 14.50
C SER G 27 -33.52 51.40 13.16
N CYS G 28 -34.36 50.38 12.99
CA CYS G 28 -35.14 50.25 11.76
C CYS G 28 -36.11 51.41 11.61
N PHE G 29 -36.74 51.82 12.69
CA PHE G 29 -37.68 52.93 12.65
C PHE G 29 -36.98 54.22 12.23
N ASN G 30 -35.79 54.49 12.80
CA ASN G 30 -35.03 55.68 12.41
C ASN G 30 -34.60 55.65 10.95
N GLN G 31 -34.57 54.47 10.32
CA GLN G 31 -34.25 54.33 8.91
C GLN G 31 -35.50 54.23 8.03
N GLY G 32 -36.67 54.56 8.57
CA GLY G 32 -37.87 54.73 7.80
C GLY G 32 -38.77 53.52 7.66
N ALA G 33 -38.50 52.44 8.38
CA ALA G 33 -39.30 51.24 8.20
C ALA G 33 -40.70 51.41 8.79
N THR G 34 -41.65 50.70 8.18
CA THR G 34 -42.97 50.47 8.75
C THR G 34 -42.94 49.14 9.51
N LEU G 35 -43.25 49.17 10.80
CA LEU G 35 -43.03 48.04 11.67
C LEU G 35 -44.35 47.44 12.15
N ALA G 36 -44.33 46.14 12.43
CA ALA G 36 -45.36 45.46 13.20
C ALA G 36 -44.67 44.63 14.28
N PHE G 37 -45.42 44.30 15.35
CA PHE G 37 -44.86 43.66 16.53
C PHE G 37 -45.75 42.53 17.01
N THR G 38 -45.13 41.50 17.57
CA THR G 38 -45.83 40.45 18.29
C THR G 38 -45.50 40.50 19.77
N TYR G 39 -46.39 39.91 20.58
CA TYR G 39 -46.22 39.77 22.02
C TYR G 39 -46.55 38.36 22.46
N LEU G 40 -45.82 37.85 23.46
CA LEU G 40 -46.02 36.46 23.90
C LEU G 40 -47.39 36.29 24.56
N ASN G 41 -47.77 37.21 25.43
CA ASN G 41 -49.08 37.15 26.08
C ASN G 41 -49.48 38.57 26.50
N GLU G 42 -50.55 38.66 27.28
CA GLU G 42 -51.12 39.97 27.55
C GLU G 42 -50.33 40.75 28.59
N SER G 43 -49.67 40.06 29.52
CA SER G 43 -48.71 40.72 30.37
C SER G 43 -47.63 41.43 29.56
N LEU G 44 -47.03 40.71 28.61
CA LEU G 44 -46.03 41.32 27.73
C LEU G 44 -46.65 42.36 26.80
N GLU G 45 -47.89 42.14 26.36
CA GLU G 45 -48.57 43.11 25.50
C GLU G 45 -48.61 44.48 26.15
N LYS G 46 -48.68 44.53 27.48
CA LYS G 46 -48.70 45.79 28.20
C LYS G 46 -47.44 46.61 27.93
N ARG G 47 -46.31 45.99 27.55
CA ARG G 47 -45.12 46.79 27.26
C ARG G 47 -44.88 46.88 25.77
N VAL G 48 -45.29 45.85 25.02
CA VAL G 48 -45.04 45.88 23.58
C VAL G 48 -45.88 46.96 22.90
N ARG G 49 -47.13 47.11 23.31
CA ARG G 49 -48.00 48.10 22.68
C ARG G 49 -47.52 49.53 22.86
N PRO G 50 -47.08 49.98 24.05
CA PRO G 50 -46.51 51.33 24.14
C PRO G 50 -45.25 51.50 23.31
N ILE G 51 -44.40 50.48 23.23
CA ILE G 51 -43.20 50.56 22.40
C ILE G 51 -43.59 50.70 20.94
N ALA G 52 -44.56 49.90 20.50
CA ALA G 52 -45.02 49.97 19.12
C ALA G 52 -45.57 51.36 18.80
N GLN G 53 -46.39 51.92 19.70
CA GLN G 53 -46.94 53.25 19.44
C GLN G 53 -45.83 54.28 19.36
N GLU G 54 -44.86 54.24 20.29
CA GLU G 54 -43.70 55.11 20.23
C GLU G 54 -42.96 55.00 18.89
N LEU G 55 -42.99 53.82 18.26
CA LEU G 55 -42.39 53.65 16.94
C LEU G 55 -43.42 53.68 15.82
N ASN G 56 -44.56 54.34 16.06
CA ASN G 56 -45.51 54.69 15.00
C ASN G 56 -46.25 53.46 14.45
N SER G 57 -46.42 52.43 15.27
CA SER G 57 -47.04 51.21 14.78
C SER G 57 -48.30 50.86 15.55
N PRO G 58 -49.45 50.70 14.88
CA PRO G 58 -50.63 50.13 15.52
C PRO G 58 -50.76 48.62 15.35
N TYR G 59 -49.80 47.98 14.70
CA TYR G 59 -49.89 46.56 14.29
C TYR G 59 -49.20 45.72 15.35
N VAL G 60 -50.00 45.12 16.23
CA VAL G 60 -49.53 44.44 17.43
C VAL G 60 -50.32 43.15 17.55
N TYR G 61 -49.66 42.01 17.29
CA TYR G 61 -50.33 40.72 17.22
C TYR G 61 -49.81 39.79 18.31
N GLU G 62 -50.63 38.85 18.72
CA GLU G 62 -50.20 37.84 19.67
C GLU G 62 -49.49 36.71 18.96
N LEU G 63 -48.40 36.22 19.55
CA LEU G 63 -47.70 35.06 19.02
C LEU G 63 -46.91 34.40 20.17
N ASP G 64 -47.46 33.31 20.69
CA ASP G 64 -46.70 32.34 21.49
C ASP G 64 -46.23 31.27 20.51
N VAL G 65 -44.92 31.26 20.23
CA VAL G 65 -44.39 30.37 19.17
C VAL G 65 -44.63 28.90 19.49
N SER G 66 -44.87 28.57 20.76
CA SER G 66 -45.19 27.20 21.13
C SER G 66 -46.63 26.79 20.79
N LYS G 67 -47.50 27.73 20.41
CA LYS G 67 -48.88 27.44 20.08
C LYS G 67 -49.06 27.54 18.58
N GLU G 68 -49.17 26.37 17.92
CA GLU G 68 -49.27 26.35 16.46
C GLU G 68 -50.46 27.15 15.96
N GLU G 69 -51.53 27.22 16.75
CA GLU G 69 -52.75 27.91 16.34
C GLU G 69 -52.58 29.42 16.24
N HIS G 70 -51.51 30.00 16.78
CA HIS G 70 -51.28 31.45 16.61
C HIS G 70 -50.72 31.82 15.23
N PHE G 71 -50.24 30.84 14.45
CA PHE G 71 -49.46 31.18 13.26
C PHE G 71 -50.32 31.56 12.07
N LYS G 72 -51.42 30.86 11.84
CA LYS G 72 -52.27 31.25 10.72
C LYS G 72 -52.97 32.58 11.00
N PRO G 73 -53.45 32.83 12.22
CA PRO G 73 -53.92 34.20 12.53
C PRO G 73 -52.85 35.26 12.36
N LEU G 74 -51.56 34.95 12.60
CA LEU G 74 -50.52 35.95 12.44
C LEU G 74 -50.32 36.29 10.95
N TYR G 75 -50.19 35.24 10.13
CA TYR G 75 -50.25 35.41 8.68
C TYR G 75 -51.42 36.29 8.26
N ASP G 76 -52.62 35.97 8.76
CA ASP G 76 -53.82 36.73 8.39
C ASP G 76 -53.70 38.18 8.82
N SER G 77 -53.17 38.43 10.02
CA SER G 77 -53.04 39.80 10.50
C SER G 77 -52.07 40.60 9.63
N VAL G 78 -50.90 40.03 9.35
CA VAL G 78 -49.89 40.75 8.57
C VAL G 78 -50.40 41.03 7.17
N LYS G 79 -50.96 40.01 6.51
CA LYS G 79 -51.49 40.21 5.16
C LYS G 79 -52.51 41.35 5.14
N LYS G 80 -53.41 41.36 6.12
CA LYS G 80 -54.48 42.35 6.17
C LYS G 80 -53.95 43.75 6.41
N ASP G 81 -52.99 43.88 7.32
CA ASP G 81 -52.55 45.22 7.73
C ASP G 81 -51.42 45.75 6.89
N LEU G 82 -50.45 44.89 6.54
CA LEU G 82 -49.29 45.32 5.78
C LEU G 82 -49.24 44.81 4.35
N GLY G 83 -49.92 43.71 4.04
CA GLY G 83 -49.95 43.17 2.69
C GLY G 83 -48.76 42.30 2.32
N SER G 84 -47.56 42.71 2.70
CA SER G 84 -46.36 41.95 2.38
C SER G 84 -45.29 42.32 3.39
N LEU G 85 -44.19 41.57 3.37
CA LEU G 85 -43.13 41.79 4.34
C LEU G 85 -41.80 41.94 3.60
N ASP G 86 -41.02 42.96 3.99
CA ASP G 86 -39.65 43.08 3.51
C ASP G 86 -38.61 42.57 4.51
N PHE G 87 -38.96 42.38 5.78
CA PHE G 87 -38.01 41.75 6.71
C PHE G 87 -38.73 41.18 7.93
N ILE G 88 -38.04 40.26 8.59
CA ILE G 88 -38.54 39.59 9.79
C ILE G 88 -37.40 39.53 10.80
N VAL G 89 -37.69 39.91 12.04
CA VAL G 89 -36.74 39.83 13.13
C VAL G 89 -37.23 38.75 14.09
N HIS G 90 -36.44 37.67 14.19
CA HIS G 90 -36.71 36.54 15.07
C HIS G 90 -35.79 36.71 16.29
N SER G 91 -36.33 37.30 17.35
CA SER G 91 -35.56 37.60 18.56
C SER G 91 -36.17 36.88 19.77
N VAL G 92 -36.17 35.55 19.74
CA VAL G 92 -36.93 34.74 20.69
C VAL G 92 -36.11 33.52 21.11
N ALA G 93 -36.01 33.28 22.41
CA ALA G 93 -35.45 32.04 22.94
C ALA G 93 -35.97 31.80 24.35
N PHE G 94 -35.88 30.54 24.79
CA PHE G 94 -36.22 30.23 26.18
C PHE G 94 -35.62 28.89 26.58
N ALA G 95 -35.11 28.82 27.80
CA ALA G 95 -34.80 27.54 28.42
C ALA G 95 -35.10 27.64 29.91
N PRO G 96 -35.57 26.55 30.52
CA PRO G 96 -35.73 26.54 31.98
C PRO G 96 -34.44 26.98 32.65
N LYS G 97 -34.56 27.81 33.70
CA LYS G 97 -33.36 28.42 34.26
C LYS G 97 -32.48 27.39 34.96
N GLU G 98 -33.07 26.27 35.36
CA GLU G 98 -32.30 25.19 35.95
C GLU G 98 -31.42 24.51 34.92
N ALA G 99 -31.81 24.58 33.64
CA ALA G 99 -31.00 24.00 32.57
C ALA G 99 -29.77 24.86 32.28
N LEU G 100 -29.87 26.16 32.51
CA LEU G 100 -28.71 27.03 32.33
C LEU G 100 -27.89 27.14 33.60
N GLU G 101 -28.03 26.16 34.47
CA GLU G 101 -27.21 25.95 35.65
C GLU G 101 -26.53 24.61 35.55
N GLY G 102 -25.44 24.50 36.30
CA GLY G 102 -24.81 23.20 36.43
C GLY G 102 -24.40 22.69 35.07
N SER G 103 -24.61 21.41 34.85
CA SER G 103 -24.03 20.75 33.71
C SER G 103 -25.08 20.48 32.64
N LEU G 104 -24.60 20.26 31.41
CA LEU G 104 -25.48 19.75 30.36
C LEU G 104 -25.95 18.33 30.69
N LEU G 105 -25.08 17.51 31.29
CA LEU G 105 -25.43 16.12 31.61
C LEU G 105 -26.76 15.99 32.34
N GLU G 106 -27.09 16.98 33.17
CA GLU G 106 -28.25 16.95 34.03
C GLU G 106 -29.40 17.79 33.47
N THR G 107 -29.46 17.87 32.13
CA THR G 107 -30.58 18.45 31.39
C THR G 107 -31.66 17.39 31.21
N SER G 108 -32.88 17.71 31.64
CA SER G 108 -34.00 16.81 31.40
C SER G 108 -34.42 16.84 29.93
N LYS G 109 -35.05 15.76 29.49
CA LYS G 109 -35.52 15.69 28.10
C LYS G 109 -36.53 16.80 27.81
N SER G 110 -37.43 17.08 28.74
CA SER G 110 -38.45 18.09 28.46
C SER G 110 -37.83 19.47 28.41
N ALA G 111 -36.85 19.78 29.26
CA ALA G 111 -36.18 21.06 29.14
C ALA G 111 -35.44 21.16 27.81
N PHE G 112 -34.86 20.05 27.34
CA PHE G 112 -34.18 20.03 26.04
C PHE G 112 -35.16 20.32 24.91
N ASN G 113 -36.30 19.62 24.91
CA ASN G 113 -37.30 19.84 23.86
C ASN G 113 -37.81 21.28 23.89
N THR G 114 -38.00 21.84 25.08
CA THR G 114 -38.53 23.19 25.18
C THR G 114 -37.53 24.20 24.63
N ALA G 115 -36.27 24.09 25.06
CA ALA G 115 -35.24 25.01 24.56
C ALA G 115 -35.14 24.93 23.05
N MET G 116 -35.18 23.71 22.50
CA MET G 116 -35.01 23.53 21.04
C MET G 116 -36.19 24.08 20.26
N GLU G 117 -37.42 23.89 20.78
CA GLU G 117 -38.61 24.29 20.04
C GLU G 117 -38.79 25.81 20.06
N ILE G 118 -38.61 26.43 21.23
CA ILE G 118 -38.82 27.87 21.35
C ILE G 118 -37.72 28.62 20.62
N SER G 119 -36.48 28.15 20.75
CA SER G 119 -35.30 28.88 20.26
C SER G 119 -34.98 28.59 18.80
N VAL G 120 -35.28 27.38 18.32
CA VAL G 120 -34.82 26.97 17.00
C VAL G 120 -35.99 26.72 16.05
N TYR G 121 -36.83 25.71 16.36
CA TYR G 121 -37.91 25.36 15.44
C TYR G 121 -38.86 26.52 15.18
N SER G 122 -39.01 27.44 16.15
CA SER G 122 -39.86 28.61 15.96
C SER G 122 -39.41 29.46 14.77
N LEU G 123 -38.09 29.51 14.49
CA LEU G 123 -37.65 30.23 13.29
C LEU G 123 -38.20 29.55 12.04
N ILE G 124 -38.13 28.22 12.00
CA ILE G 124 -38.63 27.48 10.84
C ILE G 124 -40.13 27.68 10.69
N GLU G 125 -40.89 27.54 11.79
CA GLU G 125 -42.35 27.72 11.70
C GLU G 125 -42.71 29.15 11.30
N LEU G 126 -42.11 30.14 11.96
CA LEU G 126 -42.38 31.53 11.65
C LEU G 126 -42.08 31.84 10.20
N THR G 127 -40.89 31.45 9.73
CA THR G 127 -40.51 31.73 8.36
C THR G 127 -41.46 31.07 7.38
N ASN G 128 -41.69 29.76 7.55
CA ASN G 128 -42.57 29.04 6.62
C ASN G 128 -43.97 29.63 6.61
N THR G 129 -44.48 30.03 7.78
CA THR G 129 -45.79 30.70 7.86
C THR G 129 -45.84 31.97 7.01
N LEU G 130 -44.80 32.80 7.10
CA LEU G 130 -44.81 34.14 6.51
C LEU G 130 -44.19 34.18 5.12
N LYS G 131 -43.64 33.06 4.64
CA LYS G 131 -42.99 33.04 3.34
C LYS G 131 -43.84 33.59 2.18
N PRO G 132 -45.13 33.26 2.05
CA PRO G 132 -45.90 33.82 0.92
C PRO G 132 -46.00 35.33 0.91
N LEU G 133 -45.83 36.00 2.05
CA LEU G 133 -45.88 37.46 2.10
C LEU G 133 -44.52 38.12 1.88
N LEU G 134 -43.45 37.34 1.83
CA LEU G 134 -42.13 37.93 1.75
C LEU G 134 -41.86 38.44 0.35
N ASN G 135 -41.48 39.71 0.26
CA ASN G 135 -41.17 40.31 -1.03
C ASN G 135 -39.80 39.86 -1.54
N ASN G 136 -39.60 40.06 -2.83
CA ASN G 136 -38.28 39.91 -3.42
C ASN G 136 -37.26 40.74 -2.64
N GLY G 137 -36.12 40.12 -2.33
CA GLY G 137 -35.09 40.83 -1.60
C GLY G 137 -35.28 40.87 -0.11
N ALA G 138 -36.31 40.22 0.42
CA ALA G 138 -36.57 40.28 1.86
C ALA G 138 -35.40 39.69 2.65
N SER G 139 -35.38 40.02 3.94
CA SER G 139 -34.27 39.70 4.85
C SER G 139 -34.84 39.16 6.15
N VAL G 140 -34.43 37.95 6.52
CA VAL G 140 -34.82 37.29 7.77
C VAL G 140 -33.60 37.25 8.70
N LEU G 141 -33.78 37.76 9.91
CA LEU G 141 -32.70 37.89 10.87
C LEU G 141 -33.08 37.19 12.17
N THR G 142 -32.21 36.30 12.66
CA THR G 142 -32.36 35.75 14.01
C THR G 142 -31.18 36.18 14.86
N LEU G 143 -31.22 35.81 16.14
CA LEU G 143 -30.25 36.26 17.12
C LEU G 143 -29.55 35.05 17.73
N SER G 144 -28.23 35.11 17.82
CA SER G 144 -27.45 33.98 18.32
C SER G 144 -26.39 34.51 19.29
N TYR G 145 -25.58 33.58 19.78
CA TYR G 145 -24.60 33.85 20.83
C TYR G 145 -23.43 32.90 20.65
N LEU G 146 -22.23 33.40 20.98
CA LEU G 146 -20.99 32.64 20.82
C LEU G 146 -21.01 31.30 21.54
N GLY G 147 -21.90 31.09 22.51
CA GLY G 147 -21.97 29.80 23.19
C GLY G 147 -22.36 28.64 22.27
N SER G 148 -22.79 28.95 21.03
CA SER G 148 -23.09 27.92 20.04
C SER G 148 -21.85 27.13 19.64
N THR G 149 -20.73 27.81 19.42
CA THR G 149 -19.55 27.18 18.86
C THR G 149 -18.37 27.13 19.83
N LYS G 150 -18.46 27.80 20.97
CA LYS G 150 -17.49 27.68 22.04
C LYS G 150 -18.23 27.39 23.32
N TYR G 151 -17.51 26.85 24.29
CA TYR G 151 -18.05 26.73 25.64
C TYR G 151 -18.18 28.12 26.27
N MET G 152 -19.35 28.42 26.81
CA MET G 152 -19.56 29.61 27.62
C MET G 152 -20.21 29.16 28.93
N ALA G 153 -19.89 29.87 30.02
CA ALA G 153 -20.18 29.37 31.37
C ALA G 153 -21.63 28.95 31.57
N HIS G 154 -21.82 27.64 31.70
CA HIS G 154 -23.09 26.99 32.02
C HIS G 154 -24.21 27.36 31.05
N TYR G 155 -23.82 27.75 29.83
CA TYR G 155 -24.79 28.10 28.79
C TYR G 155 -25.53 26.86 28.30
N ASN G 156 -24.86 25.71 28.32
CA ASN G 156 -25.47 24.38 28.27
C ASN G 156 -26.44 24.19 27.12
N VAL G 157 -27.68 23.81 27.42
CA VAL G 157 -28.61 23.46 26.35
C VAL G 157 -28.88 24.66 25.43
N MET G 158 -28.72 25.88 25.92
CA MET G 158 -28.91 27.01 25.02
C MET G 158 -27.76 27.11 24.02
N GLY G 159 -26.56 26.65 24.41
CA GLY G 159 -25.49 26.51 23.44
C GLY G 159 -25.82 25.52 22.35
N LEU G 160 -26.47 24.40 22.71
CA LEU G 160 -26.89 23.43 21.71
C LEU G 160 -27.92 24.05 20.78
N ALA G 161 -28.83 24.84 21.34
CA ALA G 161 -29.89 25.46 20.56
C ALA G 161 -29.31 26.46 19.58
N LYS G 162 -28.42 27.33 20.06
CA LYS G 162 -27.84 28.32 19.18
C LYS G 162 -27.02 27.67 18.07
N ALA G 163 -26.33 26.56 18.37
CA ALA G 163 -25.62 25.87 17.30
C ALA G 163 -26.59 25.36 16.24
N ALA G 164 -27.72 24.79 16.66
CA ALA G 164 -28.72 24.36 15.69
C ALA G 164 -29.33 25.54 14.96
N LEU G 165 -29.48 26.69 15.63
CA LEU G 165 -30.07 27.88 15.00
C LEU G 165 -29.18 28.42 13.90
N GLU G 166 -27.86 28.43 14.12
CA GLU G 166 -26.93 28.88 13.08
C GLU G 166 -26.92 27.92 11.89
N SER G 167 -27.13 26.63 12.15
CA SER G 167 -27.25 25.69 11.05
C SER G 167 -28.54 25.92 10.27
N ALA G 168 -29.65 26.13 10.98
CA ALA G 168 -30.90 26.51 10.33
C ALA G 168 -30.70 27.72 9.42
N VAL G 169 -29.98 28.73 9.91
CA VAL G 169 -29.72 29.92 9.10
C VAL G 169 -29.07 29.56 7.78
N ARG G 170 -28.10 28.62 7.81
CA ARG G 170 -27.44 28.20 6.58
C ARG G 170 -28.41 27.47 5.64
N TYR G 171 -29.18 26.50 6.15
CA TYR G 171 -30.11 25.78 5.29
C TYR G 171 -31.24 26.70 4.81
N LEU G 172 -31.74 27.58 5.67
CA LEU G 172 -32.78 28.51 5.23
C LEU G 172 -32.24 29.49 4.21
N ALA G 173 -30.95 29.86 4.32
CA ALA G 173 -30.37 30.72 3.30
C ALA G 173 -30.41 30.04 1.95
N VAL G 174 -30.26 28.72 1.93
CA VAL G 174 -30.30 28.00 0.65
C VAL G 174 -31.74 27.83 0.21
N ASP G 175 -32.64 27.45 1.13
CA ASP G 175 -34.05 27.29 0.78
C ASP G 175 -34.61 28.55 0.16
N LEU G 176 -34.35 29.71 0.76
CA LEU G 176 -35.02 30.94 0.35
C LEU G 176 -34.24 31.79 -0.65
N GLY G 177 -32.91 31.60 -0.75
CA GLY G 177 -32.13 32.47 -1.60
C GLY G 177 -32.47 32.36 -3.07
N LYS G 178 -33.01 31.22 -3.50
CA LYS G 178 -33.47 31.06 -4.87
C LYS G 178 -34.67 31.94 -5.18
N HIS G 179 -35.33 32.47 -4.14
CA HIS G 179 -36.34 33.50 -4.28
C HIS G 179 -35.79 34.88 -3.94
N ASN G 180 -34.47 35.02 -3.88
CA ASN G 180 -33.79 36.28 -3.55
C ASN G 180 -34.16 36.76 -2.15
N ILE G 181 -34.27 35.84 -1.21
CA ILE G 181 -34.52 36.18 0.18
C ILE G 181 -33.28 35.82 0.99
N ARG G 182 -32.89 36.69 1.91
CA ARG G 182 -31.67 36.53 2.69
C ARG G 182 -32.02 36.11 4.12
N VAL G 183 -31.18 35.25 4.71
CA VAL G 183 -31.33 34.82 6.10
C VAL G 183 -29.99 34.92 6.80
N ASN G 184 -29.96 35.54 7.98
CA ASN G 184 -28.72 35.76 8.69
C ASN G 184 -28.94 35.59 10.18
N ALA G 185 -27.84 35.49 10.93
CA ALA G 185 -27.87 35.57 12.38
C ALA G 185 -26.99 36.72 12.85
N LEU G 186 -27.49 37.49 13.81
CA LEU G 186 -26.68 38.46 14.54
C LEU G 186 -26.24 37.79 15.84
N SER G 187 -24.93 37.64 16.02
CA SER G 187 -24.39 37.05 17.24
C SER G 187 -23.95 38.17 18.15
N ALA G 188 -24.80 38.54 19.09
CA ALA G 188 -24.53 39.65 19.99
C ALA G 188 -23.64 39.18 21.14
N GLY G 189 -22.77 40.07 21.59
CA GLY G 189 -22.13 39.95 22.87
C GLY G 189 -23.15 40.06 23.98
N PRO G 190 -22.76 39.69 25.19
CA PRO G 190 -23.71 39.69 26.30
C PRO G 190 -24.20 41.12 26.55
N ILE G 191 -25.47 41.23 26.91
CA ILE G 191 -26.12 42.50 27.16
C ILE G 191 -27.32 42.24 28.06
N ARG G 192 -27.53 43.11 29.05
CA ARG G 192 -28.49 42.78 30.10
C ARG G 192 -29.91 43.01 29.57
N THR G 193 -30.68 41.93 29.49
CA THR G 193 -32.09 41.93 29.08
C THR G 193 -32.88 41.12 30.10
N LEU G 194 -34.20 41.06 29.91
CA LEU G 194 -35.03 40.24 30.79
C LEU G 194 -34.57 38.78 30.76
N ALA G 195 -34.47 38.20 29.56
CA ALA G 195 -34.07 36.80 29.45
C ALA G 195 -32.67 36.58 30.02
N SER G 196 -31.72 37.43 29.67
CA SER G 196 -30.34 37.23 30.15
C SER G 196 -30.25 37.46 31.64
N SER G 197 -30.93 38.49 32.16
CA SER G 197 -30.77 38.88 33.57
C SER G 197 -31.28 37.83 34.54
N GLY G 198 -32.09 36.88 34.08
CA GLY G 198 -32.48 35.79 34.95
C GLY G 198 -31.30 34.93 35.37
N ILE G 199 -30.31 34.80 34.49
CA ILE G 199 -29.30 33.73 34.61
C ILE G 199 -28.17 34.15 35.53
N ALA G 200 -27.67 33.19 36.30
CA ALA G 200 -26.40 33.35 36.99
C ALA G 200 -25.27 32.88 36.07
N ASP G 201 -24.08 33.40 36.34
CA ASP G 201 -22.94 33.45 35.41
C ASP G 201 -23.13 34.59 34.42
N PHE G 202 -24.37 35.04 34.17
CA PHE G 202 -24.55 36.12 33.20
C PHE G 202 -23.75 37.35 33.61
N ARG G 203 -23.89 37.77 34.87
CA ARG G 203 -23.28 39.01 35.33
C ARG G 203 -21.78 38.96 35.17
N MET G 204 -21.18 37.82 35.46
CA MET G 204 -19.75 37.66 35.33
C MET G 204 -19.36 37.37 33.88
N ILE G 205 -20.26 36.77 33.09
CA ILE G 205 -20.04 36.70 31.64
C ILE G 205 -19.94 38.12 31.06
N LEU G 206 -20.84 39.03 31.48
CA LEU G 206 -20.73 40.43 31.09
C LEU G 206 -19.39 41.01 31.44
N LYS G 207 -19.01 40.89 32.71
CA LYS G 207 -17.77 41.50 33.20
C LYS G 207 -16.56 40.91 32.48
N TRP G 208 -16.57 39.59 32.25
CA TRP G 208 -15.47 38.96 31.53
C TRP G 208 -15.37 39.51 30.11
N ASN G 209 -16.50 39.72 29.44
CA ASN G 209 -16.49 40.29 28.10
C ASN G 209 -15.98 41.73 28.12
N GLU G 210 -16.51 42.55 29.04
CA GLU G 210 -16.08 43.95 29.10
C GLU G 210 -14.57 44.07 29.24
N ILE G 211 -13.97 43.30 30.15
CA ILE G 211 -12.55 43.43 30.43
C ILE G 211 -11.72 42.90 29.27
N ASN G 212 -12.14 41.78 28.69
CA ASN G 212 -11.29 41.03 27.77
C ASN G 212 -11.54 41.34 26.29
N ALA G 213 -12.63 42.03 25.96
CA ALA G 213 -12.93 42.36 24.58
C ALA G 213 -11.91 43.34 24.03
N PRO G 214 -11.60 43.24 22.72
CA PRO G 214 -10.63 44.18 22.14
C PRO G 214 -10.98 45.64 22.38
N LEU G 215 -12.26 46.00 22.27
CA LEU G 215 -12.65 47.38 22.47
C LEU G 215 -12.84 47.72 23.95
N ARG G 216 -12.58 46.77 24.85
CA ARG G 216 -12.58 46.96 26.30
C ARG G 216 -13.89 47.59 26.77
N LYS G 217 -15.00 47.09 26.23
CA LYS G 217 -16.32 47.60 26.58
C LYS G 217 -17.34 46.54 26.23
N ASN G 218 -18.52 46.64 26.85
CA ASN G 218 -19.67 45.86 26.44
C ASN G 218 -20.37 46.56 25.28
N VAL G 219 -20.96 45.75 24.38
CA VAL G 219 -21.76 46.35 23.31
C VAL G 219 -23.00 46.99 23.91
N SER G 220 -23.43 48.10 23.32
CA SER G 220 -24.67 48.75 23.71
C SER G 220 -25.82 48.23 22.86
N LEU G 221 -27.03 48.50 23.34
CA LEU G 221 -28.23 48.10 22.61
C LEU G 221 -28.31 48.79 21.25
N GLU G 222 -27.85 50.05 21.16
CA GLU G 222 -27.86 50.75 19.89
C GLU G 222 -26.92 50.09 18.89
N GLU G 223 -25.74 49.65 19.35
CA GLU G 223 -24.79 48.98 18.46
C GLU G 223 -25.36 47.67 17.93
N VAL G 224 -26.02 46.90 18.80
CA VAL G 224 -26.69 45.68 18.32
C VAL G 224 -27.83 46.06 17.39
N GLY G 225 -28.59 47.11 17.72
CA GLY G 225 -29.69 47.52 16.86
C GLY G 225 -29.24 47.95 15.48
N ASN G 226 -28.12 48.67 15.41
CA ASN G 226 -27.66 49.18 14.11
C ASN G 226 -27.11 48.06 13.24
N ALA G 227 -26.38 47.12 13.83
CA ALA G 227 -25.92 45.97 13.05
C ALA G 227 -27.10 45.16 12.52
N GLY G 228 -28.14 45.00 13.32
CA GLY G 228 -29.31 44.29 12.85
C GLY G 228 -30.01 45.02 11.72
N MET G 229 -30.17 46.33 11.87
CA MET G 229 -30.76 47.13 10.79
C MET G 229 -29.96 47.00 9.50
N TYR G 230 -28.63 47.03 9.61
CA TYR G 230 -27.79 46.82 8.42
C TYR G 230 -28.14 45.51 7.73
N LEU G 231 -28.20 44.40 8.49
CA LEU G 231 -28.50 43.10 7.90
C LEU G 231 -29.93 43.01 7.39
N LEU G 232 -30.84 43.83 7.92
CA LEU G 232 -32.22 43.81 7.44
C LEU G 232 -32.41 44.70 6.23
N SER G 233 -31.46 45.57 5.94
CA SER G 233 -31.56 46.56 4.89
C SER G 233 -30.84 46.09 3.62
N SER G 234 -31.13 46.77 2.51
CA SER G 234 -30.49 46.40 1.26
C SER G 234 -29.00 46.73 1.23
N LEU G 235 -28.48 47.45 2.22
CA LEU G 235 -27.03 47.67 2.28
C LEU G 235 -26.27 46.34 2.27
N SER G 236 -26.84 45.32 2.90
CA SER G 236 -26.22 44.00 3.04
C SER G 236 -26.80 42.98 2.06
N SER G 237 -27.26 43.42 0.89
CA SER G 237 -27.91 42.47 -0.02
C SER G 237 -26.93 41.49 -0.64
N GLY G 238 -25.64 41.66 -0.45
CA GLY G 238 -24.69 40.61 -0.78
C GLY G 238 -24.43 39.61 0.33
N VAL G 239 -25.14 39.69 1.46
CA VAL G 239 -24.83 38.94 2.69
C VAL G 239 -25.98 37.99 3.03
N SER G 240 -25.70 36.69 3.08
CA SER G 240 -26.72 35.72 3.50
C SER G 240 -26.02 34.54 4.16
N GLY G 241 -26.77 33.84 5.02
CA GLY G 241 -26.21 32.69 5.69
C GLY G 241 -25.07 33.03 6.63
N GLU G 242 -24.92 34.30 6.97
CA GLU G 242 -23.80 34.79 7.75
C GLU G 242 -24.13 34.80 9.24
N VAL G 243 -23.14 34.49 10.06
CA VAL G 243 -23.19 34.75 11.50
C VAL G 243 -22.31 35.97 11.75
N HIS G 244 -22.94 37.10 12.07
CA HIS G 244 -22.26 38.40 12.14
C HIS G 244 -22.10 38.78 13.62
N PHE G 245 -20.85 38.81 14.10
CA PHE G 245 -20.58 39.08 15.51
C PHE G 245 -20.65 40.57 15.80
N VAL G 246 -21.48 40.94 16.79
CA VAL G 246 -21.53 42.32 17.28
C VAL G 246 -21.24 42.24 18.78
N ASP G 247 -19.96 42.19 19.13
CA ASP G 247 -19.58 41.78 20.49
C ASP G 247 -18.35 42.53 20.96
N ALA G 248 -18.12 43.73 20.40
CA ALA G 248 -16.94 44.54 20.71
C ALA G 248 -15.64 43.80 20.41
N GLY G 249 -15.69 42.82 19.50
CA GLY G 249 -14.54 42.02 19.12
C GLY G 249 -14.28 40.79 19.97
N TYR G 250 -15.10 40.52 20.99
CA TYR G 250 -14.74 39.51 21.99
C TYR G 250 -14.43 38.16 21.35
N HIS G 251 -15.15 37.80 20.28
CA HIS G 251 -15.02 36.48 19.66
C HIS G 251 -13.61 36.14 19.20
N VAL G 252 -12.72 37.14 19.01
CA VAL G 252 -11.38 36.80 18.51
C VAL G 252 -10.46 36.29 19.61
N MET G 253 -10.82 36.47 20.88
CA MET G 253 -9.90 36.15 21.96
C MET G 253 -9.77 34.64 22.13
N GLY G 254 -8.54 34.17 22.29
CA GLY G 254 -8.28 32.78 22.60
C GLY G 254 -7.92 32.53 24.05
N MET G 255 -7.90 33.57 24.86
CA MET G 255 -7.53 33.52 26.27
C MET G 255 -7.81 34.91 26.84
N GLY G 256 -7.58 35.07 28.13
CA GLY G 256 -7.72 36.39 28.73
C GLY G 256 -6.70 37.37 28.20
N ALA G 257 -7.13 38.63 28.13
CA ALA G 257 -6.23 39.72 27.74
C ALA G 257 -5.13 39.91 28.79
N VAL G 258 -3.97 40.42 28.34
CA VAL G 258 -2.81 40.62 29.20
C VAL G 258 -2.30 42.06 29.06
N GLU G 259 -1.35 42.39 29.92
CA GLU G 259 -0.68 43.68 29.90
C GLU G 259 0.74 43.48 30.44
N GLU G 260 1.73 43.99 29.71
CA GLU G 260 3.12 43.97 30.19
C GLU G 260 3.45 45.22 30.98
N LYS G 264 6.90 41.44 33.45
CA LYS G 264 5.97 40.31 33.52
C LYS G 264 4.72 40.52 32.68
N ALA G 265 3.92 39.47 32.55
CA ALA G 265 2.65 39.52 31.85
C ALA G 265 1.54 39.25 32.86
N THR G 266 0.65 40.22 33.03
CA THR G 266 -0.45 40.08 33.98
C THR G 266 -1.78 40.16 33.24
N LEU G 267 -2.71 39.29 33.64
CA LEU G 267 -4.06 39.33 33.08
C LEU G 267 -4.73 40.64 33.42
N LEU G 268 -5.31 41.30 32.40
CA LEU G 268 -6.12 42.48 32.70
C LEU G 268 -7.16 42.18 33.77
N TRP G 269 -7.68 40.94 33.81
CA TRP G 269 -8.62 40.57 34.86
C TRP G 269 -7.99 40.75 36.25
N ASP G 270 -6.69 40.50 36.38
CA ASP G 270 -6.08 40.52 37.69
C ASP G 270 -5.83 41.93 38.20
N LEU G 271 -5.69 42.91 37.30
CA LEU G 271 -5.67 44.31 37.72
C LEU G 271 -7.07 44.78 38.12
N HIS G 272 -8.07 44.41 37.33
CA HIS G 272 -9.49 44.42 37.71
C HIS G 272 -9.72 43.97 39.15
N MET H 1 -3.60 -7.12 23.14
CA MET H 1 -2.26 -6.66 23.52
C MET H 1 -2.17 -5.17 23.30
N GLY H 2 -3.06 -4.68 22.45
CA GLY H 2 -3.00 -3.33 21.96
C GLY H 2 -3.37 -2.31 23.01
N PHE H 3 -3.69 -1.11 22.55
CA PHE H 3 -3.89 0.03 23.43
C PHE H 3 -5.23 0.01 24.16
N LEU H 4 -6.09 -0.99 23.94
CA LEU H 4 -7.35 -1.10 24.67
C LEU H 4 -7.43 -2.39 25.48
N LYS H 5 -6.28 -2.97 25.73
CA LYS H 5 -6.18 -4.23 26.46
C LYS H 5 -6.51 -3.99 27.93
N GLY H 6 -7.46 -4.76 28.47
CA GLY H 6 -7.95 -4.49 29.80
C GLY H 6 -8.96 -3.36 29.91
N LYS H 7 -9.40 -2.79 28.78
CA LYS H 7 -10.35 -1.68 28.75
C LYS H 7 -11.70 -2.17 28.24
N LYS H 8 -12.78 -1.71 28.86
CA LYS H 8 -14.13 -2.14 28.50
C LYS H 8 -14.88 -1.00 27.83
N GLY H 9 -15.63 -1.31 26.77
CA GLY H 9 -16.37 -0.31 26.04
C GLY H 9 -17.75 -0.80 25.66
N LEU H 10 -18.70 0.14 25.63
CA LEU H 10 -20.07 -0.13 25.21
C LEU H 10 -20.32 0.48 23.84
N ILE H 11 -20.78 -0.34 22.89
CA ILE H 11 -20.98 0.07 21.50
C ILE H 11 -22.48 0.23 21.24
N VAL H 12 -22.92 1.47 21.02
CA VAL H 12 -24.32 1.77 20.77
C VAL H 12 -24.48 2.15 19.30
N GLY H 13 -25.23 1.34 18.54
CA GLY H 13 -25.55 1.71 17.17
C GLY H 13 -25.23 0.72 16.07
N VAL H 14 -24.82 -0.51 16.41
CA VAL H 14 -24.61 -1.53 15.37
C VAL H 14 -25.96 -1.98 14.82
N ALA H 15 -26.05 -2.10 13.50
CA ALA H 15 -27.26 -2.59 12.86
C ALA H 15 -26.92 -3.75 11.92
N ASN H 16 -25.72 -3.74 11.36
CA ASN H 16 -25.19 -4.86 10.58
C ASN H 16 -23.70 -4.63 10.40
N ASN H 17 -23.05 -5.45 9.58
CA ASN H 17 -21.60 -5.34 9.47
C ASN H 17 -21.16 -4.19 8.56
N LYS H 18 -22.06 -3.33 8.12
CA LYS H 18 -21.68 -2.11 7.42
C LYS H 18 -21.75 -0.87 8.31
N SER H 19 -22.26 -1.03 9.54
CA SER H 19 -22.45 0.11 10.42
C SER H 19 -21.11 0.72 10.81
N ILE H 20 -21.09 2.05 10.95
CA ILE H 20 -19.90 2.72 11.46
C ILE H 20 -19.56 2.19 12.86
N ALA H 21 -20.56 1.99 13.70
CA ALA H 21 -20.33 1.43 15.03
C ALA H 21 -19.62 0.08 14.96
N TYR H 22 -19.91 -0.72 13.93
CA TYR H 22 -19.22 -1.99 13.76
C TYR H 22 -17.76 -1.79 13.37
N GLY H 23 -17.50 -0.90 12.40
CA GLY H 23 -16.12 -0.57 12.06
C GLY H 23 -15.35 -0.14 13.29
N ILE H 24 -15.93 0.73 14.11
CA ILE H 24 -15.24 1.19 15.32
C ILE H 24 -15.04 0.03 16.29
N ALA H 25 -16.09 -0.78 16.50
CA ALA H 25 -15.96 -1.95 17.37
C ALA H 25 -14.86 -2.88 16.87
N GLN H 26 -14.85 -3.15 15.57
CA GLN H 26 -13.84 -4.02 14.96
C GLN H 26 -12.43 -3.52 15.29
N SER H 27 -12.15 -2.24 15.03
CA SER H 27 -10.82 -1.71 15.32
C SER H 27 -10.50 -1.77 16.82
N CYS H 28 -11.46 -1.48 17.68
CA CYS H 28 -11.23 -1.56 19.12
C CYS H 28 -10.93 -3.00 19.55
N PHE H 29 -11.63 -3.96 18.94
CA PHE H 29 -11.37 -5.37 19.22
C PHE H 29 -9.95 -5.77 18.85
N ASN H 30 -9.45 -5.28 17.71
CA ASN H 30 -8.09 -5.63 17.33
C ASN H 30 -7.06 -5.02 18.26
N GLN H 31 -7.44 -4.00 19.04
CA GLN H 31 -6.60 -3.45 20.10
C GLN H 31 -6.86 -4.12 21.45
N GLY H 32 -7.64 -5.20 21.50
CA GLY H 32 -7.83 -5.95 22.73
C GLY H 32 -8.97 -5.50 23.60
N ALA H 33 -9.92 -4.73 23.07
CA ALA H 33 -10.99 -4.19 23.92
C ALA H 33 -11.97 -5.29 24.35
N THR H 34 -12.56 -5.08 25.52
CA THR H 34 -13.68 -5.90 25.97
C THR H 34 -14.95 -5.13 25.68
N LEU H 35 -15.77 -5.66 24.78
CA LEU H 35 -16.91 -4.95 24.22
C LEU H 35 -18.24 -5.48 24.76
N ALA H 36 -19.22 -4.59 24.78
CA ALA H 36 -20.63 -4.94 24.86
C ALA H 36 -21.38 -4.11 23.82
N PHE H 37 -22.55 -4.61 23.40
CA PHE H 37 -23.28 -4.01 22.30
C PHE H 37 -24.74 -3.81 22.67
N THR H 38 -25.34 -2.76 22.12
CA THR H 38 -26.79 -2.57 22.20
C THR H 38 -27.41 -2.81 20.84
N TYR H 39 -28.74 -2.97 20.83
CA TYR H 39 -29.51 -3.15 19.61
C TYR H 39 -30.86 -2.47 19.79
N LEU H 40 -31.42 -1.97 18.68
CA LEU H 40 -32.65 -1.19 18.75
C LEU H 40 -33.86 -2.08 19.09
N ASN H 41 -33.97 -3.24 18.44
CA ASN H 41 -35.09 -4.14 18.70
C ASN H 41 -34.66 -5.56 18.35
N GLU H 42 -35.58 -6.50 18.54
CA GLU H 42 -35.30 -7.91 18.30
C GLU H 42 -34.95 -8.14 16.84
N SER H 43 -35.57 -7.40 15.94
CA SER H 43 -35.23 -7.48 14.53
C SER H 43 -33.73 -7.27 14.33
N LEU H 44 -33.21 -6.15 14.85
CA LEU H 44 -31.78 -5.87 14.72
C LEU H 44 -30.95 -6.78 15.64
N GLU H 45 -31.54 -7.26 16.74
CA GLU H 45 -30.78 -8.11 17.66
C GLU H 45 -30.22 -9.32 16.96
N LYS H 46 -30.85 -9.74 15.87
CA LYS H 46 -30.41 -10.93 15.17
C LYS H 46 -29.20 -10.68 14.26
N ARG H 47 -29.00 -9.45 13.79
CA ARG H 47 -27.74 -9.13 13.13
C ARG H 47 -26.66 -8.73 14.13
N VAL H 48 -27.05 -8.16 15.26
CA VAL H 48 -26.08 -7.70 16.24
C VAL H 48 -25.45 -8.88 17.01
N ARG H 49 -26.26 -9.86 17.44
CA ARG H 49 -25.74 -10.94 18.27
C ARG H 49 -24.60 -11.71 17.61
N PRO H 50 -24.68 -12.13 16.34
CA PRO H 50 -23.52 -12.81 15.74
C PRO H 50 -22.33 -11.89 15.55
N ILE H 51 -22.58 -10.59 15.34
CA ILE H 51 -21.51 -9.62 15.26
C ILE H 51 -20.79 -9.49 16.60
N ALA H 52 -21.56 -9.31 17.69
CA ALA H 52 -20.95 -9.29 19.02
C ALA H 52 -20.11 -10.54 19.25
N GLN H 53 -20.66 -11.70 18.91
CA GLN H 53 -19.95 -12.95 19.16
C GLN H 53 -18.65 -13.03 18.36
N GLU H 54 -18.65 -12.54 17.12
CA GLU H 54 -17.39 -12.63 16.40
C GLU H 54 -16.37 -11.65 16.93
N LEU H 55 -16.80 -10.67 17.74
CA LEU H 55 -15.89 -9.77 18.44
C LEU H 55 -15.73 -10.17 19.91
N ASN H 56 -15.91 -11.47 20.20
CA ASN H 56 -15.63 -12.08 21.50
C ASN H 56 -16.55 -11.54 22.60
N SER H 57 -17.75 -11.08 22.24
CA SER H 57 -18.64 -10.45 23.21
C SER H 57 -19.94 -11.25 23.37
N PRO H 58 -20.25 -11.75 24.57
CA PRO H 58 -21.60 -12.28 24.83
C PRO H 58 -22.58 -11.26 25.38
N TYR H 59 -22.22 -9.97 25.42
CA TYR H 59 -23.02 -8.94 26.09
C TYR H 59 -23.74 -8.10 25.03
N VAL H 60 -25.05 -8.33 24.90
CA VAL H 60 -25.89 -7.72 23.88
C VAL H 60 -27.18 -7.27 24.56
N TYR H 61 -27.43 -5.97 24.59
CA TYR H 61 -28.54 -5.43 25.36
C TYR H 61 -29.49 -4.67 24.45
N GLU H 62 -30.77 -4.63 24.83
CA GLU H 62 -31.72 -3.81 24.07
C GLU H 62 -31.61 -2.36 24.49
N LEU H 63 -31.63 -1.45 23.52
CA LEU H 63 -31.61 -0.03 23.84
C LEU H 63 -32.29 0.75 22.71
N ASP H 64 -33.54 1.17 22.95
CA ASP H 64 -34.20 2.20 22.19
C ASP H 64 -34.06 3.49 22.98
N VAL H 65 -33.30 4.44 22.43
CA VAL H 65 -32.96 5.63 23.20
C VAL H 65 -34.17 6.49 23.47
N SER H 66 -35.26 6.29 22.74
CA SER H 66 -36.48 7.04 23.00
C SER H 66 -37.31 6.47 24.16
N LYS H 67 -36.91 5.37 24.77
CA LYS H 67 -37.66 4.78 25.88
C LYS H 67 -36.84 4.85 27.16
N GLU H 68 -37.24 5.74 28.08
CA GLU H 68 -36.47 5.94 29.31
C GLU H 68 -36.31 4.65 30.11
N GLU H 69 -37.30 3.74 30.01
CA GLU H 69 -37.25 2.53 30.84
C GLU H 69 -36.09 1.61 30.44
N HIS H 70 -35.49 1.80 29.27
CA HIS H 70 -34.37 0.94 28.87
C HIS H 70 -33.06 1.27 29.56
N PHE H 71 -32.93 2.47 30.14
CA PHE H 71 -31.61 2.94 30.56
C PHE H 71 -31.15 2.34 31.88
N LYS H 72 -32.04 2.19 32.86
CA LYS H 72 -31.58 1.60 34.12
C LYS H 72 -31.23 0.12 33.97
N PRO H 73 -32.00 -0.68 33.20
CA PRO H 73 -31.52 -2.06 32.93
C PRO H 73 -30.19 -2.09 32.21
N LEU H 74 -29.95 -1.14 31.30
CA LEU H 74 -28.66 -1.05 30.63
C LEU H 74 -27.55 -0.80 31.63
N TYR H 75 -27.74 0.20 32.49
CA TYR H 75 -26.81 0.42 33.59
C TYR H 75 -26.53 -0.88 34.34
N ASP H 76 -27.59 -1.57 34.79
CA ASP H 76 -27.43 -2.80 35.58
C ASP H 76 -26.64 -3.86 34.81
N SER H 77 -27.01 -4.10 33.55
CA SER H 77 -26.31 -5.12 32.75
C SER H 77 -24.83 -4.78 32.59
N VAL H 78 -24.52 -3.52 32.24
CA VAL H 78 -23.13 -3.11 32.07
C VAL H 78 -22.35 -3.31 33.36
N LYS H 79 -22.93 -2.90 34.50
CA LYS H 79 -22.22 -3.06 35.77
C LYS H 79 -21.96 -4.52 36.06
N LYS H 80 -22.90 -5.40 35.72
CA LYS H 80 -22.73 -6.82 35.98
C LYS H 80 -21.74 -7.44 35.00
N ASP H 81 -21.80 -7.05 33.72
CA ASP H 81 -21.03 -7.73 32.69
C ASP H 81 -19.65 -7.14 32.49
N LEU H 82 -19.53 -5.80 32.57
CA LEU H 82 -18.24 -5.14 32.39
C LEU H 82 -17.69 -4.51 33.66
N GLY H 83 -18.52 -4.27 34.67
CA GLY H 83 -18.03 -3.68 35.92
C GLY H 83 -17.77 -2.19 35.89
N SER H 84 -17.05 -1.72 34.87
CA SER H 84 -16.78 -0.30 34.71
C SER H 84 -16.47 -0.06 33.25
N LEU H 85 -16.62 1.19 32.81
CA LEU H 85 -16.53 1.52 31.39
C LEU H 85 -15.32 2.40 31.14
N ASP H 86 -14.51 2.02 30.14
CA ASP H 86 -13.44 2.92 29.71
C ASP H 86 -13.77 3.69 28.43
N PHE H 87 -14.80 3.29 27.68
CA PHE H 87 -15.25 4.11 26.57
C PHE H 87 -16.69 3.77 26.21
N ILE H 88 -17.31 4.73 25.53
CA ILE H 88 -18.66 4.62 25.01
C ILE H 88 -18.64 5.08 23.56
N VAL H 89 -19.22 4.29 22.66
CA VAL H 89 -19.44 4.71 21.27
C VAL H 89 -20.92 4.98 21.10
N HIS H 90 -21.25 6.23 20.74
CA HIS H 90 -22.63 6.69 20.56
C HIS H 90 -22.81 6.94 19.06
N SER H 91 -23.25 5.91 18.35
CA SER H 91 -23.34 5.94 16.89
C SER H 91 -24.80 5.78 16.46
N VAL H 92 -25.63 6.76 16.78
CA VAL H 92 -27.08 6.64 16.68
C VAL H 92 -27.67 7.93 16.14
N ALA H 93 -28.54 7.83 15.14
CA ALA H 93 -29.26 9.00 14.66
C ALA H 93 -30.50 8.54 13.89
N PHE H 94 -31.45 9.46 13.76
CA PHE H 94 -32.64 9.17 12.98
C PHE H 94 -33.39 10.47 12.71
N ALA H 95 -33.90 10.60 11.49
CA ALA H 95 -34.90 11.59 11.16
C ALA H 95 -35.83 10.95 10.14
N PRO H 96 -37.12 11.28 10.19
CA PRO H 96 -38.07 10.75 9.22
C PRO H 96 -37.63 11.01 7.79
N LYS H 97 -37.91 10.04 6.91
CA LYS H 97 -37.44 10.10 5.53
C LYS H 97 -37.91 11.37 4.82
N GLU H 98 -39.14 11.83 5.12
CA GLU H 98 -39.65 13.02 4.46
C GLU H 98 -38.86 14.27 4.84
N ALA H 99 -38.40 14.35 6.09
CA ALA H 99 -37.70 15.55 6.55
C ALA H 99 -36.36 15.72 5.86
N LEU H 100 -35.75 14.64 5.38
CA LEU H 100 -34.48 14.75 4.65
C LEU H 100 -34.67 14.93 3.15
N GLU H 101 -35.90 15.11 2.70
CA GLU H 101 -36.21 15.48 1.32
C GLU H 101 -36.69 16.92 1.28
N GLY H 102 -36.53 17.56 0.13
CA GLY H 102 -37.08 18.88 -0.03
C GLY H 102 -36.35 19.88 0.84
N SER H 103 -37.12 20.71 1.55
CA SER H 103 -36.55 21.87 2.22
C SER H 103 -36.61 21.74 3.73
N LEU H 104 -35.71 22.44 4.41
CA LEU H 104 -35.83 22.56 5.86
C LEU H 104 -37.12 23.30 6.25
N LEU H 105 -37.55 24.28 5.43
CA LEU H 105 -38.75 25.04 5.72
C LEU H 105 -39.99 24.17 5.92
N GLU H 106 -40.08 23.04 5.24
CA GLU H 106 -41.24 22.15 5.33
C GLU H 106 -41.21 21.22 6.53
N THR H 107 -40.18 21.29 7.39
CA THR H 107 -40.04 20.32 8.47
C THR H 107 -41.18 20.47 9.48
N SER H 108 -41.77 19.34 9.85
CA SER H 108 -42.79 19.38 10.88
C SER H 108 -42.15 19.43 12.27
N LYS H 109 -42.93 19.90 13.25
CA LYS H 109 -42.43 19.99 14.61
C LYS H 109 -42.08 18.61 15.17
N SER H 110 -42.92 17.60 14.91
CA SER H 110 -42.62 16.26 15.44
C SER H 110 -41.38 15.65 14.79
N ALA H 111 -41.21 15.83 13.47
CA ALA H 111 -39.97 15.41 12.82
C ALA H 111 -38.77 16.11 13.45
N PHE H 112 -38.91 17.39 13.77
CA PHE H 112 -37.83 18.13 14.41
C PHE H 112 -37.52 17.56 15.79
N ASN H 113 -38.54 17.40 16.64
CA ASN H 113 -38.26 16.84 17.96
C ASN H 113 -37.70 15.42 17.86
N THR H 114 -38.22 14.61 16.93
CA THR H 114 -37.70 13.25 16.74
C THR H 114 -36.22 13.27 16.39
N ALA H 115 -35.82 14.04 15.38
CA ALA H 115 -34.42 14.16 15.03
C ALA H 115 -33.58 14.58 16.23
N MET H 116 -34.00 15.66 16.91
CA MET H 116 -33.22 16.19 18.03
C MET H 116 -33.13 15.18 19.16
N GLU H 117 -34.26 14.59 19.54
CA GLU H 117 -34.26 13.63 20.62
C GLU H 117 -33.33 12.45 20.34
N ILE H 118 -33.53 11.77 19.21
CA ILE H 118 -32.79 10.54 18.95
C ILE H 118 -31.33 10.84 18.66
N SER H 119 -31.05 11.93 17.95
CA SER H 119 -29.69 12.17 17.50
C SER H 119 -28.85 12.97 18.49
N VAL H 120 -29.48 13.77 19.35
CA VAL H 120 -28.71 14.65 20.22
C VAL H 120 -28.95 14.32 21.69
N TYR H 121 -30.20 14.38 22.14
CA TYR H 121 -30.45 14.20 23.56
C TYR H 121 -30.02 12.81 24.02
N SER H 122 -30.16 11.79 23.18
CA SER H 122 -29.70 10.44 23.51
C SER H 122 -28.24 10.41 23.96
N LEU H 123 -27.42 11.35 23.47
CA LEU H 123 -26.03 11.39 23.92
C LEU H 123 -25.95 11.85 25.37
N ILE H 124 -26.72 12.88 25.72
CA ILE H 124 -26.75 13.35 27.10
C ILE H 124 -27.29 12.27 28.03
N GLU H 125 -28.42 11.65 27.65
CA GLU H 125 -29.05 10.66 28.52
C GLU H 125 -28.21 9.39 28.64
N LEU H 126 -27.61 8.94 27.55
CA LEU H 126 -26.72 7.79 27.64
C LEU H 126 -25.52 8.08 28.55
N THR H 127 -24.89 9.24 28.37
CA THR H 127 -23.68 9.53 29.14
C THR H 127 -24.00 9.75 30.62
N ASN H 128 -25.05 10.51 30.92
CA ASN H 128 -25.43 10.72 32.31
C ASN H 128 -25.82 9.41 32.98
N THR H 129 -26.52 8.53 32.27
CA THR H 129 -26.88 7.24 32.86
C THR H 129 -25.63 6.46 33.25
N LEU H 130 -24.65 6.37 32.35
CA LEU H 130 -23.49 5.52 32.56
C LEU H 130 -22.36 6.22 33.27
N LYS H 131 -22.48 7.53 33.49
CA LYS H 131 -21.45 8.31 34.18
C LYS H 131 -20.90 7.64 35.44
N PRO H 132 -21.71 7.08 36.35
CA PRO H 132 -21.12 6.47 37.56
C PRO H 132 -20.23 5.28 37.27
N LEU H 133 -20.36 4.63 36.11
CA LEU H 133 -19.53 3.50 35.73
C LEU H 133 -18.27 3.90 34.98
N LEU H 134 -18.08 5.19 34.69
CA LEU H 134 -17.00 5.64 33.83
C LEU H 134 -15.70 5.73 34.62
N ASN H 135 -14.67 5.01 34.18
CA ASN H 135 -13.37 5.07 34.82
C ASN H 135 -12.65 6.39 34.50
N ASN H 136 -11.70 6.74 35.38
CA ASN H 136 -10.76 7.82 35.13
C ASN H 136 -10.09 7.61 33.77
N GLY H 137 -10.05 8.65 32.95
CA GLY H 137 -9.45 8.53 31.64
C GLY H 137 -10.38 8.02 30.55
N ALA H 138 -11.65 7.76 30.86
CA ALA H 138 -12.56 7.21 29.87
C ALA H 138 -12.77 8.18 28.71
N SER H 139 -13.27 7.65 27.60
CA SER H 139 -13.45 8.42 26.37
C SER H 139 -14.82 8.13 25.78
N VAL H 140 -15.60 9.17 25.53
CA VAL H 140 -16.93 9.05 24.93
C VAL H 140 -16.87 9.63 23.53
N LEU H 141 -17.35 8.86 22.55
CA LEU H 141 -17.28 9.25 21.14
C LEU H 141 -18.66 9.25 20.51
N THR H 142 -19.00 10.33 19.83
CA THR H 142 -20.18 10.37 18.99
C THR H 142 -19.75 10.58 17.54
N LEU H 143 -20.71 10.53 16.62
CA LEU H 143 -20.47 10.59 15.19
C LEU H 143 -21.18 11.80 14.60
N SER H 144 -20.47 12.57 13.77
CA SER H 144 -21.11 13.76 13.18
C SER H 144 -20.83 13.80 11.68
N TYR H 145 -21.26 14.88 11.03
CA TYR H 145 -21.15 15.02 9.58
C TYR H 145 -21.02 16.51 9.27
N LEU H 146 -20.33 16.79 8.17
CA LEU H 146 -20.05 18.17 7.75
C LEU H 146 -21.33 18.99 7.56
N GLY H 147 -22.45 18.34 7.27
CA GLY H 147 -23.71 19.06 7.19
C GLY H 147 -24.10 19.86 8.42
N SER H 148 -23.38 19.67 9.54
CA SER H 148 -23.63 20.48 10.74
C SER H 148 -23.24 21.94 10.55
N THR H 149 -22.07 22.17 9.94
CA THR H 149 -21.50 23.50 9.80
C THR H 149 -21.47 24.03 8.37
N LYS H 150 -21.76 23.19 7.37
CA LYS H 150 -21.95 23.65 6.01
C LYS H 150 -23.26 23.10 5.48
N TYR H 151 -23.80 23.78 4.46
CA TYR H 151 -24.93 23.23 3.71
C TYR H 151 -24.50 21.98 2.95
N MET H 152 -25.25 20.91 3.12
CA MET H 152 -25.13 19.70 2.32
C MET H 152 -26.52 19.31 1.86
N ALA H 153 -26.62 18.83 0.63
CA ALA H 153 -27.88 18.69 -0.09
C ALA H 153 -28.95 17.97 0.73
N HIS H 154 -29.97 18.75 1.13
CA HIS H 154 -31.21 18.28 1.77
C HIS H 154 -30.93 17.46 3.04
N TYR H 155 -29.78 17.69 3.66
CA TYR H 155 -29.51 17.10 4.96
C TYR H 155 -30.42 17.72 6.02
N ASN H 156 -30.80 18.98 5.82
CA ASN H 156 -31.91 19.65 6.50
C ASN H 156 -31.86 19.52 8.01
N VAL H 157 -32.91 18.99 8.65
CA VAL H 157 -32.97 18.97 10.11
C VAL H 157 -31.83 18.15 10.71
N MET H 158 -31.26 17.19 9.95
CA MET H 158 -30.11 16.48 10.51
C MET H 158 -28.87 17.38 10.56
N GLY H 159 -28.79 18.38 9.69
CA GLY H 159 -27.76 19.40 9.84
C GLY H 159 -27.92 20.19 11.12
N LEU H 160 -29.15 20.50 11.50
CA LEU H 160 -29.40 21.20 12.77
C LEU H 160 -29.06 20.29 13.95
N ALA H 161 -29.45 19.02 13.85
CA ALA H 161 -29.14 18.04 14.90
C ALA H 161 -27.63 17.87 15.06
N LYS H 162 -26.89 17.70 13.94
CA LYS H 162 -25.46 17.45 14.05
C LYS H 162 -24.72 18.68 14.58
N ALA H 163 -25.23 19.88 14.26
CA ALA H 163 -24.66 21.09 14.85
C ALA H 163 -24.86 21.13 16.35
N ALA H 164 -26.08 20.84 16.81
CA ALA H 164 -26.34 20.72 18.24
C ALA H 164 -25.48 19.63 18.88
N LEU H 165 -25.24 18.53 18.16
CA LEU H 165 -24.45 17.44 18.73
C LEU H 165 -22.99 17.84 18.95
N GLU H 166 -22.41 18.55 17.98
CA GLU H 166 -21.04 19.01 18.13
C GLU H 166 -20.91 20.03 19.25
N SER H 167 -21.92 20.90 19.41
CA SER H 167 -21.94 21.77 20.59
C SER H 167 -22.02 20.95 21.89
N ALA H 168 -22.86 19.90 21.91
CA ALA H 168 -22.95 19.06 23.10
C ALA H 168 -21.61 18.41 23.43
N VAL H 169 -20.85 18.03 22.41
CA VAL H 169 -19.51 17.49 22.64
C VAL H 169 -18.68 18.48 23.45
N ARG H 170 -18.71 19.75 23.06
CA ARG H 170 -17.91 20.76 23.75
C ARG H 170 -18.36 20.92 25.21
N TYR H 171 -19.66 21.08 25.45
CA TYR H 171 -20.15 21.24 26.83
C TYR H 171 -19.90 19.98 27.66
N LEU H 172 -20.14 18.80 27.07
CA LEU H 172 -19.87 17.55 27.79
C LEU H 172 -18.38 17.42 28.09
N ALA H 173 -17.52 17.81 27.14
CA ALA H 173 -16.08 17.77 27.41
C ALA H 173 -15.74 18.59 28.63
N VAL H 174 -16.39 19.76 28.80
CA VAL H 174 -16.13 20.58 29.97
C VAL H 174 -16.73 19.92 31.22
N ASP H 175 -17.94 19.38 31.12
CA ASP H 175 -18.57 18.76 32.29
C ASP H 175 -17.74 17.60 32.83
N LEU H 176 -17.26 16.74 31.93
CA LEU H 176 -16.62 15.51 32.36
C LEU H 176 -15.11 15.62 32.50
N GLY H 177 -14.51 16.70 31.96
CA GLY H 177 -13.07 16.81 31.98
C GLY H 177 -12.52 17.01 33.37
N LYS H 178 -13.32 17.66 34.24
CA LYS H 178 -13.16 17.64 35.70
C LYS H 178 -12.74 16.27 36.23
N HIS H 179 -13.29 15.21 35.64
CA HIS H 179 -13.05 13.83 36.07
C HIS H 179 -12.10 13.09 35.14
N ASN H 180 -11.37 13.82 34.30
CA ASN H 180 -10.41 13.23 33.38
C ASN H 180 -11.10 12.31 32.36
N ILE H 181 -12.30 12.69 31.94
CA ILE H 181 -13.07 11.97 30.94
C ILE H 181 -13.17 12.85 29.70
N ARG H 182 -12.95 12.25 28.53
CA ARG H 182 -12.86 12.98 27.28
C ARG H 182 -14.12 12.74 26.46
N VAL H 183 -14.55 13.77 25.73
CA VAL H 183 -15.67 13.68 24.80
C VAL H 183 -15.24 14.26 23.46
N ASN H 184 -15.57 13.54 22.38
CA ASN H 184 -15.14 13.94 21.05
C ASN H 184 -16.19 13.51 20.05
N ALA H 185 -16.11 14.09 18.86
CA ALA H 185 -16.93 13.67 17.74
C ALA H 185 -16.04 13.30 16.57
N LEU H 186 -16.35 12.18 15.92
CA LEU H 186 -15.77 11.80 14.64
C LEU H 186 -16.71 12.24 13.51
N SER H 187 -16.24 13.12 12.65
CA SER H 187 -17.03 13.59 11.51
C SER H 187 -16.63 12.78 10.28
N ALA H 188 -17.45 11.80 9.92
CA ALA H 188 -17.14 10.92 8.80
C ALA H 188 -17.64 11.54 7.50
N GLY H 189 -16.93 11.25 6.41
CA GLY H 189 -17.44 11.50 5.10
C GLY H 189 -18.57 10.51 4.84
N PRO H 190 -19.24 10.67 3.71
CA PRO H 190 -20.34 9.74 3.38
C PRO H 190 -19.81 8.34 3.18
N ILE H 191 -20.66 7.37 3.52
CA ILE H 191 -20.34 5.94 3.41
C ILE H 191 -21.64 5.14 3.52
N ARG H 192 -21.75 4.04 2.77
CA ARG H 192 -22.96 3.20 2.77
C ARG H 192 -23.19 2.45 4.07
N THR H 193 -24.28 2.78 4.73
CA THR H 193 -24.80 2.08 5.87
C THR H 193 -26.29 1.89 5.62
N LEU H 194 -26.93 1.11 6.49
CA LEU H 194 -28.38 1.00 6.43
C LEU H 194 -29.05 2.38 6.41
N ALA H 195 -28.69 3.22 7.38
CA ALA H 195 -29.32 4.54 7.49
C ALA H 195 -29.12 5.38 6.23
N SER H 196 -27.88 5.48 5.75
CA SER H 196 -27.60 6.37 4.62
C SER H 196 -28.30 5.90 3.36
N SER H 197 -28.50 4.58 3.19
CA SER H 197 -29.20 4.08 2.01
C SER H 197 -30.60 4.68 1.88
N GLY H 198 -31.21 5.11 2.99
CA GLY H 198 -32.56 5.66 2.92
C GLY H 198 -32.64 6.99 2.22
N ILE H 199 -31.58 7.81 2.30
CA ILE H 199 -31.63 9.16 1.78
C ILE H 199 -31.50 9.15 0.26
N ALA H 200 -32.15 10.12 -0.39
CA ALA H 200 -32.27 10.12 -1.84
C ALA H 200 -30.99 10.57 -2.52
N ASP H 201 -30.43 11.69 -2.10
CA ASP H 201 -29.26 12.26 -2.76
C ASP H 201 -27.95 11.56 -2.36
N PHE H 202 -27.98 10.31 -1.90
CA PHE H 202 -26.78 9.76 -1.28
C PHE H 202 -25.79 9.20 -2.30
N ARG H 203 -26.26 8.46 -3.32
CA ARG H 203 -25.36 8.05 -4.40
C ARG H 203 -24.54 9.23 -4.90
N MET H 204 -25.17 10.40 -4.94
CA MET H 204 -24.60 11.57 -5.60
C MET H 204 -23.67 12.31 -4.66
N ILE H 205 -24.08 12.51 -3.40
CA ILE H 205 -23.19 13.07 -2.38
C ILE H 205 -21.94 12.23 -2.23
N LEU H 206 -22.10 10.90 -2.24
CA LEU H 206 -20.95 10.00 -2.17
C LEU H 206 -20.03 10.16 -3.38
N LYS H 207 -20.60 10.26 -4.57
CA LYS H 207 -19.77 10.41 -5.76
C LYS H 207 -19.18 11.83 -5.83
N TRP H 208 -19.95 12.85 -5.44
CA TRP H 208 -19.38 14.19 -5.31
C TRP H 208 -18.18 14.19 -4.36
N ASN H 209 -18.30 13.47 -3.24
CA ASN H 209 -17.22 13.41 -2.28
C ASN H 209 -15.99 12.70 -2.85
N GLU H 210 -16.21 11.56 -3.52
CA GLU H 210 -15.09 10.80 -4.06
C GLU H 210 -14.31 11.61 -5.09
N ILE H 211 -15.02 12.34 -5.94
CA ILE H 211 -14.38 13.08 -7.02
C ILE H 211 -13.63 14.28 -6.48
N ASN H 212 -14.25 14.99 -5.53
CA ASN H 212 -13.74 16.27 -5.09
C ASN H 212 -12.87 16.20 -3.84
N ALA H 213 -12.82 15.07 -3.13
CA ALA H 213 -11.97 15.00 -1.96
C ALA H 213 -10.50 15.07 -2.39
N PRO H 214 -9.64 15.71 -1.57
CA PRO H 214 -8.20 15.76 -1.90
C PRO H 214 -7.58 14.41 -2.20
N LEU H 215 -8.01 13.35 -1.50
CA LEU H 215 -7.46 12.02 -1.73
C LEU H 215 -8.17 11.28 -2.84
N ARG H 216 -9.23 11.87 -3.41
CA ARG H 216 -9.91 11.31 -4.56
C ARG H 216 -10.41 9.90 -4.29
N LYS H 217 -10.91 9.67 -3.09
CA LYS H 217 -11.55 8.41 -2.72
C LYS H 217 -12.61 8.70 -1.65
N ASN H 218 -13.55 7.77 -1.51
CA ASN H 218 -14.43 7.74 -0.35
C ASN H 218 -13.69 7.06 0.82
N VAL H 219 -14.05 7.43 2.05
CA VAL H 219 -13.41 6.78 3.19
C VAL H 219 -13.90 5.34 3.28
N SER H 220 -13.03 4.47 3.78
CA SER H 220 -13.43 3.10 4.05
C SER H 220 -13.99 2.98 5.46
N LEU H 221 -14.78 1.91 5.67
CA LEU H 221 -15.25 1.62 7.01
C LEU H 221 -14.08 1.39 7.96
N GLU H 222 -12.98 0.85 7.45
CA GLU H 222 -11.81 0.61 8.29
C GLU H 222 -11.12 1.93 8.66
N GLU H 223 -11.15 2.92 7.76
CA GLU H 223 -10.56 4.21 8.09
C GLU H 223 -11.37 4.93 9.16
N VAL H 224 -12.70 4.88 9.06
CA VAL H 224 -13.56 5.41 10.12
C VAL H 224 -13.34 4.65 11.42
N GLY H 225 -13.16 3.33 11.33
CA GLY H 225 -13.02 2.54 12.55
C GLY H 225 -11.71 2.81 13.26
N ASN H 226 -10.64 2.99 12.50
CA ASN H 226 -9.34 3.25 13.11
C ASN H 226 -9.27 4.65 13.70
N ALA H 227 -9.89 5.62 13.04
CA ALA H 227 -9.90 6.95 13.62
C ALA H 227 -10.71 6.96 14.90
N GLY H 228 -11.80 6.18 14.93
CA GLY H 228 -12.58 6.05 16.14
C GLY H 228 -11.81 5.40 17.27
N MET H 229 -11.15 4.27 16.97
CA MET H 229 -10.33 3.60 17.96
C MET H 229 -9.32 4.56 18.56
N TYR H 230 -8.61 5.32 17.71
CA TYR H 230 -7.67 6.33 18.17
C TYR H 230 -8.31 7.24 19.22
N LEU H 231 -9.48 7.80 18.90
CA LEU H 231 -10.14 8.73 19.82
C LEU H 231 -10.60 8.03 21.11
N LEU H 232 -10.99 6.76 21.02
CA LEU H 232 -11.39 6.01 22.22
C LEU H 232 -10.22 5.54 23.07
N SER H 233 -9.00 5.56 22.52
CA SER H 233 -7.83 4.97 23.16
C SER H 233 -6.97 6.03 23.85
N SER H 234 -6.03 5.54 24.67
CA SER H 234 -5.15 6.43 25.42
C SER H 234 -4.21 7.21 24.51
N LEU H 235 -4.04 6.77 23.26
CA LEU H 235 -3.26 7.54 22.27
C LEU H 235 -3.71 8.99 22.19
N SER H 236 -5.01 9.24 22.40
CA SER H 236 -5.59 10.57 22.22
C SER H 236 -5.95 11.22 23.54
N SER H 237 -5.26 10.85 24.63
CA SER H 237 -5.65 11.39 25.93
C SER H 237 -5.38 12.88 26.04
N GLY H 238 -4.68 13.49 25.08
CA GLY H 238 -4.59 14.93 25.00
C GLY H 238 -5.70 15.60 24.21
N VAL H 239 -6.62 14.82 23.63
CA VAL H 239 -7.65 15.32 22.72
C VAL H 239 -9.01 15.25 23.43
N SER H 240 -9.68 16.38 23.54
CA SER H 240 -11.07 16.41 24.02
C SER H 240 -11.80 17.60 23.40
N GLY H 241 -13.12 17.48 23.29
CA GLY H 241 -13.91 18.53 22.66
C GLY H 241 -13.70 18.67 21.17
N GLU H 242 -13.11 17.68 20.54
CA GLU H 242 -12.68 17.76 19.15
C GLU H 242 -13.73 17.22 18.20
N VAL H 243 -13.84 17.86 17.03
CA VAL H 243 -14.59 17.36 15.88
C VAL H 243 -13.56 16.92 14.85
N HIS H 244 -13.36 15.62 14.73
CA HIS H 244 -12.23 15.07 14.00
C HIS H 244 -12.75 14.52 12.66
N PHE H 245 -12.29 15.11 11.55
CA PHE H 245 -12.81 14.77 10.23
C PHE H 245 -12.08 13.55 9.68
N VAL H 246 -12.85 12.53 9.30
CA VAL H 246 -12.31 11.35 8.63
C VAL H 246 -13.08 11.23 7.32
N ASP H 247 -12.61 11.95 6.31
CA ASP H 247 -13.41 12.20 5.12
C ASP H 247 -12.54 12.30 3.87
N ALA H 248 -11.36 11.69 3.87
CA ALA H 248 -10.42 11.77 2.75
C ALA H 248 -10.01 13.21 2.44
N GLY H 249 -10.20 14.13 3.39
CA GLY H 249 -9.84 15.51 3.21
C GLY H 249 -10.95 16.42 2.71
N TYR H 250 -12.16 15.87 2.49
CA TYR H 250 -13.21 16.62 1.79
C TYR H 250 -13.49 17.96 2.45
N HIS H 251 -13.47 18.03 3.78
CA HIS H 251 -13.83 19.23 4.53
C HIS H 251 -13.06 20.48 4.10
N VAL H 252 -11.84 20.34 3.55
CA VAL H 252 -11.08 21.54 3.19
C VAL H 252 -11.55 22.22 1.91
N MET H 253 -12.40 21.55 1.12
CA MET H 253 -12.77 22.04 -0.20
C MET H 253 -13.78 23.19 -0.12
N GLY H 254 -13.39 24.37 -0.62
CA GLY H 254 -14.32 25.48 -0.76
C GLY H 254 -15.14 25.49 -2.03
N MET H 255 -14.83 24.60 -2.97
CA MET H 255 -15.51 24.50 -4.26
C MET H 255 -15.12 23.15 -4.86
N GLY H 256 -15.69 22.84 -6.02
CA GLY H 256 -15.27 21.63 -6.72
C GLY H 256 -13.82 21.71 -7.16
N ALA H 257 -13.18 20.55 -7.17
CA ALA H 257 -11.82 20.43 -7.67
C ALA H 257 -11.75 20.72 -9.16
N VAL H 258 -10.57 21.15 -9.63
CA VAL H 258 -10.39 21.54 -11.03
C VAL H 258 -9.18 20.85 -11.62
N GLU H 259 -9.14 20.82 -12.96
CA GLU H 259 -7.97 20.40 -13.72
C GLU H 259 -7.87 21.28 -14.94
N GLU H 260 -6.70 21.26 -15.59
CA GLU H 260 -6.51 22.04 -16.80
C GLU H 260 -7.02 21.30 -18.05
N LYS H 264 -7.62 25.83 -20.40
CA LYS H 264 -8.93 25.98 -19.80
C LYS H 264 -9.05 25.20 -18.49
N ALA H 265 -9.66 25.82 -17.48
CA ALA H 265 -9.88 25.19 -16.19
C ALA H 265 -11.24 24.50 -16.18
N THR H 266 -11.23 23.22 -15.80
CA THR H 266 -12.41 22.37 -15.89
C THR H 266 -12.61 21.64 -14.58
N LEU H 267 -13.87 21.54 -14.14
CA LEU H 267 -14.18 20.77 -12.95
C LEU H 267 -13.82 19.31 -13.14
N LEU H 268 -13.16 18.71 -12.14
CA LEU H 268 -12.96 17.27 -12.16
C LEU H 268 -14.26 16.51 -12.38
N TRP H 269 -15.35 17.01 -11.79
CA TRP H 269 -16.66 16.41 -11.99
C TRP H 269 -17.01 16.29 -13.48
N ASP H 270 -16.76 17.37 -14.24
CA ASP H 270 -17.08 17.30 -15.66
C ASP H 270 -16.13 16.41 -16.44
N LEU H 271 -15.00 15.98 -15.85
CA LEU H 271 -14.02 15.13 -16.52
C LEU H 271 -14.18 13.64 -16.21
N HIS H 272 -15.01 13.29 -15.23
CA HIS H 272 -15.55 11.94 -14.97
C HIS H 272 -16.95 11.62 -15.49
#